data_2L3M
#
_entry.id   2L3M
#
_entity_poly.entity_id   1
_entity_poly.type   'polypeptide(L)'
_entity_poly.pdbx_seq_one_letter_code
;SNAMEQLTLQVEGMSCGHCVNAIESSVKELNGVEQVKVQLAEGTVEVTIDSSVVTLKDIVAVIEDQGYDVQ
;
_entity_poly.pdbx_strand_id   A
#
# COMPACT_ATOMS: atom_id res chain seq x y z
N SER A 1 7.11 -9.26 12.01
CA SER A 1 5.86 -9.77 11.39
C SER A 1 5.48 -11.12 11.95
N ASN A 2 4.34 -11.20 12.61
CA ASN A 2 3.83 -12.46 13.13
C ASN A 2 3.15 -13.24 12.02
N ALA A 3 2.21 -12.61 11.34
CA ALA A 3 1.50 -13.25 10.24
C ALA A 3 1.43 -12.33 9.03
N MET A 4 2.36 -12.53 8.10
CA MET A 4 2.45 -11.65 6.94
C MET A 4 1.69 -12.21 5.74
N GLU A 5 0.78 -11.40 5.23
CA GLU A 5 0.03 -11.74 4.03
C GLU A 5 0.49 -10.86 2.87
N GLN A 6 0.67 -11.46 1.71
CA GLN A 6 1.07 -10.71 0.52
C GLN A 6 -0.17 -10.27 -0.24
N LEU A 7 -0.48 -8.99 -0.16
CA LEU A 7 -1.69 -8.44 -0.78
C LEU A 7 -1.32 -7.50 -1.92
N THR A 8 -2.02 -7.64 -3.03
CA THR A 8 -1.77 -6.78 -4.18
C THR A 8 -2.97 -5.87 -4.42
N LEU A 9 -2.76 -4.57 -4.24
CA LEU A 9 -3.82 -3.60 -4.40
C LEU A 9 -3.74 -2.93 -5.77
N GLN A 10 -4.84 -2.90 -6.50
CA GLN A 10 -4.90 -2.14 -7.73
C GLN A 10 -5.15 -0.67 -7.39
N VAL A 11 -4.38 0.20 -8.02
CA VAL A 11 -4.33 1.60 -7.64
C VAL A 11 -4.73 2.51 -8.80
N GLU A 12 -5.80 3.25 -8.60
CA GLU A 12 -6.20 4.28 -9.56
C GLU A 12 -5.87 5.66 -9.00
N GLY A 13 -4.87 6.30 -9.58
CA GLY A 13 -4.51 7.64 -9.13
C GLY A 13 -3.03 7.92 -9.26
N MET A 14 -2.24 6.93 -9.64
CA MET A 14 -0.81 7.13 -9.80
C MET A 14 -0.49 7.47 -11.26
N SER A 15 -0.49 8.75 -11.55
CA SER A 15 -0.18 9.21 -12.89
C SER A 15 1.25 9.74 -12.96
N CYS A 16 1.85 9.98 -11.80
CA CYS A 16 3.17 10.58 -11.75
C CYS A 16 4.14 9.73 -10.94
N GLY A 17 5.43 10.00 -11.13
CA GLY A 17 6.47 9.24 -10.47
C GLY A 17 6.56 9.52 -8.98
N HIS A 18 6.26 10.76 -8.57
CA HIS A 18 6.31 11.12 -7.16
C HIS A 18 5.25 10.36 -6.36
N CYS A 19 4.21 9.91 -7.07
CA CYS A 19 3.14 9.13 -6.45
C CYS A 19 3.69 7.81 -5.94
N VAL A 20 4.64 7.24 -6.67
CA VAL A 20 5.32 6.01 -6.27
C VAL A 20 5.84 6.12 -4.83
N ASN A 21 6.73 7.08 -4.60
CA ASN A 21 7.32 7.28 -3.29
C ASN A 21 6.26 7.60 -2.25
N ALA A 22 5.29 8.42 -2.65
CA ALA A 22 4.22 8.83 -1.75
C ALA A 22 3.44 7.63 -1.24
N ILE A 23 2.85 6.87 -2.16
CA ILE A 23 1.98 5.76 -1.78
C ILE A 23 2.76 4.63 -1.11
N GLU A 24 3.98 4.36 -1.60
CA GLU A 24 4.78 3.28 -1.05
C GLU A 24 5.06 3.55 0.43
N SER A 25 5.39 4.80 0.75
CA SER A 25 5.60 5.17 2.14
C SER A 25 4.27 5.24 2.89
N SER A 26 3.22 5.68 2.22
CA SER A 26 1.91 5.77 2.85
C SER A 26 1.54 4.42 3.47
N VAL A 27 1.91 3.35 2.80
CA VAL A 27 1.75 2.01 3.34
C VAL A 27 2.91 1.68 4.29
N LYS A 28 4.14 1.91 3.81
CA LYS A 28 5.35 1.52 4.53
C LYS A 28 5.44 2.15 5.92
N GLU A 29 5.09 3.43 6.03
CA GLU A 29 5.18 4.16 7.29
C GLU A 29 4.27 3.55 8.34
N LEU A 30 3.24 2.87 7.88
CA LEU A 30 2.31 2.20 8.77
C LEU A 30 2.98 1.02 9.47
N ASN A 31 3.03 1.06 10.79
CA ASN A 31 3.63 -0.03 11.57
C ASN A 31 2.90 -1.33 11.31
N GLY A 32 3.65 -2.36 10.92
CA GLY A 32 3.06 -3.64 10.61
C GLY A 32 3.30 -4.02 9.17
N VAL A 33 3.57 -3.01 8.35
CA VAL A 33 3.88 -3.24 6.96
C VAL A 33 5.33 -3.63 6.81
N GLU A 34 5.56 -4.71 6.08
CA GLU A 34 6.90 -5.24 5.92
C GLU A 34 7.59 -4.64 4.70
N GLN A 35 7.09 -4.99 3.53
CA GLN A 35 7.63 -4.52 2.27
C GLN A 35 6.53 -4.12 1.32
N VAL A 36 6.82 -3.15 0.45
CA VAL A 36 5.84 -2.67 -0.50
C VAL A 36 6.42 -2.69 -1.91
N LYS A 37 5.68 -3.23 -2.84
CA LYS A 37 6.07 -3.20 -4.24
C LYS A 37 5.09 -2.35 -5.02
N VAL A 38 5.41 -1.07 -5.16
CA VAL A 38 4.55 -0.17 -5.91
C VAL A 38 4.92 -0.21 -7.39
N GLN A 39 4.02 -0.75 -8.19
CA GLN A 39 4.26 -0.88 -9.61
C GLN A 39 3.53 0.22 -10.36
N LEU A 40 4.25 1.31 -10.63
CA LEU A 40 3.68 2.52 -11.23
C LEU A 40 3.02 2.20 -12.56
N ALA A 41 3.74 1.49 -13.41
CA ALA A 41 3.28 1.20 -14.76
C ALA A 41 2.13 0.21 -14.78
N GLU A 42 2.03 -0.61 -13.74
CA GLU A 42 1.03 -1.66 -13.71
C GLU A 42 -0.24 -1.18 -13.01
N GLY A 43 -0.10 -0.20 -12.13
CA GLY A 43 -1.25 0.28 -11.40
C GLY A 43 -1.58 -0.61 -10.23
N THR A 44 -0.57 -1.29 -9.70
CA THR A 44 -0.76 -2.15 -8.55
C THR A 44 0.34 -1.99 -7.51
N VAL A 45 -0.01 -2.18 -6.25
CA VAL A 45 0.96 -2.17 -5.17
C VAL A 45 0.88 -3.48 -4.39
N GLU A 46 1.94 -4.26 -4.48
CA GLU A 46 2.00 -5.55 -3.80
C GLU A 46 2.68 -5.37 -2.45
N VAL A 47 1.91 -5.50 -1.38
CA VAL A 47 2.42 -5.23 -0.04
C VAL A 47 2.40 -6.49 0.83
N THR A 48 3.48 -6.72 1.55
CA THR A 48 3.53 -7.78 2.55
C THR A 48 3.25 -7.16 3.92
N ILE A 49 2.09 -7.47 4.48
CA ILE A 49 1.70 -6.86 5.76
C ILE A 49 1.58 -7.90 6.86
N ASP A 50 1.91 -7.48 8.07
CA ASP A 50 1.63 -8.29 9.23
C ASP A 50 0.22 -7.97 9.71
N SER A 51 -0.70 -8.85 9.41
CA SER A 51 -2.11 -8.63 9.72
C SER A 51 -2.37 -8.85 11.21
N SER A 52 -1.30 -9.17 11.94
CA SER A 52 -1.38 -9.29 13.39
C SER A 52 -1.03 -7.95 14.03
N VAL A 53 -0.75 -6.96 13.19
CA VAL A 53 -0.43 -5.62 13.65
C VAL A 53 -1.25 -4.57 12.90
N VAL A 54 -1.05 -4.50 11.59
CA VAL A 54 -1.77 -3.55 10.76
C VAL A 54 -2.91 -4.25 10.03
N THR A 55 -4.00 -3.55 9.80
CA THR A 55 -5.16 -4.15 9.16
C THR A 55 -5.16 -3.83 7.67
N LEU A 56 -6.03 -4.49 6.93
CA LEU A 56 -6.18 -4.24 5.50
C LEU A 56 -6.83 -2.89 5.28
N LYS A 57 -7.78 -2.56 6.16
CA LYS A 57 -8.51 -1.31 6.09
C LYS A 57 -7.55 -0.14 6.31
N ASP A 58 -6.67 -0.27 7.30
CA ASP A 58 -5.67 0.76 7.58
C ASP A 58 -4.88 1.10 6.33
N ILE A 59 -4.43 0.07 5.63
CA ILE A 59 -3.70 0.25 4.38
C ILE A 59 -4.51 1.05 3.39
N VAL A 60 -5.73 0.58 3.11
CA VAL A 60 -6.61 1.22 2.14
C VAL A 60 -6.94 2.66 2.54
N ALA A 61 -7.35 2.83 3.80
CA ALA A 61 -7.78 4.14 4.30
C ALA A 61 -6.70 5.19 4.10
N VAL A 62 -5.47 4.88 4.47
CA VAL A 62 -4.37 5.81 4.34
C VAL A 62 -4.07 6.09 2.87
N ILE A 63 -4.04 5.03 2.06
CA ILE A 63 -3.75 5.15 0.63
C ILE A 63 -4.74 6.08 -0.06
N GLU A 64 -6.03 5.86 0.19
CA GLU A 64 -7.07 6.66 -0.46
C GLU A 64 -7.04 8.09 0.06
N ASP A 65 -6.68 8.26 1.31
CA ASP A 65 -6.58 9.59 1.91
C ASP A 65 -5.49 10.40 1.21
N GLN A 66 -4.47 9.69 0.73
CA GLN A 66 -3.37 10.31 0.01
C GLN A 66 -3.80 10.70 -1.41
N GLY A 67 -4.99 10.26 -1.81
CA GLY A 67 -5.53 10.65 -3.09
C GLY A 67 -5.48 9.54 -4.12
N TYR A 68 -5.70 8.31 -3.70
CA TYR A 68 -5.73 7.18 -4.61
C TYR A 68 -6.99 6.37 -4.44
N ASP A 69 -7.45 5.76 -5.51
CA ASP A 69 -8.61 4.88 -5.45
C ASP A 69 -8.13 3.45 -5.56
N VAL A 70 -8.28 2.69 -4.49
CA VAL A 70 -7.78 1.32 -4.45
C VAL A 70 -8.89 0.34 -4.11
N GLN A 71 -8.83 -0.83 -4.73
CA GLN A 71 -9.87 -1.83 -4.57
C GLN A 71 -9.36 -3.03 -3.78
N SER A 1 7.85 -10.80 12.32
CA SER A 1 6.47 -10.92 11.79
C SER A 1 5.75 -12.10 12.44
N ASN A 2 4.43 -12.02 12.47
CA ASN A 2 3.61 -13.06 13.06
C ASN A 2 2.74 -13.70 11.99
N ALA A 3 2.00 -12.86 11.28
CA ALA A 3 1.15 -13.32 10.20
C ALA A 3 1.20 -12.33 9.05
N MET A 4 2.13 -12.56 8.13
CA MET A 4 2.36 -11.61 7.05
C MET A 4 1.49 -11.92 5.82
N GLU A 5 0.80 -10.89 5.37
CA GLU A 5 -0.10 -10.98 4.23
C GLU A 5 0.48 -10.20 3.04
N GLN A 6 0.17 -10.66 1.83
CA GLN A 6 0.63 -9.98 0.63
C GLN A 6 -0.54 -9.60 -0.25
N LEU A 7 -0.97 -8.36 -0.14
CA LEU A 7 -2.14 -7.87 -0.87
C LEU A 7 -1.72 -7.08 -2.10
N THR A 8 -2.29 -7.45 -3.23
CA THR A 8 -2.03 -6.73 -4.48
C THR A 8 -3.28 -5.96 -4.87
N LEU A 9 -3.25 -4.65 -4.67
CA LEU A 9 -4.42 -3.81 -4.95
C LEU A 9 -4.20 -2.94 -6.17
N GLN A 10 -5.27 -2.76 -6.95
CA GLN A 10 -5.21 -1.95 -8.17
C GLN A 10 -5.34 -0.47 -7.81
N VAL A 11 -4.55 0.36 -8.47
CA VAL A 11 -4.48 1.78 -8.13
C VAL A 11 -5.04 2.65 -9.24
N GLU A 12 -6.12 3.34 -8.94
CA GLU A 12 -6.68 4.29 -9.87
C GLU A 12 -6.19 5.70 -9.52
N GLY A 13 -5.33 6.24 -10.36
CA GLY A 13 -4.77 7.56 -10.12
C GLY A 13 -3.43 7.75 -10.79
N MET A 14 -2.37 7.75 -9.98
CA MET A 14 -1.00 7.90 -10.45
C MET A 14 -0.77 9.24 -11.14
N SER A 15 0.47 9.47 -11.57
CA SER A 15 0.85 10.67 -12.31
C SER A 15 2.29 10.55 -12.77
N CYS A 16 3.17 10.25 -11.81
CA CYS A 16 4.59 10.07 -12.10
C CYS A 16 5.18 9.07 -11.11
N GLY A 17 6.49 8.95 -11.08
CA GLY A 17 7.14 8.05 -10.14
C GLY A 17 7.17 8.65 -8.74
N HIS A 18 6.89 9.93 -8.66
CA HIS A 18 6.91 10.67 -7.41
C HIS A 18 5.83 10.14 -6.46
N CYS A 19 4.61 10.04 -6.97
CA CYS A 19 3.48 9.56 -6.17
C CYS A 19 3.70 8.10 -5.76
N VAL A 20 4.50 7.38 -6.54
CA VAL A 20 4.83 5.98 -6.26
C VAL A 20 5.62 5.86 -4.96
N ASN A 21 6.66 6.67 -4.83
CA ASN A 21 7.48 6.67 -3.62
C ASN A 21 6.68 7.22 -2.44
N ALA A 22 5.80 8.18 -2.73
CA ALA A 22 4.91 8.72 -1.73
C ALA A 22 4.02 7.64 -1.15
N ILE A 23 3.25 6.97 -2.03
CA ILE A 23 2.34 5.93 -1.59
C ILE A 23 3.09 4.76 -0.97
N GLU A 24 4.29 4.47 -1.49
CA GLU A 24 5.15 3.44 -0.92
C GLU A 24 5.31 3.68 0.57
N SER A 25 5.74 4.89 0.93
CA SER A 25 5.93 5.22 2.34
C SER A 25 4.60 5.36 3.06
N SER A 26 3.56 5.81 2.36
CA SER A 26 2.25 5.96 2.97
C SER A 26 1.83 4.64 3.61
N VAL A 27 2.16 3.54 2.95
CA VAL A 27 1.96 2.23 3.53
C VAL A 27 3.12 1.85 4.46
N LYS A 28 4.34 2.05 3.98
CA LYS A 28 5.55 1.61 4.68
C LYS A 28 5.70 2.25 6.06
N GLU A 29 5.32 3.51 6.20
CA GLU A 29 5.45 4.22 7.47
C GLU A 29 4.58 3.58 8.54
N LEU A 30 3.53 2.92 8.10
CA LEU A 30 2.56 2.30 9.01
C LEU A 30 3.19 1.16 9.80
N ASN A 31 2.82 1.06 11.07
CA ASN A 31 3.33 0.01 11.95
C ASN A 31 2.76 -1.35 11.55
N GLY A 32 3.65 -2.30 11.31
CA GLY A 32 3.23 -3.63 10.93
C GLY A 32 3.52 -3.92 9.48
N VAL A 33 3.81 -2.88 8.71
CA VAL A 33 4.10 -3.05 7.30
C VAL A 33 5.55 -3.48 7.10
N GLU A 34 5.72 -4.57 6.38
CA GLU A 34 7.03 -5.13 6.12
C GLU A 34 7.63 -4.54 4.85
N GLN A 35 7.03 -4.85 3.72
CA GLN A 35 7.56 -4.42 2.43
C GLN A 35 6.45 -3.87 1.54
N VAL A 36 6.79 -2.87 0.74
CA VAL A 36 5.84 -2.26 -0.17
C VAL A 36 6.43 -2.20 -1.58
N LYS A 37 5.74 -2.79 -2.54
CA LYS A 37 6.17 -2.75 -3.91
C LYS A 37 5.08 -2.15 -4.80
N VAL A 38 5.18 -0.86 -5.03
CA VAL A 38 4.23 -0.14 -5.87
C VAL A 38 4.66 -0.22 -7.32
N GLN A 39 3.74 -0.59 -8.19
CA GLN A 39 4.04 -0.69 -9.61
C GLN A 39 3.36 0.43 -10.38
N LEU A 40 4.14 1.20 -11.09
CA LEU A 40 3.64 2.34 -11.85
C LEU A 40 3.06 1.87 -13.17
N ALA A 41 3.81 1.00 -13.85
CA ALA A 41 3.40 0.50 -15.16
C ALA A 41 2.03 -0.18 -15.08
N GLU A 42 1.93 -1.15 -14.20
CA GLU A 42 0.69 -1.89 -14.01
C GLU A 42 -0.33 -1.03 -13.28
N GLY A 43 0.14 -0.14 -12.42
CA GLY A 43 -0.75 0.67 -11.62
C GLY A 43 -1.35 -0.14 -10.49
N THR A 44 -0.53 -0.96 -9.88
CA THR A 44 -0.96 -1.80 -8.77
C THR A 44 0.05 -1.73 -7.63
N VAL A 45 -0.44 -1.84 -6.41
CA VAL A 45 0.41 -1.82 -5.25
C VAL A 45 0.35 -3.17 -4.53
N GLU A 46 1.48 -3.82 -4.41
CA GLU A 46 1.55 -5.06 -3.67
C GLU A 46 2.25 -4.80 -2.33
N VAL A 47 1.59 -5.15 -1.23
CA VAL A 47 2.12 -4.86 0.08
C VAL A 47 2.19 -6.10 0.95
N THR A 48 3.31 -6.26 1.64
CA THR A 48 3.47 -7.33 2.60
C THR A 48 3.35 -6.76 4.01
N ILE A 49 2.30 -7.14 4.72
CA ILE A 49 2.03 -6.59 6.04
C ILE A 49 1.96 -7.68 7.09
N ASP A 50 2.26 -7.32 8.33
CA ASP A 50 2.01 -8.20 9.45
C ASP A 50 0.60 -7.96 9.96
N SER A 51 -0.32 -8.81 9.54
CA SER A 51 -1.73 -8.59 9.79
C SER A 51 -2.13 -8.96 11.21
N SER A 52 -1.14 -9.35 12.00
CA SER A 52 -1.35 -9.56 13.42
C SER A 52 -1.31 -8.21 14.15
N VAL A 53 -0.88 -7.19 13.44
CA VAL A 53 -0.77 -5.85 13.99
C VAL A 53 -1.62 -4.88 13.19
N VAL A 54 -1.28 -4.68 11.93
CA VAL A 54 -2.02 -3.77 11.06
C VAL A 54 -2.93 -4.57 10.13
N THR A 55 -4.13 -4.06 9.89
CA THR A 55 -5.09 -4.77 9.06
C THR A 55 -5.05 -4.26 7.62
N LEU A 56 -5.76 -4.93 6.73
CA LEU A 56 -5.79 -4.55 5.32
C LEU A 56 -6.58 -3.25 5.16
N LYS A 57 -7.56 -3.06 6.03
CA LYS A 57 -8.39 -1.85 5.98
C LYS A 57 -7.53 -0.63 6.28
N ASP A 58 -6.65 -0.74 7.28
CA ASP A 58 -5.75 0.34 7.64
C ASP A 58 -4.92 0.77 6.44
N ILE A 59 -4.40 -0.23 5.74
CA ILE A 59 -3.58 0.01 4.55
C ILE A 59 -4.38 0.79 3.51
N VAL A 60 -5.54 0.25 3.14
CA VAL A 60 -6.40 0.88 2.15
C VAL A 60 -6.82 2.29 2.57
N ALA A 61 -7.20 2.43 3.84
CA ALA A 61 -7.66 3.71 4.36
C ALA A 61 -6.60 4.80 4.22
N VAL A 62 -5.35 4.44 4.50
CA VAL A 62 -4.25 5.39 4.39
C VAL A 62 -3.89 5.65 2.92
N ILE A 63 -4.02 4.62 2.11
CA ILE A 63 -3.71 4.74 0.69
C ILE A 63 -4.71 5.65 -0.02
N GLU A 64 -6.00 5.43 0.19
CA GLU A 64 -7.02 6.24 -0.45
C GLU A 64 -6.96 7.67 0.07
N ASP A 65 -6.46 7.82 1.29
CA ASP A 65 -6.28 9.13 1.91
C ASP A 65 -5.27 9.97 1.13
N GLN A 66 -4.38 9.29 0.41
CA GLN A 66 -3.35 9.97 -0.37
C GLN A 66 -3.91 10.46 -1.70
N GLY A 67 -5.18 10.17 -1.94
CA GLY A 67 -5.83 10.61 -3.16
C GLY A 67 -5.90 9.52 -4.22
N TYR A 68 -5.90 8.27 -3.78
CA TYR A 68 -6.00 7.15 -4.70
C TYR A 68 -7.29 6.40 -4.50
N ASP A 69 -7.81 5.83 -5.57
CA ASP A 69 -8.95 4.94 -5.48
C ASP A 69 -8.48 3.53 -5.79
N VAL A 70 -8.28 2.74 -4.75
CA VAL A 70 -7.66 1.44 -4.92
C VAL A 70 -8.66 0.30 -4.76
N GLN A 71 -8.40 -0.79 -5.45
CA GLN A 71 -9.22 -1.98 -5.38
C GLN A 71 -8.32 -3.20 -5.20
N SER A 1 2.04 -14.41 17.30
CA SER A 1 3.07 -14.36 16.24
C SER A 1 2.57 -13.52 15.08
N ASN A 2 3.39 -13.39 14.04
CA ASN A 2 3.09 -12.53 12.92
C ASN A 2 2.49 -13.32 11.76
N ALA A 3 1.70 -12.65 10.95
CA ALA A 3 1.07 -13.26 9.79
C ALA A 3 1.21 -12.37 8.57
N MET A 4 2.23 -12.63 7.77
CA MET A 4 2.55 -11.77 6.64
C MET A 4 1.72 -12.09 5.41
N GLU A 5 0.81 -11.18 5.10
CA GLU A 5 -0.03 -11.30 3.92
C GLU A 5 0.46 -10.34 2.85
N GLN A 6 0.41 -10.77 1.60
CA GLN A 6 0.80 -9.93 0.49
C GLN A 6 -0.42 -9.51 -0.31
N LEU A 7 -0.93 -8.33 -0.02
CA LEU A 7 -2.12 -7.83 -0.69
C LEU A 7 -1.74 -7.00 -1.91
N THR A 8 -2.29 -7.36 -3.05
CA THR A 8 -2.04 -6.63 -4.29
C THR A 8 -3.32 -5.93 -4.73
N LEU A 9 -3.37 -4.63 -4.53
CA LEU A 9 -4.56 -3.85 -4.84
C LEU A 9 -4.41 -3.05 -6.13
N GLN A 10 -5.52 -2.90 -6.85
CA GLN A 10 -5.55 -2.06 -8.05
C GLN A 10 -5.59 -0.60 -7.65
N VAL A 11 -4.73 0.21 -8.25
CA VAL A 11 -4.61 1.60 -7.87
C VAL A 11 -5.08 2.53 -8.99
N GLU A 12 -6.23 3.14 -8.80
CA GLU A 12 -6.72 4.15 -9.72
C GLU A 12 -6.20 5.52 -9.31
N GLY A 13 -5.43 6.14 -10.19
CA GLY A 13 -4.88 7.44 -9.90
C GLY A 13 -3.38 7.50 -10.05
N MET A 14 -2.84 6.61 -10.88
CA MET A 14 -1.41 6.60 -11.14
C MET A 14 -1.03 7.77 -12.04
N SER A 15 -0.29 8.71 -11.49
CA SER A 15 0.07 9.92 -12.22
C SER A 15 1.51 9.85 -12.73
N CYS A 16 2.47 10.06 -11.83
CA CYS A 16 3.88 10.13 -12.23
C CYS A 16 4.78 9.45 -11.20
N GLY A 17 6.09 9.52 -11.44
CA GLY A 17 7.06 8.83 -10.60
C GLY A 17 6.99 9.21 -9.13
N HIS A 18 6.79 10.49 -8.83
CA HIS A 18 6.76 10.95 -7.44
C HIS A 18 5.63 10.28 -6.65
N CYS A 19 4.57 9.89 -7.36
CA CYS A 19 3.43 9.25 -6.74
C CYS A 19 3.83 7.91 -6.12
N VAL A 20 4.86 7.29 -6.72
CA VAL A 20 5.42 6.04 -6.23
C VAL A 20 5.90 6.20 -4.80
N ASN A 21 6.79 7.16 -4.58
CA ASN A 21 7.36 7.39 -3.27
C ASN A 21 6.29 7.78 -2.25
N ALA A 22 5.35 8.61 -2.69
CA ALA A 22 4.25 9.04 -1.83
C ALA A 22 3.52 7.85 -1.24
N ILE A 23 2.91 7.03 -2.09
CA ILE A 23 2.13 5.90 -1.62
C ILE A 23 3.02 4.84 -0.97
N GLU A 24 4.24 4.70 -1.49
CA GLU A 24 5.21 3.75 -0.96
C GLU A 24 5.34 3.90 0.55
N SER A 25 5.75 5.09 0.98
CA SER A 25 5.93 5.33 2.40
C SER A 25 4.60 5.44 3.13
N SER A 26 3.56 5.93 2.46
CA SER A 26 2.25 6.02 3.09
C SER A 26 1.83 4.68 3.66
N VAL A 27 2.22 3.61 2.97
CA VAL A 27 2.02 2.27 3.50
C VAL A 27 3.17 1.88 4.45
N LYS A 28 4.40 2.10 4.01
CA LYS A 28 5.59 1.65 4.74
C LYS A 28 5.74 2.31 6.11
N GLU A 29 5.28 3.56 6.22
CA GLU A 29 5.38 4.32 7.47
C GLU A 29 4.43 3.77 8.53
N LEU A 30 3.55 2.89 8.11
CA LEU A 30 2.58 2.31 9.04
C LEU A 30 3.21 1.20 9.88
N ASN A 31 2.46 0.71 10.86
CA ASN A 31 2.92 -0.35 11.75
C ASN A 31 2.66 -1.70 11.09
N GLY A 32 3.46 -2.71 11.43
CA GLY A 32 3.25 -4.04 10.91
C GLY A 32 3.48 -4.14 9.42
N VAL A 33 4.17 -3.16 8.85
CA VAL A 33 4.45 -3.15 7.43
C VAL A 33 5.88 -3.56 7.18
N GLU A 34 6.03 -4.69 6.53
CA GLU A 34 7.32 -5.28 6.27
C GLU A 34 7.93 -4.72 5.00
N GLN A 35 7.21 -4.83 3.89
CA GLN A 35 7.71 -4.35 2.61
C GLN A 35 6.56 -4.03 1.67
N VAL A 36 6.81 -3.12 0.73
CA VAL A 36 5.80 -2.69 -0.21
C VAL A 36 6.35 -2.74 -1.63
N LYS A 37 5.46 -2.84 -2.60
CA LYS A 37 5.84 -2.78 -3.99
C LYS A 37 4.76 -2.07 -4.78
N VAL A 38 4.93 -0.76 -4.95
CA VAL A 38 4.01 0.02 -5.76
C VAL A 38 4.46 -0.01 -7.22
N GLN A 39 3.70 -0.71 -8.04
CA GLN A 39 4.04 -0.88 -9.43
C GLN A 39 3.40 0.23 -10.26
N LEU A 40 4.21 1.22 -10.64
CA LEU A 40 3.71 2.42 -11.31
C LEU A 40 3.09 2.07 -12.66
N ALA A 41 3.78 1.26 -13.45
CA ALA A 41 3.34 0.95 -14.80
C ALA A 41 2.14 0.01 -14.78
N GLU A 42 2.11 -0.88 -13.80
CA GLU A 42 1.04 -1.87 -13.70
C GLU A 42 -0.19 -1.26 -13.03
N GLY A 43 0.04 -0.22 -12.25
CA GLY A 43 -1.06 0.43 -11.55
C GLY A 43 -1.57 -0.42 -10.40
N THR A 44 -0.69 -1.24 -9.85
CA THR A 44 -1.05 -2.11 -8.75
C THR A 44 -0.02 -2.02 -7.63
N VAL A 45 -0.45 -2.31 -6.41
CA VAL A 45 0.45 -2.26 -5.27
C VAL A 45 0.35 -3.53 -4.44
N GLU A 46 1.48 -4.22 -4.31
CA GLU A 46 1.56 -5.36 -3.43
C GLU A 46 2.22 -4.95 -2.12
N VAL A 47 1.56 -5.22 -1.01
CA VAL A 47 2.11 -4.90 0.29
C VAL A 47 2.19 -6.15 1.16
N THR A 48 3.36 -6.39 1.72
CA THR A 48 3.54 -7.48 2.67
C THR A 48 3.42 -6.94 4.09
N ILE A 49 2.28 -7.19 4.70
CA ILE A 49 2.02 -6.69 6.05
C ILE A 49 1.83 -7.81 7.03
N ASP A 50 1.95 -7.47 8.30
CA ASP A 50 1.58 -8.38 9.35
C ASP A 50 0.14 -8.13 9.73
N SER A 51 -0.73 -9.04 9.34
CA SER A 51 -2.16 -8.89 9.58
C SER A 51 -2.50 -9.16 11.04
N SER A 52 -1.49 -9.47 11.84
CA SER A 52 -1.67 -9.68 13.27
C SER A 52 -1.40 -8.39 14.03
N VAL A 53 -0.91 -7.39 13.33
CA VAL A 53 -0.60 -6.11 13.93
C VAL A 53 -1.35 -4.98 13.24
N VAL A 54 -1.20 -4.89 11.93
CA VAL A 54 -1.91 -3.88 11.16
C VAL A 54 -3.00 -4.54 10.31
N THR A 55 -4.06 -3.82 10.01
CA THR A 55 -5.10 -4.36 9.14
C THR A 55 -4.85 -3.93 7.71
N LEU A 56 -5.38 -4.68 6.75
CA LEU A 56 -5.26 -4.29 5.36
C LEU A 56 -6.08 -3.03 5.10
N LYS A 57 -7.14 -2.85 5.88
CA LYS A 57 -7.97 -1.67 5.77
C LYS A 57 -7.20 -0.42 6.16
N ASP A 58 -6.33 -0.53 7.17
CA ASP A 58 -5.48 0.60 7.56
C ASP A 58 -4.66 1.04 6.35
N ILE A 59 -4.08 0.08 5.66
CA ILE A 59 -3.32 0.32 4.45
C ILE A 59 -4.17 1.08 3.43
N VAL A 60 -5.32 0.50 3.10
CA VAL A 60 -6.24 1.09 2.14
C VAL A 60 -6.66 2.50 2.56
N ALA A 61 -7.01 2.65 3.83
CA ALA A 61 -7.50 3.92 4.37
C ALA A 61 -6.48 5.04 4.17
N VAL A 62 -5.21 4.73 4.37
CA VAL A 62 -4.15 5.71 4.18
C VAL A 62 -3.92 5.97 2.69
N ILE A 63 -3.89 4.90 1.90
CA ILE A 63 -3.65 4.99 0.46
C ILE A 63 -4.68 5.89 -0.22
N GLU A 64 -5.95 5.61 0.00
CA GLU A 64 -7.02 6.35 -0.66
C GLU A 64 -7.01 7.81 -0.23
N ASP A 65 -6.69 8.04 1.03
CA ASP A 65 -6.61 9.40 1.56
C ASP A 65 -5.53 10.21 0.86
N GLN A 66 -4.54 9.52 0.32
CA GLN A 66 -3.44 10.16 -0.40
C GLN A 66 -3.88 10.59 -1.80
N GLY A 67 -5.05 10.15 -2.22
CA GLY A 67 -5.55 10.51 -3.53
C GLY A 67 -5.52 9.34 -4.50
N TYR A 68 -5.93 8.18 -4.04
CA TYR A 68 -5.95 6.98 -4.87
C TYR A 68 -7.25 6.22 -4.66
N ASP A 69 -7.69 5.51 -5.70
CA ASP A 69 -8.82 4.62 -5.58
C ASP A 69 -8.34 3.18 -5.65
N VAL A 70 -8.28 2.54 -4.50
CA VAL A 70 -7.78 1.19 -4.42
C VAL A 70 -8.85 0.25 -3.89
N GLN A 71 -9.15 -0.77 -4.68
CA GLN A 71 -10.21 -1.73 -4.35
C GLN A 71 -9.61 -3.04 -3.90
N SER A 1 0.15 -14.64 17.22
CA SER A 1 1.23 -13.66 17.41
C SER A 1 1.33 -12.72 16.20
N ASN A 2 1.91 -13.21 15.11
CA ASN A 2 2.06 -12.41 13.90
C ASN A 2 1.68 -13.23 12.68
N ALA A 3 1.39 -12.55 11.57
CA ALA A 3 1.01 -13.22 10.33
C ALA A 3 1.33 -12.35 9.12
N MET A 4 2.37 -12.73 8.39
CA MET A 4 2.79 -11.95 7.22
C MET A 4 1.98 -12.35 6.00
N GLU A 5 1.29 -11.38 5.41
CA GLU A 5 0.51 -11.62 4.21
C GLU A 5 0.90 -10.62 3.12
N GLN A 6 1.01 -11.12 1.89
CA GLN A 6 1.34 -10.27 0.75
C GLN A 6 0.12 -10.09 -0.14
N LEU A 7 -0.42 -8.88 -0.14
CA LEU A 7 -1.63 -8.58 -0.91
C LEU A 7 -1.31 -7.65 -2.06
N THR A 8 -1.96 -7.88 -3.19
CA THR A 8 -1.78 -7.04 -4.37
C THR A 8 -3.00 -6.11 -4.54
N LEU A 9 -2.79 -4.83 -4.30
CA LEU A 9 -3.86 -3.85 -4.38
C LEU A 9 -3.92 -3.21 -5.77
N GLN A 10 -5.14 -2.92 -6.22
CA GLN A 10 -5.32 -2.20 -7.48
C GLN A 10 -5.50 -0.72 -7.19
N VAL A 11 -4.70 0.10 -7.84
CA VAL A 11 -4.63 1.52 -7.50
C VAL A 11 -5.12 2.39 -8.65
N GLU A 12 -6.27 3.02 -8.44
CA GLU A 12 -6.83 3.93 -9.44
C GLU A 12 -6.39 5.36 -9.15
N GLY A 13 -5.90 6.04 -10.17
CA GLY A 13 -5.56 7.44 -10.05
C GLY A 13 -4.14 7.69 -9.56
N MET A 14 -3.17 7.36 -10.39
CA MET A 14 -1.76 7.62 -10.05
C MET A 14 -1.30 8.92 -10.71
N SER A 15 0.00 9.15 -10.71
CA SER A 15 0.56 10.36 -11.28
C SER A 15 1.62 10.06 -12.33
N CYS A 16 2.84 9.78 -11.87
CA CYS A 16 3.95 9.48 -12.77
C CYS A 16 5.15 8.91 -12.00
N GLY A 17 5.87 9.76 -11.28
CA GLY A 17 7.10 9.32 -10.66
C GLY A 17 7.12 9.49 -9.14
N HIS A 18 6.83 10.69 -8.67
CA HIS A 18 6.93 10.99 -7.24
C HIS A 18 5.86 10.23 -6.45
N CYS A 19 4.78 9.87 -7.14
CA CYS A 19 3.71 9.11 -6.52
C CYS A 19 4.20 7.74 -6.06
N VAL A 20 5.28 7.26 -6.68
CA VAL A 20 5.88 5.99 -6.33
C VAL A 20 6.33 6.01 -4.86
N ASN A 21 7.19 6.96 -4.53
CA ASN A 21 7.70 7.10 -3.17
C ASN A 21 6.58 7.48 -2.22
N ALA A 22 5.64 8.28 -2.72
CA ALA A 22 4.50 8.72 -1.92
C ALA A 22 3.66 7.54 -1.42
N ILE A 23 3.18 6.71 -2.34
CA ILE A 23 2.35 5.56 -1.98
C ILE A 23 3.16 4.55 -1.19
N GLU A 24 4.41 4.34 -1.62
CA GLU A 24 5.31 3.42 -0.96
C GLU A 24 5.38 3.70 0.53
N SER A 25 5.70 4.93 0.89
CA SER A 25 5.80 5.29 2.28
C SER A 25 4.43 5.38 2.95
N SER A 26 3.41 5.82 2.23
CA SER A 26 2.09 5.96 2.85
C SER A 26 1.65 4.64 3.48
N VAL A 27 2.04 3.54 2.85
CA VAL A 27 1.83 2.23 3.43
C VAL A 27 2.92 1.89 4.45
N LYS A 28 4.18 2.15 4.06
CA LYS A 28 5.36 1.79 4.86
C LYS A 28 5.42 2.53 6.20
N GLU A 29 4.90 3.76 6.23
CA GLU A 29 4.88 4.55 7.46
C GLU A 29 4.05 3.87 8.53
N LEU A 30 3.14 3.03 8.07
CA LEU A 30 2.26 2.28 8.98
C LEU A 30 3.03 1.14 9.64
N ASN A 31 2.67 0.82 10.88
CA ASN A 31 3.34 -0.22 11.63
C ASN A 31 2.80 -1.60 11.25
N GLY A 32 3.71 -2.49 10.89
CA GLY A 32 3.32 -3.82 10.49
C GLY A 32 3.51 -4.03 9.01
N VAL A 33 4.03 -3.03 8.34
CA VAL A 33 4.26 -3.09 6.91
C VAL A 33 5.75 -3.28 6.61
N GLU A 34 6.06 -4.34 5.90
CA GLU A 34 7.44 -4.68 5.58
C GLU A 34 7.86 -4.04 4.26
N GLN A 35 7.27 -4.52 3.17
CA GLN A 35 7.66 -4.07 1.85
C GLN A 35 6.45 -3.56 1.09
N VAL A 36 6.67 -2.50 0.33
CA VAL A 36 5.60 -1.91 -0.49
C VAL A 36 6.07 -1.81 -1.93
N LYS A 37 5.67 -2.78 -2.75
CA LYS A 37 6.10 -2.80 -4.14
C LYS A 37 5.03 -2.15 -5.01
N VAL A 38 5.19 -0.87 -5.26
CA VAL A 38 4.29 -0.16 -6.16
C VAL A 38 4.72 -0.34 -7.60
N GLN A 39 3.86 -0.97 -8.39
CA GLN A 39 4.14 -1.16 -9.79
C GLN A 39 3.45 -0.07 -10.60
N LEU A 40 4.19 1.00 -10.87
CA LEU A 40 3.66 2.19 -11.51
C LEU A 40 3.14 1.87 -12.91
N ALA A 41 3.84 0.97 -13.59
CA ALA A 41 3.52 0.61 -14.97
C ALA A 41 2.22 -0.18 -15.07
N GLU A 42 1.74 -0.67 -13.95
CA GLU A 42 0.53 -1.49 -13.94
C GLU A 42 -0.60 -0.78 -13.19
N GLY A 43 -0.24 -0.07 -12.13
CA GLY A 43 -1.24 0.55 -11.28
C GLY A 43 -1.62 -0.36 -10.13
N THR A 44 -0.69 -1.20 -9.72
CA THR A 44 -0.94 -2.12 -8.62
C THR A 44 0.18 -2.05 -7.59
N VAL A 45 -0.14 -2.34 -6.34
CA VAL A 45 0.84 -2.30 -5.26
C VAL A 45 0.80 -3.59 -4.45
N GLU A 46 1.94 -4.29 -4.39
CA GLU A 46 2.06 -5.48 -3.57
C GLU A 46 2.65 -5.11 -2.21
N VAL A 47 1.89 -5.36 -1.15
CA VAL A 47 2.35 -4.99 0.19
C VAL A 47 2.46 -6.21 1.08
N THR A 48 3.55 -6.28 1.83
CA THR A 48 3.74 -7.32 2.83
C THR A 48 3.35 -6.77 4.20
N ILE A 49 2.19 -7.17 4.70
CA ILE A 49 1.70 -6.67 5.97
C ILE A 49 1.61 -7.79 7.00
N ASP A 50 1.76 -7.42 8.25
CA ASP A 50 1.48 -8.32 9.36
C ASP A 50 0.02 -8.14 9.75
N SER A 51 -0.84 -9.04 9.29
CA SER A 51 -2.27 -8.89 9.46
C SER A 51 -2.70 -9.13 10.90
N SER A 52 -1.75 -9.49 11.75
CA SER A 52 -2.02 -9.65 13.16
C SER A 52 -1.70 -8.35 13.89
N VAL A 53 -1.28 -7.35 13.12
CA VAL A 53 -0.99 -6.03 13.66
C VAL A 53 -1.77 -4.97 12.90
N VAL A 54 -1.39 -4.73 11.65
CA VAL A 54 -2.10 -3.79 10.80
C VAL A 54 -3.03 -4.56 9.85
N THR A 55 -4.20 -3.98 9.55
CA THR A 55 -5.15 -4.66 8.68
C THR A 55 -5.15 -4.05 7.29
N LEU A 56 -5.76 -4.74 6.34
CA LEU A 56 -5.87 -4.25 4.96
C LEU A 56 -6.63 -2.93 4.92
N LYS A 57 -7.65 -2.82 5.76
CA LYS A 57 -8.46 -1.61 5.83
C LYS A 57 -7.59 -0.41 6.18
N ASP A 58 -6.68 -0.59 7.12
CA ASP A 58 -5.82 0.51 7.56
C ASP A 58 -4.96 1.00 6.40
N ILE A 59 -4.43 0.03 5.64
CA ILE A 59 -3.68 0.34 4.43
C ILE A 59 -4.56 1.11 3.46
N VAL A 60 -5.74 0.57 3.20
CA VAL A 60 -6.74 1.20 2.34
C VAL A 60 -7.06 2.62 2.78
N ALA A 61 -7.28 2.80 4.07
CA ALA A 61 -7.65 4.10 4.63
C ALA A 61 -6.58 5.14 4.32
N VAL A 62 -5.32 4.80 4.57
CA VAL A 62 -4.22 5.74 4.36
C VAL A 62 -4.00 5.98 2.86
N ILE A 63 -3.99 4.91 2.08
CA ILE A 63 -3.74 5.02 0.64
C ILE A 63 -4.72 5.96 -0.04
N GLU A 64 -6.02 5.75 0.18
CA GLU A 64 -7.03 6.57 -0.45
C GLU A 64 -6.97 8.01 0.07
N ASP A 65 -6.58 8.15 1.32
CA ASP A 65 -6.44 9.47 1.94
C ASP A 65 -5.36 10.28 1.24
N GLN A 66 -4.43 9.58 0.61
CA GLN A 66 -3.33 10.23 -0.12
C GLN A 66 -3.80 10.71 -1.49
N GLY A 67 -4.97 10.27 -1.91
CA GLY A 67 -5.50 10.68 -3.20
C GLY A 67 -5.59 9.55 -4.21
N TYR A 68 -5.71 8.33 -3.71
CA TYR A 68 -5.85 7.17 -4.56
C TYR A 68 -7.22 6.54 -4.39
N ASP A 69 -7.69 5.86 -5.42
CA ASP A 69 -8.95 5.14 -5.33
C ASP A 69 -8.68 3.65 -5.36
N VAL A 70 -8.94 3.00 -4.24
CA VAL A 70 -8.62 1.59 -4.09
C VAL A 70 -9.45 0.96 -2.98
N GLN A 71 -10.36 0.09 -3.37
CA GLN A 71 -11.23 -0.58 -2.43
C GLN A 71 -11.47 -2.01 -2.87
N SER A 1 5.72 -9.36 12.56
CA SER A 1 5.98 -10.43 11.58
C SER A 1 5.25 -11.71 11.97
N ASN A 2 4.09 -11.56 12.61
CA ASN A 2 3.36 -12.72 13.13
C ASN A 2 2.59 -13.42 12.03
N ALA A 3 1.88 -12.65 11.21
CA ALA A 3 1.15 -13.21 10.08
C ALA A 3 1.38 -12.36 8.84
N MET A 4 2.26 -12.84 7.98
CA MET A 4 2.68 -12.06 6.82
C MET A 4 1.76 -12.33 5.64
N GLU A 5 1.04 -11.30 5.24
CA GLU A 5 0.13 -11.38 4.10
C GLU A 5 0.61 -10.46 2.99
N GLN A 6 0.77 -11.01 1.80
CA GLN A 6 1.21 -10.25 0.65
C GLN A 6 0.07 -10.11 -0.35
N LEU A 7 -0.39 -8.89 -0.53
CA LEU A 7 -1.53 -8.62 -1.38
C LEU A 7 -1.20 -7.56 -2.41
N THR A 8 -1.78 -7.70 -3.60
CA THR A 8 -1.58 -6.75 -4.67
C THR A 8 -2.82 -5.88 -4.84
N LEU A 9 -2.68 -4.60 -4.54
CA LEU A 9 -3.80 -3.66 -4.61
C LEU A 9 -3.70 -2.80 -5.85
N GLN A 10 -4.84 -2.43 -6.42
CA GLN A 10 -4.88 -1.57 -7.59
C GLN A 10 -5.05 -0.13 -7.18
N VAL A 11 -4.18 0.73 -7.70
CA VAL A 11 -4.17 2.12 -7.30
C VAL A 11 -4.71 3.01 -8.42
N GLU A 12 -5.95 3.44 -8.26
CA GLU A 12 -6.59 4.30 -9.24
C GLU A 12 -6.47 5.75 -8.84
N GLY A 13 -5.78 6.53 -9.66
CA GLY A 13 -5.63 7.95 -9.41
C GLY A 13 -4.18 8.36 -9.26
N MET A 14 -3.29 7.72 -10.00
CA MET A 14 -1.87 8.02 -9.93
C MET A 14 -1.53 9.28 -10.70
N SER A 15 -0.66 10.12 -10.12
CA SER A 15 -0.15 11.31 -10.78
C SER A 15 1.16 10.99 -11.49
N CYS A 16 1.54 9.71 -11.45
CA CYS A 16 2.77 9.20 -12.07
C CYS A 16 4.03 9.70 -11.36
N GLY A 17 5.01 8.82 -11.21
CA GLY A 17 6.29 9.20 -10.64
C GLY A 17 6.23 9.45 -9.14
N HIS A 18 5.76 10.64 -8.76
CA HIS A 18 5.68 11.02 -7.35
C HIS A 18 4.80 10.04 -6.56
N CYS A 19 3.82 9.46 -7.25
CA CYS A 19 2.91 8.53 -6.62
C CYS A 19 3.65 7.29 -6.12
N VAL A 20 4.76 6.95 -6.76
CA VAL A 20 5.55 5.79 -6.39
C VAL A 20 6.06 5.91 -4.96
N ASN A 21 6.82 6.98 -4.71
CA ASN A 21 7.38 7.23 -3.39
C ASN A 21 6.26 7.43 -2.38
N ALA A 22 5.22 8.13 -2.81
CA ALA A 22 4.09 8.43 -1.94
C ALA A 22 3.35 7.18 -1.50
N ILE A 23 2.98 6.33 -2.45
CA ILE A 23 2.19 5.15 -2.12
C ILE A 23 3.03 4.14 -1.35
N GLU A 24 4.29 4.00 -1.74
CA GLU A 24 5.20 3.09 -1.08
C GLU A 24 5.30 3.44 0.40
N SER A 25 5.55 4.71 0.68
CA SER A 25 5.67 5.14 2.07
C SER A 25 4.31 5.18 2.75
N SER A 26 3.27 5.48 1.99
CA SER A 26 1.93 5.54 2.55
C SER A 26 1.62 4.24 3.28
N VAL A 27 2.02 3.13 2.68
CA VAL A 27 1.90 1.83 3.33
C VAL A 27 3.08 1.57 4.26
N LYS A 28 4.29 1.87 3.80
CA LYS A 28 5.52 1.54 4.51
C LYS A 28 5.64 2.25 5.87
N GLU A 29 5.11 3.46 5.95
CA GLU A 29 5.16 4.23 7.20
C GLU A 29 4.29 3.56 8.26
N LEU A 30 3.23 2.92 7.78
CA LEU A 30 2.27 2.27 8.68
C LEU A 30 2.93 1.18 9.50
N ASN A 31 2.57 1.10 10.77
CA ASN A 31 3.14 0.12 11.67
C ASN A 31 2.49 -1.25 11.45
N GLY A 32 3.30 -2.23 11.10
CA GLY A 32 2.78 -3.54 10.78
C GLY A 32 3.01 -3.89 9.32
N VAL A 33 3.88 -3.14 8.67
CA VAL A 33 4.20 -3.35 7.28
C VAL A 33 5.65 -3.70 7.12
N GLU A 34 5.91 -4.81 6.45
CA GLU A 34 7.26 -5.30 6.28
C GLU A 34 7.91 -4.70 5.03
N GLN A 35 7.23 -4.83 3.89
CA GLN A 35 7.76 -4.30 2.64
C GLN A 35 6.64 -3.90 1.69
N VAL A 36 6.91 -2.87 0.89
CA VAL A 36 5.95 -2.38 -0.08
C VAL A 36 6.59 -2.32 -1.46
N LYS A 37 6.08 -3.11 -2.39
CA LYS A 37 6.62 -3.14 -3.74
C LYS A 37 5.59 -2.61 -4.72
N VAL A 38 5.68 -1.32 -5.04
CA VAL A 38 4.76 -0.71 -5.98
C VAL A 38 5.20 -0.94 -7.42
N GLN A 39 4.23 -1.29 -8.28
CA GLN A 39 4.49 -1.41 -9.69
C GLN A 39 3.82 -0.26 -10.43
N LEU A 40 4.59 0.77 -10.75
CA LEU A 40 4.06 1.99 -11.35
C LEU A 40 3.44 1.69 -12.71
N ALA A 41 4.13 0.89 -13.52
CA ALA A 41 3.69 0.59 -14.88
C ALA A 41 2.24 0.10 -14.94
N GLU A 42 1.88 -0.79 -14.03
CA GLU A 42 0.56 -1.39 -14.02
C GLU A 42 -0.42 -0.56 -13.18
N GLY A 43 0.11 0.28 -12.31
CA GLY A 43 -0.74 1.05 -11.42
C GLY A 43 -1.25 0.21 -10.28
N THR A 44 -0.36 -0.57 -9.70
CA THR A 44 -0.70 -1.48 -8.62
C THR A 44 0.44 -1.58 -7.63
N VAL A 45 0.17 -2.06 -6.43
CA VAL A 45 1.19 -2.22 -5.43
C VAL A 45 1.08 -3.58 -4.74
N GLU A 46 2.20 -4.30 -4.72
CA GLU A 46 2.27 -5.58 -4.04
C GLU A 46 2.89 -5.38 -2.66
N VAL A 47 2.07 -5.49 -1.62
CA VAL A 47 2.50 -5.17 -0.27
C VAL A 47 2.50 -6.42 0.61
N THR A 48 3.51 -6.52 1.47
CA THR A 48 3.58 -7.58 2.45
C THR A 48 3.44 -6.99 3.86
N ILE A 49 2.31 -7.26 4.50
CA ILE A 49 2.02 -6.70 5.82
C ILE A 49 1.95 -7.78 6.87
N ASP A 50 1.95 -7.36 8.12
CA ASP A 50 1.64 -8.25 9.23
C ASP A 50 0.20 -8.00 9.64
N SER A 51 -0.67 -8.91 9.27
CA SER A 51 -2.10 -8.75 9.51
C SER A 51 -2.43 -8.97 10.99
N SER A 52 -1.41 -9.25 11.79
CA SER A 52 -1.58 -9.38 13.23
C SER A 52 -1.31 -8.04 13.91
N VAL A 53 -0.85 -7.07 13.14
CA VAL A 53 -0.50 -5.77 13.67
C VAL A 53 -1.29 -4.67 12.98
N VAL A 54 -1.27 -4.67 11.67
CA VAL A 54 -2.00 -3.69 10.90
C VAL A 54 -3.15 -4.37 10.16
N THR A 55 -4.22 -3.64 9.90
CA THR A 55 -5.36 -4.21 9.21
C THR A 55 -5.39 -3.73 7.77
N LEU A 56 -6.13 -4.44 6.93
CA LEU A 56 -6.26 -4.08 5.53
C LEU A 56 -6.93 -2.72 5.40
N LYS A 57 -7.87 -2.42 6.29
CA LYS A 57 -8.57 -1.15 6.28
C LYS A 57 -7.59 -0.01 6.53
N ASP A 58 -6.64 -0.22 7.44
CA ASP A 58 -5.60 0.79 7.71
C ASP A 58 -4.88 1.13 6.43
N ILE A 59 -4.45 0.09 5.71
CA ILE A 59 -3.76 0.25 4.44
C ILE A 59 -4.63 1.05 3.47
N VAL A 60 -5.83 0.56 3.23
CA VAL A 60 -6.76 1.19 2.30
C VAL A 60 -7.04 2.65 2.68
N ALA A 61 -7.40 2.88 3.93
CA ALA A 61 -7.79 4.20 4.40
C ALA A 61 -6.69 5.23 4.18
N VAL A 62 -5.47 4.88 4.56
CA VAL A 62 -4.34 5.79 4.43
C VAL A 62 -4.03 6.05 2.96
N ILE A 63 -4.17 5.02 2.14
CA ILE A 63 -3.92 5.14 0.71
C ILE A 63 -4.93 6.06 0.04
N GLU A 64 -6.21 5.83 0.29
CA GLU A 64 -7.25 6.64 -0.32
C GLU A 64 -7.14 8.09 0.14
N ASP A 65 -6.62 8.28 1.36
CA ASP A 65 -6.44 9.60 1.93
C ASP A 65 -5.42 10.41 1.14
N GLN A 66 -4.54 9.71 0.42
CA GLN A 66 -3.51 10.38 -0.37
C GLN A 66 -4.06 10.81 -1.72
N GLY A 67 -5.34 10.55 -1.95
CA GLY A 67 -5.96 10.88 -3.21
C GLY A 67 -5.97 9.72 -4.17
N TYR A 68 -6.31 8.54 -3.67
CA TYR A 68 -6.37 7.33 -4.50
C TYR A 68 -7.67 6.59 -4.27
N ASP A 69 -8.05 5.78 -5.25
CA ASP A 69 -9.18 4.88 -5.10
C ASP A 69 -8.70 3.45 -5.06
N VAL A 70 -8.78 2.83 -3.89
CA VAL A 70 -8.37 1.45 -3.72
C VAL A 70 -9.42 0.66 -2.95
N GLN A 71 -9.73 -0.53 -3.41
CA GLN A 71 -10.72 -1.36 -2.76
C GLN A 71 -10.34 -2.83 -2.91
N SER A 1 1.22 -14.60 16.86
CA SER A 1 2.18 -13.51 17.09
C SER A 1 2.16 -12.55 15.90
N ASN A 2 2.64 -13.02 14.76
CA ASN A 2 2.64 -12.24 13.54
C ASN A 2 2.33 -13.12 12.34
N ALA A 3 1.88 -12.50 11.26
CA ALA A 3 1.53 -13.21 10.04
C ALA A 3 1.41 -12.24 8.88
N MET A 4 2.44 -12.19 8.05
CA MET A 4 2.43 -11.27 6.92
C MET A 4 1.74 -11.87 5.71
N GLU A 5 0.86 -11.09 5.12
CA GLU A 5 0.16 -11.49 3.91
C GLU A 5 0.63 -10.64 2.74
N GLN A 6 0.71 -11.25 1.57
CA GLN A 6 1.13 -10.55 0.37
C GLN A 6 -0.08 -10.18 -0.46
N LEU A 7 -0.55 -8.95 -0.27
CA LEU A 7 -1.76 -8.50 -0.93
C LEU A 7 -1.45 -7.48 -2.00
N THR A 8 -1.87 -7.79 -3.22
CA THR A 8 -1.68 -6.90 -4.34
C THR A 8 -2.96 -6.13 -4.62
N LEU A 9 -2.98 -4.87 -4.24
CA LEU A 9 -4.16 -4.05 -4.41
C LEU A 9 -4.00 -3.14 -5.63
N GLN A 10 -5.11 -2.85 -6.29
CA GLN A 10 -5.08 -2.01 -7.49
C GLN A 10 -5.26 -0.54 -7.13
N VAL A 11 -4.56 0.31 -7.83
CA VAL A 11 -4.53 1.72 -7.55
C VAL A 11 -5.07 2.53 -8.72
N GLU A 12 -6.12 3.28 -8.46
CA GLU A 12 -6.71 4.13 -9.47
C GLU A 12 -6.43 5.60 -9.15
N GLY A 13 -5.85 6.31 -10.10
CA GLY A 13 -5.53 7.71 -9.88
C GLY A 13 -4.06 7.95 -9.65
N MET A 14 -3.22 7.36 -10.50
CA MET A 14 -1.78 7.54 -10.39
C MET A 14 -1.37 8.91 -10.94
N SER A 15 -0.68 9.69 -10.11
CA SER A 15 -0.29 11.03 -10.49
C SER A 15 0.71 11.02 -11.65
N CYS A 16 1.93 10.55 -11.39
CA CYS A 16 2.98 10.57 -12.41
C CYS A 16 4.14 9.64 -12.03
N GLY A 17 5.04 10.13 -11.18
CA GLY A 17 6.20 9.34 -10.79
C GLY A 17 6.46 9.39 -9.30
N HIS A 18 6.58 10.61 -8.76
CA HIS A 18 6.84 10.80 -7.33
C HIS A 18 5.70 10.23 -6.48
N CYS A 19 4.56 9.96 -7.14
CA CYS A 19 3.42 9.37 -6.46
C CYS A 19 3.77 8.01 -5.87
N VAL A 20 4.68 7.32 -6.54
CA VAL A 20 5.15 6.01 -6.08
C VAL A 20 5.82 6.14 -4.72
N ASN A 21 6.75 7.08 -4.61
CA ASN A 21 7.49 7.30 -3.37
C ASN A 21 6.53 7.67 -2.24
N ALA A 22 5.58 8.55 -2.55
CA ALA A 22 4.60 8.99 -1.57
C ALA A 22 3.77 7.82 -1.03
N ILE A 23 3.12 7.09 -1.93
CA ILE A 23 2.26 5.99 -1.52
C ILE A 23 3.07 4.86 -0.89
N GLU A 24 4.28 4.64 -1.40
CA GLU A 24 5.16 3.62 -0.87
C GLU A 24 5.38 3.83 0.62
N SER A 25 5.81 5.03 1.00
CA SER A 25 6.04 5.31 2.41
C SER A 25 4.74 5.43 3.18
N SER A 26 3.69 5.91 2.52
CA SER A 26 2.39 6.03 3.17
C SER A 26 1.97 4.68 3.74
N VAL A 27 2.30 3.61 3.02
CA VAL A 27 2.08 2.27 3.50
C VAL A 27 3.21 1.82 4.42
N LYS A 28 4.45 2.09 3.99
CA LYS A 28 5.64 1.57 4.65
C LYS A 28 5.85 2.16 6.05
N GLU A 29 5.44 3.41 6.25
CA GLU A 29 5.59 4.04 7.57
C GLU A 29 4.69 3.36 8.58
N LEU A 30 3.62 2.76 8.09
CA LEU A 30 2.63 2.13 8.95
C LEU A 30 3.23 0.95 9.72
N ASN A 31 2.94 0.91 11.01
CA ASN A 31 3.44 -0.13 11.91
C ASN A 31 2.83 -1.49 11.55
N GLY A 32 3.65 -2.41 11.09
CA GLY A 32 3.18 -3.72 10.71
C GLY A 32 3.45 -4.02 9.26
N VAL A 33 3.99 -3.04 8.54
CA VAL A 33 4.28 -3.19 7.14
C VAL A 33 5.71 -3.62 6.92
N GLU A 34 5.86 -4.81 6.41
CA GLU A 34 7.16 -5.39 6.16
C GLU A 34 7.77 -4.79 4.88
N GLN A 35 7.04 -4.89 3.78
CA GLN A 35 7.49 -4.35 2.51
C GLN A 35 6.31 -3.93 1.66
N VAL A 36 6.54 -3.00 0.76
CA VAL A 36 5.49 -2.51 -0.12
C VAL A 36 6.06 -2.10 -1.48
N LYS A 37 5.64 -2.79 -2.53
CA LYS A 37 6.10 -2.51 -3.87
C LYS A 37 5.01 -1.84 -4.68
N VAL A 38 5.17 -0.55 -4.95
CA VAL A 38 4.23 0.18 -5.78
C VAL A 38 4.57 0.02 -7.25
N GLN A 39 3.70 -0.62 -8.00
CA GLN A 39 3.91 -0.87 -9.41
C GLN A 39 3.14 0.14 -10.25
N LEU A 40 3.85 1.14 -10.76
CA LEU A 40 3.24 2.21 -11.53
C LEU A 40 2.68 1.67 -12.84
N ALA A 41 3.49 0.90 -13.55
CA ALA A 41 3.13 0.39 -14.87
C ALA A 41 1.89 -0.50 -14.83
N GLU A 42 1.67 -1.17 -13.70
CA GLU A 42 0.53 -2.06 -13.57
C GLU A 42 -0.66 -1.34 -12.94
N GLY A 43 -0.38 -0.35 -12.10
CA GLY A 43 -1.43 0.31 -11.37
C GLY A 43 -1.81 -0.48 -10.15
N THR A 44 -0.81 -1.08 -9.52
CA THR A 44 -1.05 -1.92 -8.36
C THR A 44 0.01 -1.68 -7.29
N VAL A 45 -0.28 -2.11 -6.08
CA VAL A 45 0.68 -2.04 -4.99
C VAL A 45 0.69 -3.38 -4.26
N GLU A 46 1.83 -4.04 -4.28
CA GLU A 46 1.97 -5.32 -3.61
C GLU A 46 2.54 -5.10 -2.21
N VAL A 47 1.71 -5.29 -1.21
CA VAL A 47 2.10 -5.02 0.15
C VAL A 47 2.19 -6.32 0.96
N THR A 48 3.24 -6.43 1.75
CA THR A 48 3.39 -7.54 2.66
C THR A 48 3.28 -7.02 4.10
N ILE A 49 2.12 -7.21 4.71
CA ILE A 49 1.85 -6.66 6.03
C ILE A 49 1.63 -7.75 7.07
N ASP A 50 2.04 -7.45 8.29
CA ASP A 50 1.69 -8.30 9.42
C ASP A 50 0.24 -8.07 9.77
N SER A 51 -0.61 -8.98 9.30
CA SER A 51 -2.04 -8.83 9.44
C SER A 51 -2.51 -9.12 10.87
N SER A 52 -1.55 -9.30 11.77
CA SER A 52 -1.86 -9.47 13.17
C SER A 52 -1.88 -8.11 13.87
N VAL A 53 -1.30 -7.11 13.19
CA VAL A 53 -1.17 -5.78 13.75
C VAL A 53 -1.92 -4.76 12.90
N VAL A 54 -1.46 -4.57 11.68
CA VAL A 54 -2.11 -3.64 10.76
C VAL A 54 -3.01 -4.43 9.79
N THR A 55 -4.18 -3.88 9.48
CA THR A 55 -5.09 -4.57 8.57
C THR A 55 -4.94 -4.06 7.15
N LEU A 56 -5.50 -4.81 6.21
CA LEU A 56 -5.50 -4.39 4.81
C LEU A 56 -6.30 -3.10 4.67
N LYS A 57 -7.29 -2.95 5.53
CA LYS A 57 -8.12 -1.76 5.51
C LYS A 57 -7.31 -0.52 5.87
N ASP A 58 -6.45 -0.64 6.88
CA ASP A 58 -5.58 0.47 7.29
C ASP A 58 -4.75 0.94 6.10
N ILE A 59 -4.20 -0.04 5.38
CA ILE A 59 -3.37 0.24 4.21
C ILE A 59 -4.16 1.04 3.18
N VAL A 60 -5.30 0.52 2.78
CA VAL A 60 -6.14 1.16 1.78
C VAL A 60 -6.64 2.52 2.28
N ALA A 61 -7.03 2.57 3.55
CA ALA A 61 -7.56 3.80 4.15
C ALA A 61 -6.57 4.95 4.03
N VAL A 62 -5.29 4.64 4.25
CA VAL A 62 -4.24 5.65 4.12
C VAL A 62 -3.97 5.96 2.66
N ILE A 63 -3.87 4.92 1.84
CA ILE A 63 -3.61 5.07 0.41
C ILE A 63 -4.63 5.99 -0.25
N GLU A 64 -5.91 5.71 -0.03
CA GLU A 64 -6.98 6.46 -0.67
C GLU A 64 -6.96 7.92 -0.23
N ASP A 65 -6.56 8.16 1.01
CA ASP A 65 -6.55 9.52 1.56
C ASP A 65 -5.47 10.36 0.88
N GLN A 66 -4.47 9.70 0.33
CA GLN A 66 -3.38 10.38 -0.37
C GLN A 66 -3.85 10.89 -1.73
N GLY A 67 -4.99 10.40 -2.18
CA GLY A 67 -5.51 10.82 -3.47
C GLY A 67 -5.56 9.66 -4.45
N TYR A 68 -6.00 8.51 -3.96
CA TYR A 68 -6.09 7.31 -4.77
C TYR A 68 -7.39 6.58 -4.48
N ASP A 69 -7.79 5.70 -5.37
CA ASP A 69 -8.92 4.83 -5.15
C ASP A 69 -8.52 3.39 -5.34
N VAL A 70 -8.80 2.55 -4.35
CA VAL A 70 -8.36 1.17 -4.39
C VAL A 70 -9.53 0.21 -4.17
N GLN A 71 -9.77 -0.65 -5.15
CA GLN A 71 -10.86 -1.60 -5.06
C GLN A 71 -10.32 -2.99 -4.75
N SER A 1 1.71 -15.24 16.98
CA SER A 1 1.80 -13.82 17.37
C SER A 1 1.73 -12.93 16.14
N ASN A 2 2.56 -13.23 15.15
CA ASN A 2 2.63 -12.42 13.94
C ASN A 2 2.35 -13.28 12.71
N ALA A 3 1.97 -12.66 11.60
CA ALA A 3 1.68 -13.38 10.36
C ALA A 3 1.94 -12.52 9.14
N MET A 4 2.90 -12.92 8.31
CA MET A 4 3.24 -12.18 7.10
C MET A 4 2.30 -12.54 5.96
N GLU A 5 1.49 -11.57 5.54
CA GLU A 5 0.56 -11.76 4.45
C GLU A 5 0.95 -10.85 3.28
N GLN A 6 0.81 -11.35 2.07
CA GLN A 6 1.18 -10.58 0.88
C GLN A 6 -0.05 -10.31 0.03
N LEU A 7 -0.43 -9.04 -0.07
CA LEU A 7 -1.63 -8.65 -0.80
C LEU A 7 -1.28 -7.80 -2.01
N THR A 8 -2.26 -7.60 -2.87
CA THR A 8 -2.09 -6.78 -4.06
C THR A 8 -3.26 -5.80 -4.20
N LEU A 9 -2.96 -4.52 -4.17
CA LEU A 9 -3.97 -3.49 -4.29
C LEU A 9 -3.78 -2.70 -5.58
N GLN A 10 -4.88 -2.30 -6.19
CA GLN A 10 -4.83 -1.43 -7.35
C GLN A 10 -4.56 0.00 -6.90
N VAL A 11 -3.76 0.74 -7.66
CA VAL A 11 -3.48 2.12 -7.31
C VAL A 11 -3.96 3.07 -8.39
N GLU A 12 -5.09 3.73 -8.12
CA GLU A 12 -5.60 4.77 -8.98
C GLU A 12 -5.22 6.14 -8.43
N GLY A 13 -4.62 6.96 -9.26
CA GLY A 13 -4.19 8.28 -8.83
C GLY A 13 -2.73 8.54 -9.13
N MET A 14 -2.11 7.62 -9.87
CA MET A 14 -0.71 7.76 -10.25
C MET A 14 -0.54 8.92 -11.23
N SER A 15 0.68 9.45 -11.31
CA SER A 15 0.97 10.58 -12.17
C SER A 15 2.40 10.49 -12.71
N CYS A 16 3.36 10.76 -11.84
CA CYS A 16 4.76 10.66 -12.21
C CYS A 16 5.45 9.65 -11.29
N GLY A 17 6.77 9.58 -11.35
CA GLY A 17 7.50 8.62 -10.54
C GLY A 17 7.38 8.91 -9.05
N HIS A 18 7.04 10.14 -8.70
CA HIS A 18 6.95 10.55 -7.31
C HIS A 18 5.71 9.97 -6.63
N CYS A 19 4.67 9.70 -7.41
CA CYS A 19 3.44 9.14 -6.85
C CYS A 19 3.71 7.75 -6.30
N VAL A 20 4.71 7.09 -6.87
CA VAL A 20 5.15 5.78 -6.39
C VAL A 20 5.56 5.89 -4.93
N ASN A 21 6.47 6.81 -4.65
CA ASN A 21 6.94 7.06 -3.28
C ASN A 21 5.77 7.41 -2.37
N ALA A 22 4.86 8.23 -2.90
CA ALA A 22 3.70 8.68 -2.13
C ALA A 22 2.92 7.49 -1.57
N ILE A 23 2.42 6.63 -2.45
CA ILE A 23 1.65 5.48 -1.99
C ILE A 23 2.56 4.47 -1.30
N GLU A 24 3.80 4.36 -1.76
CA GLU A 24 4.79 3.48 -1.16
C GLU A 24 4.88 3.72 0.35
N SER A 25 5.15 4.97 0.72
CA SER A 25 5.26 5.31 2.13
C SER A 25 3.91 5.30 2.82
N SER A 26 2.84 5.64 2.10
CA SER A 26 1.51 5.62 2.68
C SER A 26 1.20 4.24 3.25
N VAL A 27 1.71 3.21 2.58
CA VAL A 27 1.63 1.86 3.10
C VAL A 27 2.77 1.60 4.09
N LYS A 28 3.99 1.85 3.64
CA LYS A 28 5.20 1.53 4.40
C LYS A 28 5.23 2.13 5.81
N GLU A 29 4.79 3.38 5.92
CA GLU A 29 4.80 4.08 7.21
C GLU A 29 3.90 3.38 8.22
N LEU A 30 2.83 2.80 7.72
CA LEU A 30 1.85 2.09 8.55
C LEU A 30 2.53 1.00 9.38
N ASN A 31 2.24 0.99 10.68
CA ASN A 31 2.84 0.02 11.59
C ASN A 31 2.29 -1.37 11.32
N GLY A 32 3.16 -2.26 10.89
CA GLY A 32 2.74 -3.61 10.57
C GLY A 32 3.05 -3.95 9.13
N VAL A 33 3.44 -2.94 8.37
CA VAL A 33 3.82 -3.13 6.99
C VAL A 33 5.32 -3.40 6.88
N GLU A 34 5.68 -4.40 6.08
CA GLU A 34 7.06 -4.78 5.92
C GLU A 34 7.65 -4.20 4.64
N GLN A 35 7.20 -4.71 3.51
CA GLN A 35 7.73 -4.29 2.22
C GLN A 35 6.62 -3.98 1.23
N VAL A 36 6.89 -3.00 0.37
CA VAL A 36 5.91 -2.58 -0.62
C VAL A 36 6.59 -2.40 -1.97
N LYS A 37 5.93 -2.86 -3.02
CA LYS A 37 6.44 -2.71 -4.36
C LYS A 37 5.37 -2.13 -5.28
N VAL A 38 5.40 -0.82 -5.45
CA VAL A 38 4.47 -0.14 -6.34
C VAL A 38 4.91 -0.31 -7.79
N GLN A 39 4.02 -0.87 -8.61
CA GLN A 39 4.33 -1.07 -10.02
C GLN A 39 3.60 -0.05 -10.87
N LEU A 40 4.35 0.94 -11.37
CA LEU A 40 3.79 2.05 -12.13
C LEU A 40 3.16 1.56 -13.44
N ALA A 41 3.84 0.63 -14.10
CA ALA A 41 3.40 0.15 -15.40
C ALA A 41 2.09 -0.62 -15.30
N GLU A 42 1.97 -1.44 -14.27
CA GLU A 42 0.79 -2.28 -14.11
C GLU A 42 -0.30 -1.54 -13.34
N GLY A 43 0.10 -0.59 -12.52
CA GLY A 43 -0.87 0.19 -11.77
C GLY A 43 -1.36 -0.55 -10.54
N THR A 44 -0.50 -1.41 -10.01
CA THR A 44 -0.83 -2.17 -8.81
C THR A 44 0.33 -2.13 -7.81
N VAL A 45 0.03 -2.44 -6.56
CA VAL A 45 1.05 -2.43 -5.52
C VAL A 45 1.05 -3.76 -4.76
N GLU A 46 2.21 -4.40 -4.69
CA GLU A 46 2.36 -5.59 -3.87
C GLU A 46 2.85 -5.20 -2.48
N VAL A 47 2.20 -5.70 -1.45
CA VAL A 47 2.56 -5.34 -0.09
C VAL A 47 2.66 -6.57 0.82
N THR A 48 3.76 -6.66 1.55
CA THR A 48 3.92 -7.68 2.57
C THR A 48 3.62 -7.07 3.94
N ILE A 49 2.50 -7.46 4.54
CA ILE A 49 2.08 -6.91 5.82
C ILE A 49 2.07 -7.99 6.89
N ASP A 50 1.95 -7.55 8.13
CA ASP A 50 1.69 -8.45 9.22
C ASP A 50 0.23 -8.31 9.60
N SER A 51 -0.59 -9.26 9.17
CA SER A 51 -2.04 -9.16 9.32
C SER A 51 -2.47 -9.49 10.74
N SER A 52 -1.50 -9.72 11.61
CA SER A 52 -1.78 -9.94 13.02
C SER A 52 -1.57 -8.64 13.80
N VAL A 53 -1.11 -7.61 13.09
CA VAL A 53 -0.85 -6.32 13.70
C VAL A 53 -1.69 -5.23 13.04
N VAL A 54 -1.43 -5.01 11.77
CA VAL A 54 -2.15 -3.99 11.02
C VAL A 54 -3.22 -4.65 10.14
N THR A 55 -4.26 -3.89 9.82
CA THR A 55 -5.29 -4.38 8.94
C THR A 55 -5.06 -3.79 7.56
N LEU A 56 -5.71 -4.35 6.55
CA LEU A 56 -5.60 -3.82 5.21
C LEU A 56 -6.42 -2.52 5.09
N LYS A 57 -7.50 -2.46 5.87
CA LYS A 57 -8.41 -1.33 5.81
C LYS A 57 -7.75 -0.06 6.33
N ASP A 58 -7.03 -0.17 7.45
CA ASP A 58 -6.32 0.98 8.02
C ASP A 58 -5.36 1.57 6.99
N ILE A 59 -4.58 0.70 6.38
CA ILE A 59 -3.63 1.12 5.35
C ILE A 59 -4.36 1.79 4.19
N VAL A 60 -5.35 1.10 3.64
CA VAL A 60 -6.14 1.62 2.53
C VAL A 60 -6.76 2.97 2.87
N ALA A 61 -7.28 3.09 4.09
CA ALA A 61 -7.88 4.34 4.55
C ALA A 61 -6.89 5.49 4.45
N VAL A 62 -5.65 5.24 4.87
CA VAL A 62 -4.59 6.23 4.78
C VAL A 62 -4.24 6.53 3.32
N ILE A 63 -4.16 5.47 2.52
CA ILE A 63 -3.79 5.61 1.11
C ILE A 63 -4.83 6.43 0.34
N GLU A 64 -6.10 6.11 0.53
CA GLU A 64 -7.16 6.81 -0.19
C GLU A 64 -7.28 8.25 0.30
N ASP A 65 -6.85 8.49 1.53
CA ASP A 65 -6.82 9.84 2.10
C ASP A 65 -5.80 10.71 1.39
N GLN A 66 -4.85 10.05 0.71
CA GLN A 66 -3.83 10.75 -0.08
C GLN A 66 -4.40 11.17 -1.43
N GLY A 67 -5.59 10.68 -1.75
CA GLY A 67 -6.21 10.99 -3.02
C GLY A 67 -6.21 9.81 -3.96
N TYR A 68 -5.71 8.67 -3.49
CA TYR A 68 -5.69 7.47 -4.31
C TYR A 68 -6.94 6.65 -4.11
N ASP A 69 -7.23 5.81 -5.09
CA ASP A 69 -8.30 4.82 -4.96
C ASP A 69 -7.71 3.44 -5.05
N VAL A 70 -7.62 2.78 -3.90
CA VAL A 70 -6.96 1.51 -3.83
C VAL A 70 -7.88 0.41 -3.30
N GLN A 71 -7.68 -0.78 -3.81
CA GLN A 71 -8.50 -1.92 -3.45
C GLN A 71 -7.68 -3.19 -3.60
N SER A 1 0.64 -15.08 16.54
CA SER A 1 1.95 -14.77 15.94
C SER A 1 1.77 -13.86 14.73
N ASN A 2 2.88 -13.37 14.21
CA ASN A 2 2.86 -12.46 13.07
C ASN A 2 2.29 -13.16 11.85
N ALA A 3 1.38 -12.48 11.16
CA ALA A 3 0.74 -13.05 9.99
C ALA A 3 1.10 -12.25 8.75
N MET A 4 2.11 -12.73 8.03
CA MET A 4 2.63 -12.00 6.90
C MET A 4 1.84 -12.34 5.64
N GLU A 5 0.89 -11.49 5.32
CA GLU A 5 0.04 -11.69 4.15
C GLU A 5 0.50 -10.79 3.01
N GLN A 6 0.66 -11.38 1.84
CA GLN A 6 1.06 -10.64 0.66
C GLN A 6 -0.16 -10.33 -0.19
N LEU A 7 -0.56 -9.07 -0.20
CA LEU A 7 -1.75 -8.65 -0.93
C LEU A 7 -1.39 -7.71 -2.06
N THR A 8 -2.12 -7.80 -3.16
CA THR A 8 -1.92 -6.93 -4.30
C THR A 8 -3.10 -5.96 -4.42
N LEU A 9 -2.87 -4.71 -4.04
CA LEU A 9 -3.92 -3.70 -4.06
C LEU A 9 -3.96 -3.02 -5.42
N GLN A 10 -5.15 -2.81 -5.95
CA GLN A 10 -5.31 -2.13 -7.22
C GLN A 10 -5.51 -0.64 -7.01
N VAL A 11 -4.59 0.15 -7.54
CA VAL A 11 -4.59 1.59 -7.34
C VAL A 11 -4.98 2.30 -8.62
N GLU A 12 -6.23 2.72 -8.68
CA GLU A 12 -6.74 3.37 -9.88
C GLU A 12 -6.72 4.89 -9.71
N GLY A 13 -5.92 5.54 -10.54
CA GLY A 13 -5.86 6.99 -10.52
C GLY A 13 -4.50 7.51 -10.10
N MET A 14 -3.43 6.90 -10.60
CA MET A 14 -2.06 7.30 -10.26
C MET A 14 -1.80 8.75 -10.62
N SER A 15 -0.91 9.39 -9.85
CA SER A 15 -0.59 10.79 -10.04
C SER A 15 0.43 10.99 -11.16
N CYS A 16 1.70 10.66 -10.88
CA CYS A 16 2.77 10.88 -11.85
C CYS A 16 4.01 10.03 -11.53
N GLY A 17 4.92 10.59 -10.73
CA GLY A 17 6.16 9.88 -10.44
C GLY A 17 6.53 9.92 -8.96
N HIS A 18 6.60 11.11 -8.38
CA HIS A 18 6.95 11.25 -6.96
C HIS A 18 5.93 10.54 -6.07
N CYS A 19 4.74 10.34 -6.62
CA CYS A 19 3.67 9.65 -5.91
C CYS A 19 4.08 8.22 -5.59
N VAL A 20 5.01 7.67 -6.35
CA VAL A 20 5.51 6.32 -6.13
C VAL A 20 6.08 6.18 -4.71
N ASN A 21 7.04 7.01 -4.37
CA ASN A 21 7.63 6.99 -3.03
C ASN A 21 6.63 7.48 -2.00
N ALA A 22 5.77 8.41 -2.41
CA ALA A 22 4.73 8.92 -1.51
C ALA A 22 3.82 7.80 -1.02
N ILE A 23 3.21 7.06 -1.95
CA ILE A 23 2.32 5.96 -1.58
C ILE A 23 3.11 4.81 -0.95
N GLU A 24 4.34 4.61 -1.42
CA GLU A 24 5.24 3.62 -0.84
C GLU A 24 5.39 3.84 0.65
N SER A 25 5.75 5.06 1.05
CA SER A 25 5.90 5.37 2.45
C SER A 25 4.56 5.45 3.16
N SER A 26 3.52 5.85 2.45
CA SER A 26 2.18 5.86 3.01
C SER A 26 1.85 4.50 3.59
N VAL A 27 2.30 3.45 2.91
CA VAL A 27 2.17 2.10 3.41
C VAL A 27 3.31 1.75 4.38
N LYS A 28 4.54 1.99 3.94
CA LYS A 28 5.74 1.59 4.69
C LYS A 28 5.80 2.20 6.09
N GLU A 29 5.42 3.46 6.22
CA GLU A 29 5.47 4.16 7.50
C GLU A 29 4.54 3.54 8.52
N LEU A 30 3.53 2.85 8.03
CA LEU A 30 2.56 2.18 8.91
C LEU A 30 3.21 0.99 9.59
N ASN A 31 3.03 0.87 10.89
CA ASN A 31 3.65 -0.21 11.65
C ASN A 31 2.99 -1.55 11.36
N GLY A 32 3.81 -2.53 11.01
CA GLY A 32 3.29 -3.84 10.69
C GLY A 32 3.46 -4.16 9.21
N VAL A 33 4.04 -3.22 8.48
CA VAL A 33 4.28 -3.41 7.06
C VAL A 33 5.70 -3.92 6.81
N GLU A 34 5.77 -5.07 6.16
CA GLU A 34 7.05 -5.70 5.87
C GLU A 34 7.69 -5.03 4.66
N GLN A 35 7.07 -5.21 3.51
CA GLN A 35 7.56 -4.68 2.27
C GLN A 35 6.41 -4.06 1.48
N VAL A 36 6.71 -3.04 0.72
CA VAL A 36 5.71 -2.38 -0.11
C VAL A 36 6.30 -2.04 -1.47
N LYS A 37 5.79 -2.67 -2.51
CA LYS A 37 6.23 -2.41 -3.87
C LYS A 37 5.09 -1.84 -4.70
N VAL A 38 5.10 -0.53 -4.89
CA VAL A 38 4.11 0.12 -5.71
C VAL A 38 4.51 0.08 -7.18
N GLN A 39 3.71 -0.60 -7.99
CA GLN A 39 3.97 -0.67 -9.42
C GLN A 39 3.20 0.42 -10.13
N LEU A 40 3.90 1.49 -10.48
CA LEU A 40 3.30 2.64 -11.13
C LEU A 40 2.73 2.24 -12.49
N ALA A 41 3.48 1.41 -13.21
CA ALA A 41 3.09 0.96 -14.54
C ALA A 41 1.77 0.18 -14.50
N GLU A 42 1.71 -0.82 -13.63
CA GLU A 42 0.52 -1.66 -13.50
C GLU A 42 -0.61 -0.90 -12.82
N GLY A 43 -0.26 -0.05 -11.88
CA GLY A 43 -1.27 0.63 -11.08
C GLY A 43 -1.70 -0.22 -9.91
N THR A 44 -0.77 -0.95 -9.34
CA THR A 44 -1.05 -1.83 -8.22
C THR A 44 0.09 -1.76 -7.20
N VAL A 45 -0.20 -2.17 -5.98
CA VAL A 45 0.82 -2.19 -4.94
C VAL A 45 0.86 -3.56 -4.27
N GLU A 46 2.02 -4.20 -4.34
CA GLU A 46 2.23 -5.48 -3.69
C GLU A 46 2.79 -5.25 -2.29
N VAL A 47 2.00 -5.57 -1.27
CA VAL A 47 2.39 -5.30 0.09
C VAL A 47 2.31 -6.56 0.94
N THR A 48 3.40 -6.87 1.63
CA THR A 48 3.40 -7.92 2.63
C THR A 48 3.17 -7.29 4.00
N ILE A 49 2.02 -7.55 4.59
CA ILE A 49 1.67 -6.95 5.86
C ILE A 49 1.56 -7.97 6.95
N ASP A 50 1.81 -7.55 8.17
CA ASP A 50 1.53 -8.36 9.34
C ASP A 50 0.11 -8.09 9.77
N SER A 51 -0.80 -8.93 9.32
CA SER A 51 -2.23 -8.71 9.53
C SER A 51 -2.63 -8.99 10.97
N SER A 52 -1.67 -9.45 11.77
CA SER A 52 -1.90 -9.64 13.20
C SER A 52 -1.67 -8.32 13.93
N VAL A 53 -1.05 -7.37 13.24
CA VAL A 53 -0.69 -6.09 13.83
C VAL A 53 -1.41 -4.95 13.11
N VAL A 54 -1.12 -4.77 11.83
CA VAL A 54 -1.77 -3.74 11.04
C VAL A 54 -2.85 -4.37 10.17
N THR A 55 -3.93 -3.65 9.90
CA THR A 55 -5.00 -4.17 9.09
C THR A 55 -4.87 -3.70 7.65
N LEU A 56 -5.48 -4.42 6.73
CA LEU A 56 -5.44 -4.05 5.32
C LEU A 56 -6.19 -2.75 5.09
N LYS A 57 -7.20 -2.51 5.94
CA LYS A 57 -7.99 -1.30 5.87
C LYS A 57 -7.09 -0.07 6.06
N ASP A 58 -6.13 -0.16 6.99
CA ASP A 58 -5.18 0.93 7.23
C ASP A 58 -4.47 1.29 5.94
N ILE A 59 -3.95 0.26 5.27
CA ILE A 59 -3.22 0.44 4.02
C ILE A 59 -4.10 1.13 2.98
N VAL A 60 -5.28 0.58 2.79
CA VAL A 60 -6.23 1.12 1.81
C VAL A 60 -6.60 2.57 2.13
N ALA A 61 -6.91 2.82 3.39
CA ALA A 61 -7.33 4.15 3.84
C ALA A 61 -6.28 5.21 3.51
N VAL A 62 -5.04 4.94 3.86
CA VAL A 62 -3.97 5.89 3.63
C VAL A 62 -3.72 6.09 2.12
N ILE A 63 -3.84 5.01 1.36
CA ILE A 63 -3.67 5.08 -0.08
C ILE A 63 -4.78 5.92 -0.73
N GLU A 64 -6.02 5.66 -0.35
CA GLU A 64 -7.15 6.40 -0.89
C GLU A 64 -7.12 7.85 -0.41
N ASP A 65 -6.50 8.07 0.74
CA ASP A 65 -6.32 9.40 1.29
C ASP A 65 -5.42 10.25 0.38
N GLN A 66 -4.57 9.57 -0.37
CA GLN A 66 -3.66 10.24 -1.30
C GLN A 66 -4.42 10.75 -2.53
N GLY A 67 -5.68 10.34 -2.65
CA GLY A 67 -6.47 10.72 -3.79
C GLY A 67 -6.60 9.61 -4.81
N TYR A 68 -6.53 8.38 -4.31
CA TYR A 68 -6.63 7.21 -5.16
C TYR A 68 -7.86 6.40 -4.79
N ASP A 69 -8.32 5.56 -5.69
CA ASP A 69 -9.45 4.68 -5.41
C ASP A 69 -8.98 3.23 -5.42
N VAL A 70 -9.11 2.58 -4.27
CA VAL A 70 -8.63 1.22 -4.12
C VAL A 70 -9.69 0.36 -3.45
N GLN A 71 -9.99 -0.78 -4.06
CA GLN A 71 -10.95 -1.75 -3.53
C GLN A 71 -12.37 -1.19 -3.63
N SER A 1 6.31 -10.26 12.47
CA SER A 1 6.17 -11.18 11.31
C SER A 1 5.19 -12.31 11.63
N ASN A 2 4.04 -11.93 12.18
CA ASN A 2 3.03 -12.89 12.56
C ASN A 2 1.85 -12.82 11.61
N ALA A 3 1.63 -13.89 10.86
CA ALA A 3 0.60 -13.93 9.81
C ALA A 3 0.88 -12.88 8.74
N MET A 4 1.76 -13.23 7.82
CA MET A 4 2.19 -12.29 6.79
C MET A 4 1.25 -12.33 5.59
N GLU A 5 0.38 -11.34 5.51
CA GLU A 5 -0.58 -11.26 4.41
C GLU A 5 0.01 -10.45 3.27
N GLN A 6 0.24 -11.10 2.14
CA GLN A 6 0.72 -10.42 0.95
C GLN A 6 -0.42 -10.17 -0.01
N LEU A 7 -0.74 -8.91 -0.25
CA LEU A 7 -1.86 -8.55 -1.11
C LEU A 7 -1.40 -7.60 -2.21
N THR A 8 -2.03 -7.73 -3.37
CA THR A 8 -1.76 -6.83 -4.48
C THR A 8 -2.98 -5.95 -4.73
N LEU A 9 -2.87 -4.69 -4.34
CA LEU A 9 -3.96 -3.75 -4.53
C LEU A 9 -3.75 -2.96 -5.81
N GLN A 10 -4.84 -2.70 -6.53
CA GLN A 10 -4.79 -1.83 -7.68
C GLN A 10 -4.88 -0.38 -7.21
N VAL A 11 -4.22 0.52 -7.90
CA VAL A 11 -4.22 1.91 -7.51
C VAL A 11 -4.52 2.83 -8.68
N GLU A 12 -5.69 3.45 -8.63
CA GLU A 12 -6.09 4.41 -9.64
C GLU A 12 -5.58 5.81 -9.29
N GLY A 13 -4.64 6.30 -10.09
CA GLY A 13 -4.11 7.63 -9.90
C GLY A 13 -2.71 7.75 -10.46
N MET A 14 -1.74 7.89 -9.56
CA MET A 14 -0.33 8.03 -9.91
C MET A 14 -0.07 9.28 -10.73
N SER A 15 1.15 9.38 -11.26
CA SER A 15 1.55 10.52 -12.07
C SER A 15 2.74 10.12 -12.95
N CYS A 16 3.90 10.00 -12.33
CA CYS A 16 5.09 9.52 -13.00
C CYS A 16 6.04 8.88 -12.00
N GLY A 17 6.41 9.65 -10.97
CA GLY A 17 7.32 9.14 -9.97
C GLY A 17 6.98 9.59 -8.56
N HIS A 18 6.45 10.81 -8.43
CA HIS A 18 6.16 11.37 -7.11
C HIS A 18 5.08 10.53 -6.39
N CYS A 19 3.99 10.25 -7.08
CA CYS A 19 2.91 9.44 -6.50
C CYS A 19 3.39 8.03 -6.18
N VAL A 20 4.42 7.59 -6.89
CA VAL A 20 4.97 6.25 -6.70
C VAL A 20 5.51 6.10 -5.28
N ASN A 21 6.43 6.95 -4.90
CA ASN A 21 7.03 6.90 -3.57
C ASN A 21 6.05 7.40 -2.52
N ALA A 22 5.10 8.23 -2.96
CA ALA A 22 4.06 8.72 -2.07
C ALA A 22 3.23 7.57 -1.53
N ILE A 23 2.63 6.78 -2.43
CA ILE A 23 1.81 5.66 -2.02
C ILE A 23 2.66 4.57 -1.36
N GLU A 24 3.89 4.41 -1.86
CA GLU A 24 4.83 3.46 -1.30
C GLU A 24 4.98 3.69 0.20
N SER A 25 5.27 4.93 0.60
CA SER A 25 5.38 5.24 2.01
C SER A 25 4.02 5.30 2.69
N SER A 26 2.98 5.68 1.96
CA SER A 26 1.65 5.75 2.54
C SER A 26 1.28 4.43 3.21
N VAL A 27 1.63 3.33 2.57
CA VAL A 27 1.46 2.02 3.19
C VAL A 27 2.65 1.68 4.09
N LYS A 28 3.85 1.96 3.61
CA LYS A 28 5.09 1.61 4.31
C LYS A 28 5.15 2.24 5.72
N GLU A 29 4.69 3.48 5.85
CA GLU A 29 4.70 4.18 7.14
C GLU A 29 3.84 3.46 8.16
N LEU A 30 2.88 2.70 7.66
CA LEU A 30 1.99 1.93 8.52
C LEU A 30 2.78 0.91 9.33
N ASN A 31 2.56 0.91 10.63
CA ASN A 31 3.26 0.01 11.54
C ASN A 31 2.79 -1.42 11.36
N GLY A 32 3.67 -2.26 10.84
CA GLY A 32 3.32 -3.64 10.58
C GLY A 32 3.42 -3.99 9.11
N VAL A 33 4.13 -3.17 8.35
CA VAL A 33 4.32 -3.41 6.94
C VAL A 33 5.73 -3.91 6.66
N GLU A 34 5.82 -5.09 6.06
CA GLU A 34 7.09 -5.72 5.78
C GLU A 34 7.76 -5.09 4.57
N GLN A 35 7.16 -5.26 3.40
CA GLN A 35 7.73 -4.73 2.17
C GLN A 35 6.65 -4.12 1.30
N VAL A 36 7.04 -3.15 0.49
CA VAL A 36 6.13 -2.51 -0.44
C VAL A 36 6.71 -2.50 -1.85
N LYS A 37 5.99 -3.08 -2.78
CA LYS A 37 6.38 -3.03 -4.18
C LYS A 37 5.35 -2.24 -4.97
N VAL A 38 5.61 -0.95 -5.15
CA VAL A 38 4.73 -0.12 -5.96
C VAL A 38 5.10 -0.25 -7.44
N GLN A 39 4.13 -0.63 -8.25
CA GLN A 39 4.36 -0.87 -9.66
C GLN A 39 3.79 0.26 -10.51
N LEU A 40 4.66 1.21 -10.87
CA LEU A 40 4.25 2.38 -11.64
C LEU A 40 3.73 1.97 -13.02
N ALA A 41 4.34 0.95 -13.59
CA ALA A 41 3.98 0.50 -14.93
C ALA A 41 2.68 -0.29 -14.93
N GLU A 42 2.37 -0.93 -13.82
CA GLU A 42 1.20 -1.82 -13.75
C GLU A 42 0.01 -1.15 -13.07
N GLY A 43 0.28 -0.11 -12.29
CA GLY A 43 -0.79 0.56 -11.57
C GLY A 43 -1.30 -0.26 -10.41
N THR A 44 -0.40 -1.06 -9.84
CA THR A 44 -0.75 -1.89 -8.69
C THR A 44 0.34 -1.79 -7.64
N VAL A 45 0.04 -2.26 -6.44
CA VAL A 45 1.00 -2.24 -5.34
C VAL A 45 0.98 -3.58 -4.61
N GLU A 46 2.15 -4.21 -4.51
CA GLU A 46 2.28 -5.47 -3.80
C GLU A 46 2.81 -5.22 -2.39
N VAL A 47 2.01 -5.52 -1.38
CA VAL A 47 2.40 -5.26 -0.01
C VAL A 47 2.27 -6.51 0.85
N THR A 48 3.35 -6.82 1.57
CA THR A 48 3.33 -7.89 2.55
C THR A 48 3.22 -7.28 3.94
N ILE A 49 2.15 -7.59 4.65
CA ILE A 49 1.90 -6.98 5.96
C ILE A 49 1.93 -8.01 7.08
N ASP A 50 2.11 -7.51 8.28
CA ASP A 50 1.92 -8.30 9.48
C ASP A 50 0.51 -8.10 9.97
N SER A 51 -0.34 -9.08 9.74
CA SER A 51 -1.77 -8.95 10.02
C SER A 51 -2.05 -9.11 11.51
N SER A 52 -1.01 -9.34 12.29
CA SER A 52 -1.15 -9.41 13.73
C SER A 52 -0.94 -8.03 14.35
N VAL A 53 -0.42 -7.12 13.55
CA VAL A 53 -0.13 -5.77 14.00
C VAL A 53 -1.00 -4.75 13.28
N VAL A 54 -0.89 -4.71 11.95
CA VAL A 54 -1.62 -3.74 11.15
C VAL A 54 -2.80 -4.41 10.45
N THR A 55 -3.81 -3.64 10.09
CA THR A 55 -4.95 -4.16 9.35
C THR A 55 -4.91 -3.67 7.91
N LEU A 56 -5.63 -4.35 7.03
CA LEU A 56 -5.70 -3.94 5.64
C LEU A 56 -6.49 -2.63 5.52
N LYS A 57 -7.51 -2.48 6.35
CA LYS A 57 -8.39 -1.33 6.28
C LYS A 57 -7.65 -0.05 6.62
N ASP A 58 -6.80 -0.10 7.65
CA ASP A 58 -6.00 1.07 8.03
C ASP A 58 -5.15 1.52 6.88
N ILE A 59 -4.56 0.56 6.18
CA ILE A 59 -3.74 0.84 5.02
C ILE A 59 -4.55 1.45 3.89
N VAL A 60 -5.66 0.80 3.55
CA VAL A 60 -6.55 1.29 2.49
C VAL A 60 -7.01 2.71 2.81
N ALA A 61 -7.37 2.95 4.06
CA ALA A 61 -7.81 4.26 4.52
C ALA A 61 -6.74 5.31 4.25
N VAL A 62 -5.53 5.08 4.74
CA VAL A 62 -4.44 6.03 4.61
C VAL A 62 -4.11 6.31 3.14
N ILE A 63 -4.06 5.25 2.33
CA ILE A 63 -3.72 5.38 0.93
C ILE A 63 -4.75 6.20 0.16
N GLU A 64 -6.02 5.87 0.31
CA GLU A 64 -7.08 6.58 -0.41
C GLU A 64 -7.17 8.01 0.08
N ASP A 65 -6.85 8.22 1.34
CA ASP A 65 -6.83 9.56 1.93
C ASP A 65 -5.77 10.43 1.25
N GLN A 66 -4.79 9.78 0.63
CA GLN A 66 -3.74 10.48 -0.09
C GLN A 66 -4.18 10.82 -1.51
N GLY A 67 -5.43 10.49 -1.84
CA GLY A 67 -5.96 10.80 -3.15
C GLY A 67 -5.75 9.67 -4.13
N TYR A 68 -6.02 8.45 -3.69
CA TYR A 68 -5.89 7.27 -4.54
C TYR A 68 -7.15 6.44 -4.46
N ASP A 69 -7.41 5.68 -5.50
CA ASP A 69 -8.49 4.70 -5.49
C ASP A 69 -7.90 3.31 -5.56
N VAL A 70 -7.81 2.64 -4.43
CA VAL A 70 -7.15 1.35 -4.37
C VAL A 70 -8.13 0.22 -4.08
N GLN A 71 -7.69 -1.00 -4.32
CA GLN A 71 -8.52 -2.18 -4.14
C GLN A 71 -7.66 -3.44 -4.15
N SER A 1 2.50 -15.21 16.53
CA SER A 1 2.46 -13.72 16.55
C SER A 1 2.99 -13.16 15.24
N ASN A 2 2.34 -12.11 14.76
CA ASN A 2 2.77 -11.41 13.54
C ASN A 2 2.78 -12.34 12.33
N ALA A 3 1.62 -12.53 11.72
CA ALA A 3 1.50 -13.35 10.53
C ALA A 3 1.68 -12.50 9.29
N MET A 4 2.69 -12.80 8.49
CA MET A 4 3.01 -12.01 7.31
C MET A 4 2.14 -12.42 6.13
N GLU A 5 1.40 -11.46 5.59
CA GLU A 5 0.53 -11.70 4.45
C GLU A 5 0.95 -10.83 3.26
N GLN A 6 0.82 -11.37 2.06
CA GLN A 6 1.12 -10.63 0.85
C GLN A 6 -0.15 -10.41 0.03
N LEU A 7 -0.52 -9.15 -0.14
CA LEU A 7 -1.73 -8.81 -0.87
C LEU A 7 -1.41 -7.91 -2.06
N THR A 8 -2.33 -7.83 -3.00
CA THR A 8 -2.19 -6.96 -4.16
C THR A 8 -3.30 -5.91 -4.18
N LEU A 9 -2.92 -4.66 -4.02
CA LEU A 9 -3.89 -3.57 -3.99
C LEU A 9 -3.92 -2.85 -5.33
N GLN A 10 -5.12 -2.59 -5.84
CA GLN A 10 -5.25 -1.84 -7.08
C GLN A 10 -5.37 -0.35 -6.79
N VAL A 11 -4.52 0.45 -7.43
CA VAL A 11 -4.45 1.87 -7.15
C VAL A 11 -4.92 2.68 -8.33
N GLU A 12 -6.11 3.26 -8.21
CA GLU A 12 -6.66 4.10 -9.27
C GLU A 12 -6.33 5.56 -9.01
N GLY A 13 -5.69 6.20 -9.98
CA GLY A 13 -5.39 7.62 -9.87
C GLY A 13 -3.94 7.89 -9.53
N MET A 14 -3.03 7.15 -10.15
CA MET A 14 -1.60 7.39 -9.96
C MET A 14 -1.14 8.59 -10.79
N SER A 15 -0.54 9.57 -10.12
CA SER A 15 -0.02 10.74 -10.80
C SER A 15 1.30 10.43 -11.51
N CYS A 16 1.76 9.19 -11.37
CA CYS A 16 3.00 8.71 -12.00
C CYS A 16 4.23 9.31 -11.31
N GLY A 17 5.39 8.71 -11.58
CA GLY A 17 6.66 9.21 -11.07
C GLY A 17 6.73 9.23 -9.56
N HIS A 18 6.64 10.43 -8.97
CA HIS A 18 6.79 10.61 -7.53
C HIS A 18 5.62 9.96 -6.78
N CYS A 19 4.59 9.59 -7.52
CA CYS A 19 3.47 8.85 -6.98
C CYS A 19 3.96 7.58 -6.27
N VAL A 20 5.01 6.99 -6.82
CA VAL A 20 5.61 5.76 -6.28
C VAL A 20 6.05 5.97 -4.82
N ASN A 21 7.00 6.87 -4.61
CA ASN A 21 7.55 7.12 -3.28
C ASN A 21 6.45 7.55 -2.31
N ALA A 22 5.51 8.34 -2.81
CA ALA A 22 4.40 8.82 -1.99
C ALA A 22 3.60 7.66 -1.41
N ILE A 23 3.04 6.83 -2.27
CA ILE A 23 2.19 5.73 -1.83
C ILE A 23 3.00 4.68 -1.09
N GLU A 24 4.25 4.48 -1.53
CA GLU A 24 5.15 3.54 -0.88
C GLU A 24 5.27 3.87 0.60
N SER A 25 5.47 5.14 0.91
CA SER A 25 5.56 5.57 2.29
C SER A 25 4.20 5.52 2.98
N SER A 26 3.14 5.83 2.24
CA SER A 26 1.80 5.77 2.80
C SER A 26 1.54 4.39 3.41
N VAL A 27 2.14 3.38 2.81
CA VAL A 27 2.10 2.05 3.40
C VAL A 27 3.20 1.89 4.45
N LYS A 28 4.45 2.16 4.06
CA LYS A 28 5.62 1.93 4.92
C LYS A 28 5.56 2.68 6.25
N GLU A 29 5.04 3.91 6.23
CA GLU A 29 4.95 4.72 7.43
C GLU A 29 4.02 4.09 8.45
N LEU A 30 3.18 3.19 7.98
CA LEU A 30 2.22 2.50 8.85
C LEU A 30 2.90 1.40 9.65
N ASN A 31 2.40 1.16 10.86
CA ASN A 31 2.91 0.11 11.71
C ASN A 31 2.36 -1.24 11.27
N GLY A 32 3.25 -2.20 11.08
CA GLY A 32 2.83 -3.53 10.66
C GLY A 32 3.09 -3.78 9.19
N VAL A 33 3.89 -2.92 8.58
CA VAL A 33 4.24 -3.09 7.19
C VAL A 33 5.67 -3.60 7.05
N GLU A 34 5.86 -4.56 6.16
CA GLU A 34 7.17 -5.17 5.95
C GLU A 34 7.81 -4.60 4.70
N GLN A 35 7.25 -4.94 3.55
CA GLN A 35 7.80 -4.52 2.26
C GLN A 35 6.67 -4.24 1.29
N VAL A 36 6.91 -3.30 0.39
CA VAL A 36 5.91 -2.94 -0.61
C VAL A 36 6.51 -2.93 -1.99
N LYS A 37 5.77 -3.47 -2.95
CA LYS A 37 6.16 -3.41 -4.34
C LYS A 37 5.12 -2.62 -5.10
N VAL A 38 5.35 -1.32 -5.22
CA VAL A 38 4.41 -0.46 -5.93
C VAL A 38 4.75 -0.41 -7.41
N GLN A 39 3.85 -0.92 -8.22
CA GLN A 39 4.03 -0.93 -9.67
C GLN A 39 3.32 0.27 -10.27
N LEU A 40 4.09 1.29 -10.64
CA LEU A 40 3.54 2.52 -11.19
C LEU A 40 2.83 2.23 -12.52
N ALA A 41 3.51 1.49 -13.38
CA ALA A 41 3.00 1.16 -14.71
C ALA A 41 1.73 0.32 -14.62
N GLU A 42 1.68 -0.57 -13.64
CA GLU A 42 0.55 -1.47 -13.48
C GLU A 42 -0.59 -0.77 -12.72
N GLY A 43 -0.23 0.09 -11.78
CA GLY A 43 -1.22 0.74 -10.95
C GLY A 43 -1.64 -0.15 -9.81
N THR A 44 -0.73 -0.98 -9.35
CA THR A 44 -1.01 -1.89 -8.24
C THR A 44 0.18 -1.97 -7.29
N VAL A 45 -0.08 -2.31 -6.04
CA VAL A 45 0.96 -2.42 -5.04
C VAL A 45 0.91 -3.79 -4.34
N GLU A 46 2.01 -4.52 -4.44
CA GLU A 46 2.15 -5.79 -3.74
C GLU A 46 2.73 -5.54 -2.35
N VAL A 47 1.92 -5.74 -1.31
CA VAL A 47 2.34 -5.39 0.03
C VAL A 47 2.44 -6.61 0.93
N THR A 48 3.51 -6.67 1.71
CA THR A 48 3.66 -7.66 2.76
C THR A 48 3.39 -7.03 4.11
N ILE A 49 2.32 -7.45 4.76
CA ILE A 49 1.91 -6.84 6.02
C ILE A 49 1.86 -7.83 7.17
N ASP A 50 1.98 -7.31 8.37
CA ASP A 50 1.70 -8.05 9.58
C ASP A 50 0.20 -8.07 9.79
N SER A 51 -0.45 -9.14 9.38
CA SER A 51 -1.91 -9.22 9.45
C SER A 51 -2.40 -9.27 10.89
N SER A 52 -1.45 -9.44 11.81
CA SER A 52 -1.75 -9.45 13.23
C SER A 52 -1.71 -8.03 13.79
N VAL A 53 -1.29 -7.08 12.96
CA VAL A 53 -1.13 -5.71 13.40
C VAL A 53 -1.93 -4.75 12.52
N VAL A 54 -1.57 -4.67 11.25
CA VAL A 54 -2.23 -3.76 10.34
C VAL A 54 -3.14 -4.55 9.39
N THR A 55 -4.33 -4.03 9.13
CA THR A 55 -5.25 -4.70 8.22
C THR A 55 -5.09 -4.14 6.82
N LEU A 56 -5.64 -4.85 5.84
CA LEU A 56 -5.54 -4.43 4.45
C LEU A 56 -6.21 -3.08 4.26
N LYS A 57 -7.36 -2.88 4.91
CA LYS A 57 -8.11 -1.64 4.76
C LYS A 57 -7.34 -0.48 5.37
N ASP A 58 -6.54 -0.73 6.42
CA ASP A 58 -5.70 0.32 6.99
C ASP A 58 -4.80 0.91 5.92
N ILE A 59 -4.10 0.02 5.22
CA ILE A 59 -3.23 0.40 4.12
C ILE A 59 -4.02 1.20 3.10
N VAL A 60 -5.15 0.65 2.68
CA VAL A 60 -6.01 1.29 1.69
C VAL A 60 -6.48 2.67 2.16
N ALA A 61 -6.90 2.75 3.42
CA ALA A 61 -7.44 3.99 3.98
C ALA A 61 -6.44 5.12 3.88
N VAL A 62 -5.18 4.83 4.20
CA VAL A 62 -4.13 5.84 4.12
C VAL A 62 -3.83 6.17 2.66
N ILE A 63 -3.88 5.17 1.80
CA ILE A 63 -3.65 5.36 0.37
C ILE A 63 -4.76 6.21 -0.25
N GLU A 64 -6.00 5.97 0.17
CA GLU A 64 -7.14 6.72 -0.35
C GLU A 64 -7.12 8.15 0.17
N ASP A 65 -6.75 8.30 1.44
CA ASP A 65 -6.62 9.63 2.04
C ASP A 65 -5.53 10.42 1.35
N GLN A 66 -4.66 9.70 0.65
CA GLN A 66 -3.57 10.29 -0.11
C GLN A 66 -4.07 10.77 -1.47
N GLY A 67 -5.35 10.54 -1.75
CA GLY A 67 -5.94 10.99 -2.99
C GLY A 67 -6.06 9.87 -4.01
N TYR A 68 -5.94 8.63 -3.56
CA TYR A 68 -6.04 7.50 -4.46
C TYR A 68 -7.33 6.73 -4.27
N ASP A 69 -7.73 6.00 -5.29
CA ASP A 69 -8.92 5.17 -5.22
C ASP A 69 -8.53 3.70 -5.21
N VAL A 70 -8.64 3.07 -4.06
CA VAL A 70 -8.26 1.67 -3.91
C VAL A 70 -9.42 0.86 -3.33
N GLN A 71 -9.78 -0.22 -4.00
CA GLN A 71 -10.88 -1.06 -3.57
C GLN A 71 -10.54 -2.54 -3.79
N SER A 1 6.53 -9.74 14.42
CA SER A 1 5.63 -10.29 13.38
C SER A 1 4.98 -11.59 13.88
N ASN A 2 3.71 -11.75 13.55
CA ASN A 2 2.93 -12.89 14.02
C ASN A 2 2.29 -13.60 12.83
N ALA A 3 1.81 -12.82 11.88
CA ALA A 3 1.11 -13.36 10.72
C ALA A 3 1.22 -12.39 9.56
N MET A 4 2.11 -12.69 8.62
CA MET A 4 2.34 -11.78 7.50
C MET A 4 1.68 -12.30 6.22
N GLU A 5 0.76 -11.49 5.70
CA GLU A 5 0.03 -11.81 4.49
C GLU A 5 0.62 -11.06 3.30
N GLN A 6 0.51 -11.66 2.12
CA GLN A 6 0.90 -11.01 0.88
C GLN A 6 -0.35 -10.50 0.17
N LEU A 7 -0.41 -9.19 -0.06
CA LEU A 7 -1.60 -8.58 -0.65
C LEU A 7 -1.25 -7.75 -1.87
N THR A 8 -2.12 -7.80 -2.89
CA THR A 8 -1.95 -7.02 -4.09
C THR A 8 -3.12 -6.03 -4.22
N LEU A 9 -2.85 -4.76 -3.95
CA LEU A 9 -3.88 -3.74 -3.97
C LEU A 9 -3.99 -3.09 -5.35
N GLN A 10 -5.21 -2.92 -5.82
CA GLN A 10 -5.46 -2.26 -7.10
C GLN A 10 -5.61 -0.75 -6.86
N VAL A 11 -4.67 0.01 -7.38
CA VAL A 11 -4.62 1.43 -7.13
C VAL A 11 -4.93 2.24 -8.38
N GLU A 12 -6.13 2.78 -8.46
CA GLU A 12 -6.51 3.60 -9.59
C GLU A 12 -6.46 5.07 -9.20
N GLY A 13 -5.79 5.86 -10.02
CA GLY A 13 -5.67 7.28 -9.75
C GLY A 13 -4.22 7.73 -9.62
N MET A 14 -3.32 7.04 -10.32
CA MET A 14 -1.90 7.37 -10.28
C MET A 14 -1.65 8.74 -10.90
N SER A 15 -0.97 9.61 -10.15
CA SER A 15 -0.71 10.96 -10.61
C SER A 15 0.65 11.06 -11.31
N CYS A 16 1.73 11.09 -10.53
CA CYS A 16 3.06 11.28 -11.10
C CYS A 16 4.10 10.45 -10.36
N GLY A 17 5.37 10.64 -10.71
CA GLY A 17 6.44 9.83 -10.18
C GLY A 17 6.68 10.04 -8.70
N HIS A 18 6.55 11.29 -8.23
CA HIS A 18 6.75 11.57 -6.81
C HIS A 18 5.64 10.93 -5.99
N CYS A 19 4.47 10.81 -6.58
CA CYS A 19 3.34 10.18 -5.92
C CYS A 19 3.62 8.70 -5.68
N VAL A 20 4.47 8.13 -6.52
CA VAL A 20 4.91 6.74 -6.38
C VAL A 20 5.67 6.56 -5.07
N ASN A 21 6.61 7.46 -4.82
CA ASN A 21 7.41 7.43 -3.59
C ASN A 21 6.52 7.68 -2.38
N ALA A 22 5.60 8.64 -2.54
CA ALA A 22 4.68 9.01 -1.47
C ALA A 22 3.84 7.82 -1.02
N ILE A 23 3.14 7.19 -1.95
CA ILE A 23 2.26 6.07 -1.62
C ILE A 23 3.07 4.91 -1.06
N GLU A 24 4.25 4.69 -1.62
CA GLU A 24 5.14 3.63 -1.17
C GLU A 24 5.39 3.73 0.34
N SER A 25 5.90 4.87 0.79
CA SER A 25 6.19 5.05 2.20
C SER A 25 4.93 5.20 3.03
N SER A 26 3.87 5.74 2.44
CA SER A 26 2.61 5.85 3.14
C SER A 26 2.16 4.47 3.63
N VAL A 27 2.49 3.45 2.86
CA VAL A 27 2.28 2.07 3.29
C VAL A 27 3.43 1.61 4.21
N LYS A 28 4.66 1.91 3.79
CA LYS A 28 5.86 1.45 4.49
C LYS A 28 5.91 1.96 5.93
N GLU A 29 5.57 3.23 6.13
CA GLU A 29 5.64 3.87 7.45
C GLU A 29 4.68 3.23 8.43
N LEU A 30 3.68 2.57 7.90
CA LEU A 30 2.70 1.88 8.74
C LEU A 30 3.33 0.71 9.49
N ASN A 31 2.91 0.50 10.72
CA ASN A 31 3.48 -0.55 11.56
C ASN A 31 2.93 -1.90 11.15
N GLY A 32 3.83 -2.87 10.98
CA GLY A 32 3.41 -4.19 10.56
C GLY A 32 3.71 -4.43 9.10
N VAL A 33 4.07 -3.37 8.39
CA VAL A 33 4.41 -3.48 6.98
C VAL A 33 5.88 -3.84 6.82
N GLU A 34 6.10 -4.96 6.14
CA GLU A 34 7.45 -5.46 5.92
C GLU A 34 8.05 -4.83 4.67
N GLN A 35 7.50 -5.21 3.53
CA GLN A 35 7.99 -4.72 2.25
C GLN A 35 6.82 -4.28 1.39
N VAL A 36 7.00 -3.16 0.71
CA VAL A 36 5.97 -2.62 -0.15
C VAL A 36 6.57 -2.23 -1.49
N LYS A 37 6.00 -2.72 -2.57
CA LYS A 37 6.45 -2.35 -3.89
C LYS A 37 5.29 -1.81 -4.72
N VAL A 38 5.33 -0.51 -4.97
CA VAL A 38 4.31 0.12 -5.78
C VAL A 38 4.67 0.02 -7.26
N GLN A 39 3.74 -0.51 -8.04
CA GLN A 39 3.95 -0.73 -9.45
C GLN A 39 3.20 0.32 -10.25
N LEU A 40 3.90 1.39 -10.58
CA LEU A 40 3.30 2.53 -11.27
C LEU A 40 2.79 2.11 -12.64
N ALA A 41 3.53 1.23 -13.28
CA ALA A 41 3.22 0.76 -14.64
C ALA A 41 1.87 0.05 -14.70
N GLU A 42 1.48 -0.60 -13.61
CA GLU A 42 0.25 -1.39 -13.60
C GLU A 42 -0.88 -0.70 -12.84
N GLY A 43 -0.51 0.07 -11.82
CA GLY A 43 -1.51 0.67 -10.97
C GLY A 43 -1.83 -0.23 -9.80
N THR A 44 -0.82 -0.92 -9.29
CA THR A 44 -1.00 -1.80 -8.16
C THR A 44 0.12 -1.63 -7.13
N VAL A 45 -0.15 -2.08 -5.92
CA VAL A 45 0.84 -2.06 -4.86
C VAL A 45 0.81 -3.40 -4.13
N GLU A 46 1.89 -4.16 -4.23
CA GLU A 46 1.98 -5.43 -3.52
C GLU A 46 2.74 -5.22 -2.22
N VAL A 47 2.10 -5.60 -1.11
CA VAL A 47 2.66 -5.36 0.20
C VAL A 47 2.62 -6.62 1.05
N THR A 48 3.65 -6.82 1.85
CA THR A 48 3.64 -7.88 2.86
C THR A 48 3.35 -7.26 4.22
N ILE A 49 2.15 -7.49 4.74
CA ILE A 49 1.75 -6.87 5.99
C ILE A 49 1.52 -7.92 7.06
N ASP A 50 1.81 -7.56 8.30
CA ASP A 50 1.47 -8.40 9.42
C ASP A 50 0.03 -8.14 9.82
N SER A 51 -0.85 -9.06 9.43
CA SER A 51 -2.29 -8.86 9.56
C SER A 51 -2.74 -8.99 11.01
N SER A 52 -1.80 -9.33 11.88
CA SER A 52 -2.07 -9.41 13.30
C SER A 52 -1.92 -8.04 13.94
N VAL A 53 -1.46 -7.08 13.14
CA VAL A 53 -1.26 -5.72 13.59
C VAL A 53 -1.98 -4.74 12.67
N VAL A 54 -1.50 -4.66 11.43
CA VAL A 54 -2.08 -3.76 10.44
C VAL A 54 -3.05 -4.53 9.54
N THR A 55 -4.20 -3.93 9.26
CA THR A 55 -5.20 -4.57 8.42
C THR A 55 -5.11 -4.03 6.99
N LEU A 56 -6.03 -4.45 6.13
CA LEU A 56 -6.04 -3.94 4.76
C LEU A 56 -6.52 -2.51 4.79
N LYS A 57 -7.57 -2.27 5.57
CA LYS A 57 -8.19 -0.96 5.65
C LYS A 57 -7.17 0.13 5.97
N ASP A 58 -6.21 -0.18 6.83
CA ASP A 58 -5.13 0.75 7.15
C ASP A 58 -4.41 1.17 5.88
N ILE A 59 -3.97 0.17 5.12
CA ILE A 59 -3.25 0.40 3.87
C ILE A 59 -4.17 1.08 2.86
N VAL A 60 -5.37 0.53 2.71
CA VAL A 60 -6.35 1.03 1.75
C VAL A 60 -6.67 2.50 2.02
N ALA A 61 -7.07 2.80 3.25
CA ALA A 61 -7.47 4.15 3.62
C ALA A 61 -6.33 5.15 3.49
N VAL A 62 -5.15 4.78 3.95
CA VAL A 62 -4.00 5.68 3.91
C VAL A 62 -3.61 5.98 2.46
N ILE A 63 -3.82 4.99 1.59
CA ILE A 63 -3.60 5.17 0.16
C ILE A 63 -4.66 6.09 -0.45
N GLU A 64 -5.92 5.73 -0.27
CA GLU A 64 -7.02 6.44 -0.92
C GLU A 64 -7.05 7.91 -0.54
N ASP A 65 -6.68 8.21 0.70
CA ASP A 65 -6.69 9.58 1.22
C ASP A 65 -5.74 10.48 0.43
N GLN A 66 -4.73 9.89 -0.18
CA GLN A 66 -3.74 10.65 -0.95
C GLN A 66 -4.32 11.10 -2.29
N GLY A 67 -5.49 10.59 -2.62
CA GLY A 67 -6.10 10.89 -3.89
C GLY A 67 -6.17 9.67 -4.79
N TYR A 68 -6.39 8.52 -4.20
CA TYR A 68 -6.46 7.27 -4.95
C TYR A 68 -7.75 6.53 -4.68
N ASP A 69 -7.98 5.47 -5.43
CA ASP A 69 -9.12 4.59 -5.21
C ASP A 69 -8.66 3.15 -5.28
N VAL A 70 -8.88 2.40 -4.21
CA VAL A 70 -8.43 1.02 -4.14
C VAL A 70 -9.62 0.08 -3.95
N GLN A 71 -9.67 -0.95 -4.77
CA GLN A 71 -10.77 -1.91 -4.71
C GLN A 71 -10.21 -3.33 -4.68
N SER A 1 0.30 -15.18 16.41
CA SER A 1 1.13 -14.02 16.78
C SER A 1 1.29 -13.07 15.59
N ASN A 2 1.62 -13.62 14.43
CA ASN A 2 1.76 -12.84 13.22
C ASN A 2 0.96 -13.44 12.09
N ALA A 3 0.69 -12.66 11.07
CA ALA A 3 0.01 -13.14 9.87
C ALA A 3 0.35 -12.26 8.68
N MET A 4 1.28 -12.75 7.88
CA MET A 4 1.78 -11.98 6.74
C MET A 4 0.77 -12.01 5.60
N GLU A 5 0.28 -10.83 5.23
CA GLU A 5 -0.69 -10.70 4.15
C GLU A 5 -0.03 -10.16 2.89
N GLN A 6 0.07 -10.99 1.87
CA GLN A 6 0.56 -10.56 0.58
C GLN A 6 -0.61 -10.07 -0.26
N LEU A 7 -0.73 -8.76 -0.39
CA LEU A 7 -1.88 -8.17 -1.04
C LEU A 7 -1.46 -7.36 -2.27
N THR A 8 -2.19 -7.54 -3.36
CA THR A 8 -1.99 -6.73 -4.55
C THR A 8 -3.12 -5.72 -4.69
N LEU A 9 -2.81 -4.47 -4.39
CA LEU A 9 -3.82 -3.41 -4.42
C LEU A 9 -3.81 -2.71 -5.77
N GLN A 10 -4.98 -2.62 -6.39
CA GLN A 10 -5.10 -1.88 -7.64
C GLN A 10 -5.25 -0.39 -7.34
N VAL A 11 -4.42 0.42 -7.97
CA VAL A 11 -4.37 1.84 -7.65
C VAL A 11 -5.05 2.67 -8.73
N GLU A 12 -6.24 3.16 -8.41
CA GLU A 12 -6.94 4.08 -9.28
C GLU A 12 -6.59 5.51 -8.90
N GLY A 13 -5.90 6.21 -9.79
CA GLY A 13 -5.56 7.58 -9.54
C GLY A 13 -4.06 7.83 -9.53
N MET A 14 -3.33 7.09 -10.36
CA MET A 14 -1.88 7.27 -10.50
C MET A 14 -1.59 8.64 -11.11
N SER A 15 -0.57 9.31 -10.58
CA SER A 15 -0.17 10.61 -11.10
C SER A 15 0.85 10.44 -12.22
N CYS A 16 2.13 10.34 -11.87
CA CYS A 16 3.19 10.18 -12.86
C CYS A 16 4.35 9.37 -12.27
N GLY A 17 5.14 9.98 -11.41
CA GLY A 17 6.29 9.30 -10.84
C GLY A 17 6.41 9.47 -9.34
N HIS A 18 6.29 10.71 -8.87
CA HIS A 18 6.49 11.00 -7.44
C HIS A 18 5.37 10.37 -6.61
N CYS A 19 4.29 9.99 -7.29
CA CYS A 19 3.16 9.35 -6.65
C CYS A 19 3.59 8.01 -6.04
N VAL A 20 4.57 7.37 -6.68
CA VAL A 20 5.11 6.10 -6.20
C VAL A 20 5.75 6.28 -4.83
N ASN A 21 6.70 7.21 -4.77
CA ASN A 21 7.37 7.56 -3.52
C ASN A 21 6.36 7.82 -2.41
N ALA A 22 5.38 8.66 -2.72
CA ALA A 22 4.34 9.03 -1.77
C ALA A 22 3.62 7.80 -1.23
N ILE A 23 2.94 7.06 -2.10
CA ILE A 23 2.13 5.93 -1.67
C ILE A 23 2.98 4.83 -1.04
N GLU A 24 4.17 4.61 -1.59
CA GLU A 24 5.08 3.60 -1.07
C GLU A 24 5.34 3.81 0.41
N SER A 25 5.80 5.01 0.76
CA SER A 25 6.09 5.30 2.15
C SER A 25 4.83 5.45 2.96
N SER A 26 3.74 5.92 2.34
CA SER A 26 2.47 6.03 3.04
C SER A 26 2.11 4.69 3.67
N VAL A 27 2.43 3.62 2.96
CA VAL A 27 2.27 2.28 3.50
C VAL A 27 3.45 1.89 4.39
N LYS A 28 4.67 2.14 3.90
CA LYS A 28 5.89 1.68 4.56
C LYS A 28 6.08 2.32 5.94
N GLU A 29 5.61 3.56 6.10
CA GLU A 29 5.71 4.25 7.38
C GLU A 29 4.82 3.61 8.42
N LEU A 30 3.78 2.94 7.95
CA LEU A 30 2.83 2.29 8.84
C LEU A 30 3.47 1.14 9.61
N ASN A 31 3.10 1.01 10.88
CA ASN A 31 3.64 -0.05 11.74
C ASN A 31 2.99 -1.39 11.43
N GLY A 32 3.80 -2.37 11.05
CA GLY A 32 3.29 -3.68 10.73
C GLY A 32 3.45 -3.98 9.26
N VAL A 33 4.18 -3.12 8.56
CA VAL A 33 4.39 -3.27 7.14
C VAL A 33 5.79 -3.77 6.88
N GLU A 34 5.84 -4.97 6.35
CA GLU A 34 7.10 -5.65 6.08
C GLU A 34 7.75 -5.07 4.82
N GLN A 35 6.96 -4.95 3.76
CA GLN A 35 7.47 -4.47 2.49
C GLN A 35 6.33 -3.91 1.65
N VAL A 36 6.68 -3.11 0.66
CA VAL A 36 5.70 -2.47 -0.21
C VAL A 36 6.34 -2.04 -1.52
N LYS A 37 5.88 -2.62 -2.63
CA LYS A 37 6.40 -2.27 -3.94
C LYS A 37 5.30 -1.71 -4.82
N VAL A 38 5.44 -0.45 -5.19
CA VAL A 38 4.47 0.20 -6.06
C VAL A 38 4.92 0.10 -7.51
N GLN A 39 4.16 -0.61 -8.32
CA GLN A 39 4.50 -0.75 -9.73
C GLN A 39 3.73 0.29 -10.55
N LEU A 40 4.45 1.26 -11.09
CA LEU A 40 3.84 2.33 -11.86
C LEU A 40 3.28 1.79 -13.18
N ALA A 41 4.01 0.88 -13.80
CA ALA A 41 3.60 0.30 -15.07
C ALA A 41 2.34 -0.54 -14.89
N GLU A 42 2.28 -1.27 -13.78
CA GLU A 42 1.14 -2.13 -13.49
C GLU A 42 -0.03 -1.32 -12.95
N GLY A 43 0.28 -0.28 -12.19
CA GLY A 43 -0.76 0.50 -11.55
C GLY A 43 -1.27 -0.19 -10.30
N THR A 44 -0.44 -1.07 -9.77
CA THR A 44 -0.79 -1.83 -8.58
C THR A 44 0.34 -1.80 -7.57
N VAL A 45 0.03 -2.11 -6.33
CA VAL A 45 1.02 -2.15 -5.28
C VAL A 45 1.00 -3.49 -4.58
N GLU A 46 2.14 -4.18 -4.55
CA GLU A 46 2.25 -5.43 -3.83
C GLU A 46 2.77 -5.16 -2.42
N VAL A 47 1.90 -5.34 -1.44
CA VAL A 47 2.23 -5.05 -0.05
C VAL A 47 2.18 -6.33 0.78
N THR A 48 3.15 -6.49 1.67
CA THR A 48 3.15 -7.59 2.61
C THR A 48 3.14 -7.04 4.04
N ILE A 49 2.02 -7.20 4.72
CA ILE A 49 1.86 -6.66 6.06
C ILE A 49 1.66 -7.79 7.07
N ASP A 50 1.69 -7.43 8.34
CA ASP A 50 1.29 -8.33 9.41
C ASP A 50 -0.08 -7.93 9.88
N SER A 51 -1.09 -8.72 9.53
CA SER A 51 -2.47 -8.39 9.85
C SER A 51 -2.74 -8.58 11.34
N SER A 52 -1.77 -9.14 12.05
CA SER A 52 -1.88 -9.29 13.49
C SER A 52 -1.31 -8.06 14.18
N VAL A 53 -0.88 -7.10 13.37
CA VAL A 53 -0.38 -5.84 13.86
C VAL A 53 -1.12 -4.68 13.19
N VAL A 54 -1.00 -4.61 11.87
CA VAL A 54 -1.70 -3.61 11.10
C VAL A 54 -2.75 -4.30 10.22
N THR A 55 -3.95 -3.75 10.16
CA THR A 55 -5.01 -4.36 9.37
C THR A 55 -4.87 -3.98 7.90
N LEU A 56 -5.42 -4.80 7.03
CA LEU A 56 -5.32 -4.55 5.60
C LEU A 56 -6.12 -3.32 5.19
N LYS A 57 -7.22 -3.07 5.90
CA LYS A 57 -8.05 -1.92 5.60
C LYS A 57 -7.32 -0.62 5.94
N ASP A 58 -6.50 -0.64 6.99
CA ASP A 58 -5.70 0.54 7.34
C ASP A 58 -4.77 0.90 6.20
N ILE A 59 -4.14 -0.11 5.62
CA ILE A 59 -3.27 0.08 4.47
C ILE A 59 -4.03 0.76 3.33
N VAL A 60 -5.17 0.16 2.97
CA VAL A 60 -6.00 0.68 1.89
C VAL A 60 -6.51 2.09 2.21
N ALA A 61 -6.99 2.27 3.43
CA ALA A 61 -7.55 3.55 3.87
C ALA A 61 -6.54 4.68 3.73
N VAL A 62 -5.33 4.45 4.21
CA VAL A 62 -4.27 5.44 4.10
C VAL A 62 -4.00 5.77 2.63
N ILE A 63 -3.89 4.74 1.81
CA ILE A 63 -3.67 4.91 0.38
C ILE A 63 -4.80 5.74 -0.24
N GLU A 64 -6.04 5.39 0.07
CA GLU A 64 -7.20 6.08 -0.48
C GLU A 64 -7.21 7.54 -0.02
N ASP A 65 -6.92 7.74 1.25
CA ASP A 65 -6.93 9.07 1.84
C ASP A 65 -5.87 9.97 1.20
N GLN A 66 -4.82 9.35 0.67
CA GLN A 66 -3.74 10.09 0.00
C GLN A 66 -4.15 10.54 -1.40
N GLY A 67 -5.39 10.27 -1.77
CA GLY A 67 -5.90 10.70 -3.06
C GLY A 67 -5.98 9.57 -4.06
N TYR A 68 -6.17 8.35 -3.56
CA TYR A 68 -6.26 7.18 -4.42
C TYR A 68 -7.56 6.44 -4.16
N ASP A 69 -7.92 5.56 -5.07
CA ASP A 69 -9.11 4.74 -4.90
C ASP A 69 -8.74 3.28 -5.15
N VAL A 70 -8.86 2.46 -4.13
CA VAL A 70 -8.42 1.08 -4.21
C VAL A 70 -9.54 0.12 -3.86
N GLN A 71 -9.91 -0.71 -4.82
CA GLN A 71 -10.93 -1.72 -4.61
C GLN A 71 -10.29 -3.10 -4.54
N SER A 1 2.12 -12.43 18.00
CA SER A 1 2.29 -13.29 16.82
C SER A 1 2.37 -12.44 15.55
N ASN A 2 2.58 -13.09 14.42
CA ASN A 2 2.73 -12.39 13.14
C ASN A 2 2.02 -13.15 12.04
N ALA A 3 1.52 -12.41 11.06
CA ALA A 3 0.86 -13.01 9.91
C ALA A 3 1.27 -12.28 8.64
N MET A 4 2.09 -12.93 7.82
CA MET A 4 2.60 -12.30 6.60
C MET A 4 1.59 -12.40 5.46
N GLU A 5 0.79 -11.37 5.31
CA GLU A 5 -0.19 -11.31 4.22
C GLU A 5 0.35 -10.44 3.09
N GLN A 6 0.51 -11.04 1.92
CA GLN A 6 0.94 -10.29 0.75
C GLN A 6 -0.27 -9.84 -0.05
N LEU A 7 -0.57 -8.55 0.03
CA LEU A 7 -1.72 -7.99 -0.64
C LEU A 7 -1.34 -7.44 -2.01
N THR A 8 -2.31 -7.43 -2.90
CA THR A 8 -2.13 -6.89 -4.24
C THR A 8 -3.31 -6.00 -4.60
N LEU A 9 -3.13 -4.70 -4.54
CA LEU A 9 -4.21 -3.76 -4.80
C LEU A 9 -3.97 -2.95 -6.05
N GLN A 10 -5.04 -2.64 -6.77
CA GLN A 10 -4.94 -1.79 -7.96
C GLN A 10 -4.95 -0.33 -7.54
N VAL A 11 -4.24 0.49 -8.28
CA VAL A 11 -4.06 1.90 -7.93
C VAL A 11 -4.69 2.81 -8.98
N GLU A 12 -5.82 3.39 -8.63
CA GLU A 12 -6.45 4.40 -9.48
C GLU A 12 -6.06 5.78 -8.97
N GLY A 13 -5.24 6.48 -9.75
CA GLY A 13 -4.81 7.81 -9.38
C GLY A 13 -3.33 8.04 -9.61
N MET A 14 -2.78 7.40 -10.63
CA MET A 14 -1.37 7.57 -10.98
C MET A 14 -1.18 8.84 -11.80
N SER A 15 -0.83 9.93 -11.14
CA SER A 15 -0.68 11.21 -11.82
C SER A 15 0.75 11.42 -12.28
N CYS A 16 1.71 10.87 -11.55
CA CYS A 16 3.11 11.08 -11.85
C CYS A 16 3.97 10.02 -11.17
N GLY A 17 5.27 10.10 -11.40
CA GLY A 17 6.20 9.18 -10.77
C GLY A 17 6.31 9.41 -9.28
N HIS A 18 5.91 10.59 -8.82
CA HIS A 18 5.94 10.92 -7.40
C HIS A 18 5.03 10.00 -6.60
N CYS A 19 3.98 9.50 -7.28
CA CYS A 19 3.02 8.60 -6.65
C CYS A 19 3.71 7.37 -6.08
N VAL A 20 4.76 6.91 -6.76
CA VAL A 20 5.57 5.79 -6.30
C VAL A 20 5.99 5.98 -4.84
N ASN A 21 6.74 7.03 -4.57
CA ASN A 21 7.24 7.29 -3.22
C ASN A 21 6.08 7.61 -2.27
N ALA A 22 5.09 8.32 -2.77
CA ALA A 22 3.94 8.75 -1.97
C ALA A 22 3.18 7.55 -1.43
N ILE A 23 2.69 6.69 -2.30
CA ILE A 23 1.90 5.54 -1.87
C ILE A 23 2.75 4.52 -1.13
N GLU A 24 4.00 4.38 -1.55
CA GLU A 24 4.93 3.45 -0.91
C GLU A 24 5.04 3.76 0.58
N SER A 25 5.29 5.02 0.91
CA SER A 25 5.40 5.41 2.30
C SER A 25 4.04 5.41 3.00
N SER A 26 2.98 5.69 2.25
CA SER A 26 1.64 5.67 2.81
C SER A 26 1.37 4.29 3.43
N VAL A 27 1.89 3.25 2.79
CA VAL A 27 1.83 1.91 3.35
C VAL A 27 2.97 1.69 4.35
N LYS A 28 4.17 2.10 3.97
CA LYS A 28 5.38 1.82 4.76
C LYS A 28 5.35 2.47 6.15
N GLU A 29 4.78 3.67 6.23
CA GLU A 29 4.68 4.37 7.51
C GLU A 29 3.75 3.63 8.47
N LEU A 30 2.91 2.79 7.89
CA LEU A 30 2.00 1.95 8.67
C LEU A 30 2.77 0.88 9.44
N ASN A 31 2.59 0.87 10.76
CA ASN A 31 3.25 -0.08 11.64
C ASN A 31 2.78 -1.51 11.36
N GLY A 32 3.69 -2.35 10.88
CA GLY A 32 3.36 -3.73 10.60
C GLY A 32 3.66 -4.11 9.17
N VAL A 33 3.98 -3.12 8.35
CA VAL A 33 4.28 -3.36 6.95
C VAL A 33 5.75 -3.70 6.74
N GLU A 34 5.99 -4.75 5.96
CA GLU A 34 7.34 -5.22 5.67
C GLU A 34 7.90 -4.52 4.43
N GLN A 35 7.32 -4.82 3.28
CA GLN A 35 7.78 -4.25 2.02
C GLN A 35 6.61 -3.76 1.19
N VAL A 36 6.84 -2.68 0.46
CA VAL A 36 5.80 -2.08 -0.37
C VAL A 36 6.30 -1.94 -1.79
N LYS A 37 5.91 -2.84 -2.66
CA LYS A 37 6.34 -2.79 -4.04
C LYS A 37 5.25 -2.15 -4.90
N VAL A 38 5.37 -0.85 -5.10
CA VAL A 38 4.43 -0.14 -5.95
C VAL A 38 4.81 -0.31 -7.42
N GLN A 39 3.90 -0.88 -8.18
CA GLN A 39 4.12 -1.12 -9.59
C GLN A 39 3.56 0.03 -10.41
N LEU A 40 4.42 0.96 -10.77
CA LEU A 40 4.00 2.14 -11.53
C LEU A 40 3.38 1.71 -12.85
N ALA A 41 4.06 0.83 -13.56
CA ALA A 41 3.64 0.41 -14.90
C ALA A 41 2.45 -0.54 -14.85
N GLU A 42 2.40 -1.37 -13.81
CA GLU A 42 1.35 -2.37 -13.69
C GLU A 42 0.07 -1.78 -13.12
N GLY A 43 0.17 -0.65 -12.44
CA GLY A 43 -1.00 -0.01 -11.87
C GLY A 43 -1.48 -0.70 -10.61
N THR A 44 -0.57 -1.40 -9.96
CA THR A 44 -0.89 -2.15 -8.75
C THR A 44 0.19 -1.97 -7.70
N VAL A 45 -0.09 -2.40 -6.49
CA VAL A 45 0.88 -2.38 -5.41
C VAL A 45 0.89 -3.70 -4.67
N GLU A 46 2.06 -4.29 -4.52
CA GLU A 46 2.23 -5.56 -3.83
C GLU A 46 2.91 -5.34 -2.49
N VAL A 47 2.20 -5.61 -1.41
CA VAL A 47 2.69 -5.30 -0.08
C VAL A 47 2.62 -6.52 0.85
N THR A 48 3.71 -6.78 1.55
CA THR A 48 3.73 -7.79 2.58
C THR A 48 3.46 -7.15 3.93
N ILE A 49 2.32 -7.43 4.53
CA ILE A 49 1.95 -6.83 5.80
C ILE A 49 1.86 -7.89 6.89
N ASP A 50 1.99 -7.44 8.13
CA ASP A 50 1.70 -8.29 9.26
C ASP A 50 0.25 -8.05 9.67
N SER A 51 -0.63 -8.92 9.21
CA SER A 51 -2.06 -8.74 9.42
C SER A 51 -2.44 -9.06 10.86
N SER A 52 -1.48 -9.53 11.64
CA SER A 52 -1.69 -9.77 13.06
C SER A 52 -1.51 -8.47 13.82
N VAL A 53 -1.03 -7.44 13.12
CA VAL A 53 -0.81 -6.14 13.72
C VAL A 53 -1.62 -5.08 12.98
N VAL A 54 -1.22 -4.79 11.75
CA VAL A 54 -1.90 -3.81 10.93
C VAL A 54 -2.93 -4.50 10.03
N THR A 55 -4.05 -3.86 9.80
CA THR A 55 -5.07 -4.43 8.94
C THR A 55 -5.01 -3.80 7.56
N LEU A 56 -5.60 -4.47 6.58
CA LEU A 56 -5.64 -3.95 5.23
C LEU A 56 -6.43 -2.64 5.19
N LYS A 57 -7.39 -2.50 6.09
CA LYS A 57 -8.22 -1.31 6.14
C LYS A 57 -7.42 -0.09 6.56
N ASP A 58 -6.56 -0.27 7.58
CA ASP A 58 -5.72 0.83 8.06
C ASP A 58 -4.94 1.44 6.89
N ILE A 59 -4.28 0.56 6.16
CA ILE A 59 -3.45 0.95 5.04
C ILE A 59 -4.26 1.61 3.94
N VAL A 60 -5.33 0.94 3.50
CA VAL A 60 -6.18 1.46 2.44
C VAL A 60 -6.76 2.82 2.83
N ALA A 61 -7.16 2.95 4.09
CA ALA A 61 -7.68 4.20 4.60
C ALA A 61 -6.68 5.34 4.40
N VAL A 62 -5.42 5.07 4.76
CA VAL A 62 -4.35 6.07 4.63
C VAL A 62 -4.05 6.35 3.16
N ILE A 63 -3.98 5.30 2.34
CA ILE A 63 -3.66 5.44 0.93
C ILE A 63 -4.69 6.30 0.20
N GLU A 64 -5.96 6.00 0.41
CA GLU A 64 -7.03 6.71 -0.25
C GLU A 64 -7.15 8.14 0.27
N ASP A 65 -6.70 8.35 1.51
CA ASP A 65 -6.65 9.68 2.10
C ASP A 65 -5.61 10.55 1.39
N GLN A 66 -4.67 9.89 0.71
CA GLN A 66 -3.64 10.58 -0.05
C GLN A 66 -4.19 11.06 -1.39
N GLY A 67 -5.27 10.45 -1.84
CA GLY A 67 -5.87 10.83 -3.11
C GLY A 67 -5.81 9.70 -4.13
N TYR A 68 -5.96 8.47 -3.66
CA TYR A 68 -5.96 7.31 -4.54
C TYR A 68 -7.21 6.48 -4.30
N ASP A 69 -7.61 5.71 -5.29
CA ASP A 69 -8.68 4.73 -5.12
C ASP A 69 -8.11 3.34 -5.31
N VAL A 70 -7.89 2.65 -4.20
CA VAL A 70 -7.19 1.37 -4.25
C VAL A 70 -8.02 0.25 -3.66
N GLN A 71 -7.60 -0.98 -3.95
CA GLN A 71 -8.25 -2.19 -3.47
C GLN A 71 -9.66 -2.30 -4.05
N SER A 1 6.66 -10.41 13.84
CA SER A 1 6.15 -11.11 12.64
C SER A 1 5.27 -12.28 13.05
N ASN A 2 3.97 -12.14 12.84
CA ASN A 2 3.02 -13.20 13.16
C ASN A 2 2.42 -13.79 11.89
N ALA A 3 1.70 -12.97 11.13
CA ALA A 3 1.06 -13.45 9.92
C ALA A 3 1.20 -12.42 8.80
N MET A 4 2.16 -12.64 7.91
CA MET A 4 2.40 -11.72 6.82
C MET A 4 1.53 -12.04 5.61
N GLU A 5 0.73 -11.05 5.21
CA GLU A 5 -0.12 -11.18 4.04
C GLU A 5 0.45 -10.36 2.89
N GLN A 6 0.64 -10.99 1.75
CA GLN A 6 1.11 -10.30 0.56
C GLN A 6 -0.04 -10.00 -0.38
N LEU A 7 -0.52 -8.78 -0.34
CA LEU A 7 -1.70 -8.39 -1.09
C LEU A 7 -1.35 -7.45 -2.22
N THR A 8 -2.01 -7.63 -3.36
CA THR A 8 -1.82 -6.76 -4.50
C THR A 8 -3.03 -5.83 -4.65
N LEU A 9 -2.84 -4.55 -4.40
CA LEU A 9 -3.91 -3.58 -4.46
C LEU A 9 -3.87 -2.83 -5.80
N GLN A 10 -4.98 -2.82 -6.51
CA GLN A 10 -5.06 -2.06 -7.76
C GLN A 10 -5.38 -0.61 -7.45
N VAL A 11 -4.51 0.28 -7.94
CA VAL A 11 -4.59 1.69 -7.60
C VAL A 11 -4.71 2.56 -8.85
N GLU A 12 -5.66 3.47 -8.82
CA GLU A 12 -5.82 4.46 -9.88
C GLU A 12 -5.67 5.85 -9.28
N GLY A 13 -5.13 6.78 -10.06
CA GLY A 13 -4.94 8.14 -9.58
C GLY A 13 -3.49 8.56 -9.59
N MET A 14 -2.59 7.60 -9.74
CA MET A 14 -1.16 7.90 -9.80
C MET A 14 -0.65 7.73 -11.23
N SER A 15 0.26 8.60 -11.65
CA SER A 15 0.78 8.52 -13.01
C SER A 15 2.27 8.87 -13.08
N CYS A 16 2.89 9.13 -11.93
CA CYS A 16 4.29 9.52 -11.92
C CYS A 16 5.04 8.89 -10.74
N GLY A 17 6.36 9.02 -10.78
CA GLY A 17 7.20 8.47 -9.72
C GLY A 17 7.00 9.17 -8.39
N HIS A 18 6.57 10.43 -8.44
CA HIS A 18 6.24 11.18 -7.24
C HIS A 18 5.16 10.43 -6.46
N CYS A 19 4.17 9.93 -7.17
CA CYS A 19 3.12 9.14 -6.57
C CYS A 19 3.69 7.81 -6.05
N VAL A 20 4.48 7.15 -6.89
CA VAL A 20 5.15 5.91 -6.52
C VAL A 20 5.83 6.04 -5.16
N ASN A 21 6.67 7.07 -5.02
CA ASN A 21 7.37 7.32 -3.77
C ASN A 21 6.39 7.56 -2.62
N ALA A 22 5.43 8.45 -2.86
CA ALA A 22 4.46 8.83 -1.84
C ALA A 22 3.68 7.63 -1.33
N ILE A 23 2.98 6.94 -2.23
CA ILE A 23 2.12 5.83 -1.83
C ILE A 23 2.94 4.70 -1.21
N GLU A 24 4.15 4.49 -1.74
CA GLU A 24 5.04 3.46 -1.23
C GLU A 24 5.29 3.67 0.26
N SER A 25 5.70 4.88 0.65
CA SER A 25 5.95 5.16 2.05
C SER A 25 4.65 5.25 2.83
N SER A 26 3.60 5.77 2.22
CA SER A 26 2.32 5.92 2.90
C SER A 26 1.89 4.59 3.51
N VAL A 27 2.11 3.51 2.77
CA VAL A 27 1.85 2.18 3.27
C VAL A 27 3.02 1.66 4.13
N LYS A 28 4.24 1.93 3.69
CA LYS A 28 5.43 1.34 4.31
C LYS A 28 5.72 1.93 5.70
N GLU A 29 5.42 3.21 5.89
CA GLU A 29 5.64 3.88 7.17
C GLU A 29 4.80 3.24 8.25
N LEU A 30 3.65 2.74 7.83
CA LEU A 30 2.68 2.14 8.75
C LEU A 30 3.30 1.02 9.58
N ASN A 31 2.95 1.01 10.86
CA ASN A 31 3.50 0.02 11.78
C ASN A 31 2.86 -1.34 11.55
N GLY A 32 3.69 -2.33 11.23
CA GLY A 32 3.19 -3.65 10.94
C GLY A 32 3.42 -4.02 9.50
N VAL A 33 4.00 -3.09 8.75
CA VAL A 33 4.26 -3.29 7.35
C VAL A 33 5.71 -3.62 7.13
N GLU A 34 5.93 -4.73 6.46
CA GLU A 34 7.26 -5.25 6.23
C GLU A 34 7.86 -4.64 4.97
N GLN A 35 7.26 -4.92 3.83
CA GLN A 35 7.80 -4.47 2.55
C GLN A 35 6.69 -3.98 1.63
N VAL A 36 7.00 -2.95 0.85
CA VAL A 36 6.04 -2.38 -0.08
C VAL A 36 6.69 -2.17 -1.44
N LYS A 37 6.16 -2.81 -2.46
CA LYS A 37 6.65 -2.61 -3.81
C LYS A 37 5.51 -2.21 -4.73
N VAL A 38 5.39 -0.91 -4.94
CA VAL A 38 4.36 -0.36 -5.81
C VAL A 38 4.85 -0.38 -7.26
N GLN A 39 3.96 -0.73 -8.17
CA GLN A 39 4.30 -0.79 -9.58
C GLN A 39 3.52 0.25 -10.38
N LEU A 40 4.23 1.25 -10.89
CA LEU A 40 3.61 2.36 -11.61
C LEU A 40 3.07 1.90 -12.97
N ALA A 41 3.77 0.97 -13.59
CA ALA A 41 3.41 0.50 -14.93
C ALA A 41 2.07 -0.22 -14.93
N GLU A 42 1.82 -1.00 -13.88
CA GLU A 42 0.59 -1.77 -13.79
C GLU A 42 -0.49 -1.00 -13.02
N GLY A 43 -0.07 -0.10 -12.15
CA GLY A 43 -1.01 0.60 -11.30
C GLY A 43 -1.48 -0.30 -10.18
N THR A 44 -0.55 -1.06 -9.62
CA THR A 44 -0.84 -1.93 -8.51
C THR A 44 0.22 -1.81 -7.42
N VAL A 45 -0.20 -1.96 -6.18
CA VAL A 45 0.71 -1.90 -5.04
C VAL A 45 0.68 -3.22 -4.29
N GLU A 46 1.77 -3.97 -4.38
CA GLU A 46 1.84 -5.24 -3.68
C GLU A 46 2.57 -5.05 -2.35
N VAL A 47 1.85 -5.26 -1.27
CA VAL A 47 2.37 -4.99 0.06
C VAL A 47 2.38 -6.26 0.91
N THR A 48 3.42 -6.39 1.73
CA THR A 48 3.50 -7.48 2.69
C THR A 48 3.37 -6.93 4.11
N ILE A 49 2.23 -7.18 4.74
CA ILE A 49 1.96 -6.65 6.07
C ILE A 49 1.82 -7.77 7.09
N ASP A 50 1.91 -7.43 8.36
CA ASP A 50 1.60 -8.36 9.42
C ASP A 50 0.16 -8.14 9.86
N SER A 51 -0.70 -9.08 9.54
CA SER A 51 -2.13 -8.92 9.76
C SER A 51 -2.49 -9.07 11.25
N SER A 52 -1.47 -9.33 12.08
CA SER A 52 -1.67 -9.41 13.52
C SER A 52 -1.47 -8.02 14.13
N VAL A 53 -0.94 -7.09 13.35
CA VAL A 53 -0.65 -5.76 13.83
C VAL A 53 -1.47 -4.72 13.06
N VAL A 54 -1.15 -4.56 11.79
CA VAL A 54 -1.88 -3.63 10.94
C VAL A 54 -2.88 -4.41 10.09
N THR A 55 -4.05 -3.85 9.84
CA THR A 55 -5.06 -4.56 9.09
C THR A 55 -5.24 -3.96 7.70
N LEU A 56 -6.05 -4.62 6.89
CA LEU A 56 -6.25 -4.22 5.50
C LEU A 56 -6.95 -2.87 5.43
N LYS A 57 -7.87 -2.63 6.35
CA LYS A 57 -8.60 -1.37 6.39
C LYS A 57 -7.62 -0.20 6.53
N ASP A 58 -6.63 -0.36 7.38
CA ASP A 58 -5.63 0.69 7.60
C ASP A 58 -4.91 0.99 6.30
N ILE A 59 -4.57 -0.06 5.57
CA ILE A 59 -3.87 0.06 4.31
C ILE A 59 -4.77 0.74 3.26
N VAL A 60 -6.01 0.29 3.17
CA VAL A 60 -6.97 0.88 2.24
C VAL A 60 -7.22 2.36 2.57
N ALA A 61 -7.46 2.63 3.84
CA ALA A 61 -7.77 3.98 4.30
C ALA A 61 -6.62 4.93 4.01
N VAL A 62 -5.40 4.51 4.33
CA VAL A 62 -4.23 5.38 4.15
C VAL A 62 -3.99 5.67 2.66
N ILE A 63 -4.11 4.66 1.82
CA ILE A 63 -3.89 4.82 0.40
C ILE A 63 -4.88 5.80 -0.22
N GLU A 64 -6.16 5.62 0.06
CA GLU A 64 -7.19 6.48 -0.52
C GLU A 64 -7.16 7.85 0.13
N ASP A 65 -6.68 7.93 1.36
CA ASP A 65 -6.51 9.21 2.04
C ASP A 65 -5.48 10.07 1.32
N GLN A 66 -4.50 9.40 0.71
CA GLN A 66 -3.47 10.09 -0.06
C GLN A 66 -4.06 10.63 -1.37
N GLY A 67 -5.27 10.20 -1.69
CA GLY A 67 -5.94 10.71 -2.86
C GLY A 67 -6.09 9.66 -3.95
N TYR A 68 -5.78 8.41 -3.63
CA TYR A 68 -5.83 7.35 -4.63
C TYR A 68 -7.16 6.60 -4.54
N ASP A 69 -7.52 5.97 -5.65
CA ASP A 69 -8.72 5.13 -5.69
C ASP A 69 -8.32 3.67 -5.83
N VAL A 70 -8.57 2.90 -4.79
CA VAL A 70 -8.22 1.49 -4.78
C VAL A 70 -9.45 0.63 -4.45
N GLN A 71 -9.36 -0.66 -4.72
CA GLN A 71 -10.47 -1.57 -4.51
C GLN A 71 -10.13 -2.62 -3.48
N SER A 1 6.87 -12.44 11.28
CA SER A 1 5.74 -11.55 10.92
C SER A 1 4.40 -12.18 11.28
N ASN A 2 4.41 -13.06 12.29
CA ASN A 2 3.19 -13.74 12.77
C ASN A 2 2.43 -14.42 11.64
N ALA A 3 1.47 -13.70 11.07
CA ALA A 3 0.69 -14.18 9.96
C ALA A 3 0.62 -13.09 8.90
N MET A 4 1.34 -13.27 7.82
CA MET A 4 1.45 -12.23 6.81
C MET A 4 0.49 -12.46 5.66
N GLU A 5 -0.03 -11.37 5.13
CA GLU A 5 -0.83 -11.41 3.93
C GLU A 5 -0.14 -10.61 2.83
N GLN A 6 0.09 -11.25 1.70
CA GLN A 6 0.75 -10.58 0.59
C GLN A 6 -0.27 -10.27 -0.49
N LEU A 7 -0.70 -9.01 -0.52
CA LEU A 7 -1.75 -8.60 -1.44
C LEU A 7 -1.25 -7.50 -2.37
N THR A 8 -1.69 -7.55 -3.61
CA THR A 8 -1.37 -6.51 -4.57
C THR A 8 -2.60 -5.64 -4.81
N LEU A 9 -2.60 -4.46 -4.24
CA LEU A 9 -3.75 -3.55 -4.31
C LEU A 9 -3.80 -2.87 -5.67
N GLN A 10 -5.00 -2.71 -6.21
CA GLN A 10 -5.17 -1.98 -7.45
C GLN A 10 -5.26 -0.50 -7.15
N VAL A 11 -4.45 0.31 -7.80
CA VAL A 11 -4.36 1.73 -7.50
C VAL A 11 -4.74 2.59 -8.69
N GLU A 12 -5.83 3.32 -8.55
CA GLU A 12 -6.24 4.29 -9.56
C GLU A 12 -6.10 5.71 -9.02
N GLY A 13 -5.53 6.59 -9.83
CA GLY A 13 -5.36 7.97 -9.42
C GLY A 13 -3.90 8.38 -9.40
N MET A 14 -3.06 7.65 -10.12
CA MET A 14 -1.64 7.95 -10.18
C MET A 14 -1.39 9.13 -11.11
N SER A 15 -0.26 9.79 -10.94
CA SER A 15 0.08 10.93 -11.76
C SER A 15 1.45 10.73 -12.42
N CYS A 16 2.51 10.83 -11.63
CA CYS A 16 3.87 10.64 -12.15
C CYS A 16 4.69 9.88 -11.12
N GLY A 17 6.02 9.90 -11.27
CA GLY A 17 6.89 9.15 -10.39
C GLY A 17 6.77 9.55 -8.92
N HIS A 18 6.43 10.80 -8.67
CA HIS A 18 6.32 11.31 -7.31
C HIS A 18 5.23 10.60 -6.51
N CYS A 19 4.10 10.32 -7.16
CA CYS A 19 3.00 9.65 -6.47
C CYS A 19 3.39 8.22 -6.11
N VAL A 20 4.36 7.67 -6.84
CA VAL A 20 4.85 6.33 -6.61
C VAL A 20 5.55 6.22 -5.25
N ASN A 21 6.54 7.06 -5.02
CA ASN A 21 7.27 7.04 -3.77
C ASN A 21 6.40 7.57 -2.63
N ALA A 22 5.47 8.46 -2.96
CA ALA A 22 4.54 9.01 -1.98
C ALA A 22 3.69 7.91 -1.36
N ILE A 23 3.04 7.12 -2.21
CA ILE A 23 2.21 6.04 -1.73
C ILE A 23 3.05 4.93 -1.10
N GLU A 24 4.26 4.73 -1.66
CA GLU A 24 5.20 3.75 -1.15
C GLU A 24 5.45 3.96 0.34
N SER A 25 5.79 5.18 0.72
CA SER A 25 6.03 5.49 2.12
C SER A 25 4.73 5.52 2.91
N SER A 26 3.65 5.96 2.26
CA SER A 26 2.35 6.01 2.92
C SER A 26 1.99 4.64 3.49
N VAL A 27 2.39 3.59 2.77
CA VAL A 27 2.22 2.23 3.27
C VAL A 27 3.36 1.83 4.21
N LYS A 28 4.59 2.19 3.83
CA LYS A 28 5.78 1.79 4.59
C LYS A 28 5.81 2.42 5.99
N GLU A 29 5.42 3.68 6.09
CA GLU A 29 5.41 4.38 7.38
C GLU A 29 4.44 3.72 8.35
N LEU A 30 3.46 3.04 7.78
CA LEU A 30 2.48 2.30 8.56
C LEU A 30 3.14 1.15 9.33
N ASN A 31 2.85 1.07 10.63
CA ASN A 31 3.41 0.03 11.48
C ASN A 31 2.78 -1.33 11.16
N GLY A 32 3.63 -2.33 11.00
CA GLY A 32 3.14 -3.65 10.67
C GLY A 32 3.36 -3.99 9.21
N VAL A 33 3.90 -3.05 8.46
CA VAL A 33 4.15 -3.25 7.05
C VAL A 33 5.57 -3.70 6.81
N GLU A 34 5.69 -4.82 6.13
CA GLU A 34 6.98 -5.40 5.84
C GLU A 34 7.50 -4.89 4.50
N GLN A 35 6.80 -5.21 3.42
CA GLN A 35 7.24 -4.82 2.08
C GLN A 35 6.20 -3.99 1.37
N VAL A 36 6.67 -3.01 0.61
CA VAL A 36 5.80 -2.17 -0.21
C VAL A 36 6.40 -2.02 -1.60
N LYS A 37 5.86 -2.74 -2.57
CA LYS A 37 6.34 -2.62 -3.94
C LYS A 37 5.29 -1.94 -4.80
N VAL A 38 5.43 -0.63 -4.98
CA VAL A 38 4.51 0.12 -5.81
C VAL A 38 4.82 -0.11 -7.28
N GLN A 39 3.88 -0.69 -7.99
CA GLN A 39 4.08 -1.06 -9.37
C GLN A 39 3.44 -0.02 -10.28
N LEU A 40 4.24 0.94 -10.72
CA LEU A 40 3.78 2.01 -11.58
C LEU A 40 3.42 1.47 -12.95
N ALA A 41 4.14 0.44 -13.37
CA ALA A 41 3.91 -0.18 -14.68
C ALA A 41 2.57 -0.90 -14.75
N GLU A 42 1.96 -1.14 -13.59
CA GLU A 42 0.69 -1.85 -13.55
C GLU A 42 -0.41 -0.97 -12.96
N GLY A 43 -0.03 -0.08 -12.06
CA GLY A 43 -1.02 0.66 -11.31
C GLY A 43 -1.48 -0.12 -10.10
N THR A 44 -0.53 -0.79 -9.46
CA THR A 44 -0.83 -1.62 -8.32
C THR A 44 0.23 -1.44 -7.24
N VAL A 45 -0.04 -1.92 -6.03
CA VAL A 45 0.94 -1.89 -4.96
C VAL A 45 0.97 -3.23 -4.25
N GLU A 46 2.11 -3.90 -4.32
CA GLU A 46 2.31 -5.18 -3.66
C GLU A 46 2.76 -4.96 -2.23
N VAL A 47 1.92 -5.30 -1.27
CA VAL A 47 2.21 -5.06 0.12
C VAL A 47 2.23 -6.36 0.91
N THR A 48 3.29 -6.56 1.68
CA THR A 48 3.39 -7.66 2.61
C THR A 48 3.30 -7.13 4.03
N ILE A 49 2.31 -7.59 4.78
CA ILE A 49 2.07 -7.04 6.12
C ILE A 49 2.06 -8.11 7.19
N ASP A 50 2.20 -7.65 8.43
CA ASP A 50 1.94 -8.49 9.58
C ASP A 50 0.49 -8.29 9.98
N SER A 51 -0.37 -9.24 9.59
CA SER A 51 -1.80 -9.10 9.80
C SER A 51 -2.19 -9.41 11.24
N SER A 52 -1.20 -9.54 12.11
CA SER A 52 -1.46 -9.67 13.53
C SER A 52 -1.29 -8.33 14.21
N VAL A 53 -0.88 -7.33 13.42
CA VAL A 53 -0.65 -5.99 13.94
C VAL A 53 -1.51 -4.98 13.20
N VAL A 54 -1.24 -4.81 11.91
CA VAL A 54 -1.96 -3.86 11.10
C VAL A 54 -3.02 -4.57 10.25
N THR A 55 -4.12 -3.91 9.97
CA THR A 55 -5.14 -4.49 9.11
C THR A 55 -5.00 -3.94 7.70
N LEU A 56 -5.54 -4.64 6.72
CA LEU A 56 -5.48 -4.21 5.34
C LEU A 56 -6.26 -2.91 5.18
N LYS A 57 -7.35 -2.79 5.93
CA LYS A 57 -8.21 -1.61 5.89
C LYS A 57 -7.43 -0.36 6.31
N ASP A 58 -6.57 -0.49 7.33
CA ASP A 58 -5.77 0.63 7.81
C ASP A 58 -5.00 1.26 6.66
N ILE A 59 -4.29 0.41 5.94
CA ILE A 59 -3.45 0.85 4.83
C ILE A 59 -4.32 1.42 3.70
N VAL A 60 -5.41 0.74 3.38
CA VAL A 60 -6.34 1.22 2.36
C VAL A 60 -6.82 2.63 2.70
N ALA A 61 -7.23 2.82 3.96
CA ALA A 61 -7.72 4.11 4.43
C ALA A 61 -6.68 5.21 4.20
N VAL A 62 -5.43 4.93 4.57
CA VAL A 62 -4.35 5.89 4.39
C VAL A 62 -4.09 6.16 2.90
N ILE A 63 -4.06 5.10 2.10
CA ILE A 63 -3.77 5.24 0.68
C ILE A 63 -4.82 6.07 -0.04
N GLU A 64 -6.08 5.78 0.21
CA GLU A 64 -7.17 6.48 -0.48
C GLU A 64 -7.17 7.96 -0.10
N ASP A 65 -6.74 8.25 1.11
CA ASP A 65 -6.67 9.63 1.59
C ASP A 65 -5.60 10.42 0.83
N GLN A 66 -4.69 9.68 0.20
CA GLN A 66 -3.66 10.28 -0.64
C GLN A 66 -4.21 10.58 -2.02
N GLY A 67 -5.46 10.22 -2.25
CA GLY A 67 -6.11 10.51 -3.51
C GLY A 67 -6.06 9.34 -4.48
N TYR A 68 -6.33 8.14 -3.98
CA TYR A 68 -6.29 6.95 -4.82
C TYR A 68 -7.54 6.10 -4.62
N ASP A 69 -7.93 5.41 -5.67
CA ASP A 69 -8.97 4.39 -5.58
C ASP A 69 -8.29 3.04 -5.52
N VAL A 70 -8.20 2.45 -4.34
CA VAL A 70 -7.51 1.19 -4.19
C VAL A 70 -8.44 0.08 -3.75
N GLN A 71 -8.19 -1.11 -4.26
CA GLN A 71 -8.98 -2.28 -3.93
C GLN A 71 -8.11 -3.53 -3.98
N SER A 1 1.80 -14.15 17.40
CA SER A 1 2.46 -12.83 17.56
C SER A 1 2.50 -12.07 16.24
N ASN A 2 2.92 -12.76 15.19
CA ASN A 2 2.97 -12.17 13.87
C ASN A 2 2.35 -13.10 12.84
N ALA A 3 1.70 -12.53 11.84
CA ALA A 3 1.08 -13.30 10.78
C ALA A 3 0.99 -12.45 9.51
N MET A 4 1.86 -12.73 8.55
CA MET A 4 1.96 -11.87 7.38
C MET A 4 1.05 -12.32 6.25
N GLU A 5 0.51 -11.33 5.54
CA GLU A 5 -0.31 -11.57 4.37
C GLU A 5 0.29 -10.81 3.18
N GLN A 6 0.34 -11.46 2.02
CA GLN A 6 0.87 -10.83 0.82
C GLN A 6 -0.26 -10.53 -0.15
N LEU A 7 -0.45 -9.25 -0.43
CA LEU A 7 -1.56 -8.81 -1.25
C LEU A 7 -1.10 -7.81 -2.31
N THR A 8 -1.68 -7.91 -3.49
CA THR A 8 -1.40 -6.96 -4.56
C THR A 8 -2.53 -5.93 -4.63
N LEU A 9 -2.25 -4.71 -4.20
CA LEU A 9 -3.24 -3.65 -4.19
C LEU A 9 -3.27 -2.94 -5.54
N GLN A 10 -4.46 -2.57 -6.00
CA GLN A 10 -4.58 -1.81 -7.23
C GLN A 10 -4.69 -0.32 -6.91
N VAL A 11 -4.10 0.51 -7.78
CA VAL A 11 -4.00 1.93 -7.51
C VAL A 11 -4.65 2.76 -8.62
N GLU A 12 -5.79 3.36 -8.31
CA GLU A 12 -6.46 4.23 -9.27
C GLU A 12 -6.11 5.69 -9.01
N GLY A 13 -5.43 6.29 -9.99
CA GLY A 13 -5.10 7.69 -9.91
C GLY A 13 -3.62 7.95 -9.79
N MET A 14 -2.81 7.18 -10.53
CA MET A 14 -1.37 7.35 -10.53
C MET A 14 -0.97 8.78 -10.91
N SER A 15 -0.35 9.47 -9.97
CA SER A 15 0.09 10.85 -10.19
C SER A 15 1.51 10.89 -10.74
N CYS A 16 1.68 10.42 -11.97
CA CYS A 16 2.97 10.41 -12.65
C CYS A 16 4.03 9.68 -11.81
N GLY A 17 5.07 10.39 -11.40
CA GLY A 17 6.11 9.79 -10.57
C GLY A 17 5.94 10.14 -9.11
N HIS A 18 4.96 10.96 -8.80
CA HIS A 18 4.70 11.40 -7.44
C HIS A 18 4.11 10.26 -6.62
N CYS A 19 3.10 9.62 -7.20
CA CYS A 19 2.37 8.56 -6.54
C CYS A 19 3.28 7.42 -6.11
N VAL A 20 4.33 7.17 -6.89
CA VAL A 20 5.24 6.07 -6.65
C VAL A 20 5.76 6.08 -5.22
N ASN A 21 6.49 7.14 -4.87
CA ASN A 21 7.05 7.25 -3.53
C ASN A 21 5.96 7.56 -2.50
N ALA A 22 4.95 8.31 -2.93
CA ALA A 22 3.85 8.67 -2.04
C ALA A 22 3.14 7.45 -1.47
N ILE A 23 2.74 6.53 -2.33
CA ILE A 23 2.03 5.34 -1.89
C ILE A 23 3.00 4.32 -1.27
N GLU A 24 4.21 4.25 -1.81
CA GLU A 24 5.23 3.38 -1.26
C GLU A 24 5.45 3.70 0.22
N SER A 25 5.55 4.99 0.53
CA SER A 25 5.73 5.42 1.91
C SER A 25 4.45 5.26 2.73
N SER A 26 3.30 5.62 2.17
CA SER A 26 2.06 5.56 2.94
C SER A 26 1.79 4.13 3.42
N VAL A 27 2.28 3.17 2.66
CA VAL A 27 2.22 1.78 3.09
C VAL A 27 3.40 1.46 4.02
N LYS A 28 4.61 1.82 3.61
CA LYS A 28 5.81 1.47 4.36
C LYS A 28 5.84 2.12 5.74
N GLU A 29 5.41 3.37 5.84
CA GLU A 29 5.41 4.10 7.11
C GLU A 29 4.42 3.47 8.08
N LEU A 30 3.41 2.84 7.51
CA LEU A 30 2.38 2.15 8.29
C LEU A 30 2.98 1.01 9.12
N ASN A 31 2.66 1.01 10.41
CA ASN A 31 3.16 -0.01 11.34
C ASN A 31 2.60 -1.38 10.98
N GLY A 32 3.48 -2.36 10.88
CA GLY A 32 3.06 -3.71 10.58
C GLY A 32 3.40 -4.12 9.16
N VAL A 33 3.77 -3.15 8.34
CA VAL A 33 4.10 -3.41 6.96
C VAL A 33 5.53 -3.93 6.84
N GLU A 34 5.64 -5.14 6.33
CA GLU A 34 6.92 -5.81 6.20
C GLU A 34 7.67 -5.33 4.96
N GLN A 35 6.99 -5.34 3.82
CA GLN A 35 7.60 -4.89 2.58
C GLN A 35 6.55 -4.32 1.64
N VAL A 36 6.98 -3.42 0.77
CA VAL A 36 6.09 -2.79 -0.19
C VAL A 36 6.82 -2.50 -1.50
N LYS A 37 6.25 -2.93 -2.61
CA LYS A 37 6.83 -2.65 -3.93
C LYS A 37 5.76 -2.07 -4.84
N VAL A 38 5.87 -0.78 -5.13
CA VAL A 38 4.91 -0.11 -6.01
C VAL A 38 5.29 -0.30 -7.48
N GLN A 39 4.30 -0.69 -8.27
CA GLN A 39 4.50 -0.87 -9.71
C GLN A 39 3.76 0.24 -10.46
N LEU A 40 4.51 1.07 -11.15
CA LEU A 40 3.96 2.27 -11.77
C LEU A 40 3.26 1.94 -13.10
N ALA A 41 3.84 1.02 -13.85
CA ALA A 41 3.30 0.67 -15.16
C ALA A 41 1.94 -0.02 -15.03
N GLU A 42 1.88 -1.04 -14.18
CA GLU A 42 0.64 -1.79 -13.98
C GLU A 42 -0.35 -1.02 -13.10
N GLY A 43 0.17 -0.19 -12.21
CA GLY A 43 -0.70 0.56 -11.33
C GLY A 43 -1.12 -0.26 -10.13
N THR A 44 -0.22 -1.11 -9.67
CA THR A 44 -0.49 -1.96 -8.51
C THR A 44 0.68 -1.92 -7.52
N VAL A 45 0.43 -2.36 -6.29
CA VAL A 45 1.46 -2.38 -5.27
C VAL A 45 1.48 -3.73 -4.55
N GLU A 46 2.64 -4.37 -4.55
CA GLU A 46 2.80 -5.64 -3.84
C GLU A 46 3.19 -5.38 -2.39
N VAL A 47 2.31 -5.74 -1.47
CA VAL A 47 2.54 -5.45 -0.06
C VAL A 47 2.47 -6.72 0.79
N THR A 48 3.35 -6.81 1.77
CA THR A 48 3.29 -7.87 2.76
C THR A 48 3.18 -7.24 4.14
N ILE A 49 2.12 -7.56 4.87
CA ILE A 49 1.88 -6.94 6.16
C ILE A 49 1.66 -7.97 7.24
N ASP A 50 1.91 -7.56 8.47
CA ASP A 50 1.60 -8.37 9.62
C ASP A 50 0.16 -8.12 10.02
N SER A 51 -0.72 -9.05 9.68
CA SER A 51 -2.15 -8.88 9.91
C SER A 51 -2.50 -9.02 11.39
N SER A 52 -1.51 -9.35 12.20
CA SER A 52 -1.68 -9.40 13.64
C SER A 52 -1.37 -8.04 14.24
N VAL A 53 -1.05 -7.09 13.36
CA VAL A 53 -0.74 -5.72 13.77
C VAL A 53 -1.59 -4.74 12.98
N VAL A 54 -1.38 -4.70 11.68
CA VAL A 54 -2.09 -3.78 10.81
C VAL A 54 -3.07 -4.53 9.92
N THR A 55 -4.14 -3.87 9.51
CA THR A 55 -5.09 -4.47 8.59
C THR A 55 -4.88 -3.91 7.19
N LEU A 56 -5.45 -4.58 6.19
CA LEU A 56 -5.35 -4.11 4.82
C LEU A 56 -6.14 -2.82 4.66
N LYS A 57 -7.29 -2.76 5.31
CA LYS A 57 -8.20 -1.63 5.19
C LYS A 57 -7.56 -0.36 5.75
N ASP A 58 -6.81 -0.49 6.84
CA ASP A 58 -6.14 0.67 7.43
C ASP A 58 -5.18 1.29 6.43
N ILE A 59 -4.44 0.45 5.72
CA ILE A 59 -3.51 0.90 4.71
C ILE A 59 -4.27 1.53 3.54
N VAL A 60 -5.31 0.84 3.08
CA VAL A 60 -6.15 1.36 2.00
C VAL A 60 -6.70 2.74 2.38
N ALA A 61 -7.18 2.86 3.61
CA ALA A 61 -7.71 4.12 4.11
C ALA A 61 -6.67 5.23 4.02
N VAL A 62 -5.44 4.93 4.42
CA VAL A 62 -4.36 5.89 4.35
C VAL A 62 -4.05 6.27 2.91
N ILE A 63 -4.06 5.28 2.03
CA ILE A 63 -3.81 5.51 0.61
C ILE A 63 -4.88 6.42 0.01
N GLU A 64 -6.14 6.12 0.33
CA GLU A 64 -7.24 6.92 -0.17
C GLU A 64 -7.20 8.33 0.40
N ASP A 65 -6.67 8.43 1.62
CA ASP A 65 -6.53 9.71 2.30
C ASP A 65 -5.58 10.64 1.56
N GLN A 66 -4.72 10.06 0.73
CA GLN A 66 -3.78 10.84 -0.07
C GLN A 66 -4.47 11.38 -1.32
N GLY A 67 -5.70 10.93 -1.54
CA GLY A 67 -6.43 11.33 -2.73
C GLY A 67 -6.38 10.26 -3.81
N TYR A 68 -6.31 9.01 -3.38
CA TYR A 68 -6.27 7.88 -4.31
C TYR A 68 -7.46 6.99 -4.09
N ASP A 69 -7.85 6.26 -5.13
CA ASP A 69 -8.99 5.35 -5.05
C ASP A 69 -8.51 3.92 -5.13
N VAL A 70 -8.76 3.18 -4.06
CA VAL A 70 -8.29 1.81 -3.97
C VAL A 70 -9.42 0.91 -3.45
N GLN A 71 -9.77 -0.10 -4.25
CA GLN A 71 -10.80 -1.08 -3.92
C GLN A 71 -12.15 -0.39 -3.74
N SER A 1 5.96 -8.97 12.39
CA SER A 1 6.22 -9.94 11.31
C SER A 1 5.68 -11.32 11.67
N ASN A 2 4.51 -11.35 12.29
CA ASN A 2 3.90 -12.60 12.73
C ASN A 2 3.17 -13.29 11.58
N ALA A 3 2.13 -12.65 11.07
CA ALA A 3 1.33 -13.22 9.99
C ALA A 3 1.53 -12.42 8.70
N MET A 4 2.24 -13.03 7.76
CA MET A 4 2.61 -12.34 6.53
C MET A 4 1.51 -12.44 5.49
N GLU A 5 0.79 -11.36 5.30
CA GLU A 5 -0.24 -11.30 4.28
C GLU A 5 0.27 -10.55 3.06
N GLN A 6 0.52 -11.27 1.99
CA GLN A 6 0.94 -10.65 0.74
C GLN A 6 -0.26 -10.42 -0.15
N LEU A 7 -0.58 -9.15 -0.36
CA LEU A 7 -1.74 -8.78 -1.16
C LEU A 7 -1.31 -7.86 -2.30
N THR A 8 -1.91 -8.07 -3.46
CA THR A 8 -1.68 -7.21 -4.60
C THR A 8 -2.83 -6.21 -4.75
N LEU A 9 -2.59 -4.97 -4.36
CA LEU A 9 -3.59 -3.94 -4.46
C LEU A 9 -3.46 -3.24 -5.80
N GLN A 10 -4.45 -2.44 -6.15
CA GLN A 10 -4.40 -1.66 -7.37
C GLN A 10 -4.43 -0.18 -7.05
N VAL A 11 -3.73 0.61 -7.84
CA VAL A 11 -3.62 2.04 -7.57
C VAL A 11 -4.46 2.84 -8.54
N GLU A 12 -5.54 3.42 -8.05
CA GLU A 12 -6.39 4.25 -8.88
C GLU A 12 -6.03 5.72 -8.69
N GLY A 13 -5.42 6.30 -9.70
CA GLY A 13 -5.03 7.69 -9.65
C GLY A 13 -3.64 7.92 -10.22
N MET A 14 -2.65 8.02 -9.34
CA MET A 14 -1.26 8.22 -9.72
C MET A 14 -1.04 9.54 -10.47
N SER A 15 0.19 9.73 -10.92
CA SER A 15 0.55 10.89 -11.71
C SER A 15 1.71 10.54 -12.64
N CYS A 16 2.91 10.42 -12.08
CA CYS A 16 4.08 10.04 -12.86
C CYS A 16 5.12 9.33 -12.01
N GLY A 17 5.83 10.07 -11.16
CA GLY A 17 6.90 9.48 -10.38
C GLY A 17 6.77 9.76 -8.89
N HIS A 18 6.48 11.00 -8.54
CA HIS A 18 6.31 11.39 -7.13
C HIS A 18 5.26 10.51 -6.45
N CYS A 19 4.22 10.16 -7.20
CA CYS A 19 3.16 9.32 -6.69
C CYS A 19 3.69 7.95 -6.25
N VAL A 20 4.76 7.51 -6.89
CA VAL A 20 5.36 6.21 -6.60
C VAL A 20 5.87 6.16 -5.16
N ASN A 21 6.69 7.13 -4.78
CA ASN A 21 7.21 7.20 -3.42
C ASN A 21 6.08 7.47 -2.44
N ALA A 22 5.13 8.31 -2.85
CA ALA A 22 4.01 8.67 -2.00
C ALA A 22 3.22 7.43 -1.57
N ILE A 23 2.76 6.65 -2.54
CA ILE A 23 1.97 5.45 -2.24
C ILE A 23 2.82 4.41 -1.50
N GLU A 24 4.10 4.35 -1.87
CA GLU A 24 5.03 3.45 -1.20
C GLU A 24 5.01 3.69 0.31
N SER A 25 5.25 4.93 0.71
CA SER A 25 5.24 5.25 2.13
C SER A 25 3.82 5.22 2.68
N SER A 26 2.83 5.52 1.84
CA SER A 26 1.45 5.52 2.26
C SER A 26 1.10 4.18 2.91
N VAL A 27 1.64 3.11 2.35
CA VAL A 27 1.52 1.79 2.96
C VAL A 27 2.62 1.58 4.01
N LYS A 28 3.85 1.89 3.63
CA LYS A 28 5.04 1.59 4.43
C LYS A 28 5.04 2.29 5.79
N GLU A 29 4.43 3.46 5.87
CA GLU A 29 4.35 4.23 7.12
C GLU A 29 3.48 3.52 8.14
N LEU A 30 2.65 2.62 7.64
CA LEU A 30 1.76 1.83 8.49
C LEU A 30 2.56 0.83 9.33
N ASN A 31 2.33 0.86 10.64
CA ASN A 31 3.01 -0.05 11.56
C ASN A 31 2.54 -1.48 11.33
N GLY A 32 3.44 -2.33 10.86
CA GLY A 32 3.10 -3.71 10.59
C GLY A 32 3.41 -4.12 9.17
N VAL A 33 3.73 -3.14 8.34
CA VAL A 33 4.01 -3.41 6.93
C VAL A 33 5.49 -3.76 6.72
N GLU A 34 5.71 -4.88 6.06
CA GLU A 34 7.06 -5.38 5.79
C GLU A 34 7.68 -4.64 4.61
N GLN A 35 7.11 -4.85 3.44
CA GLN A 35 7.63 -4.26 2.21
C GLN A 35 6.50 -3.74 1.35
N VAL A 36 6.80 -2.73 0.55
CA VAL A 36 5.83 -2.15 -0.37
C VAL A 36 6.44 -1.98 -1.74
N LYS A 37 5.89 -2.66 -2.74
CA LYS A 37 6.35 -2.49 -4.10
C LYS A 37 5.22 -1.96 -4.98
N VAL A 38 5.22 -0.67 -5.23
CA VAL A 38 4.27 -0.08 -6.13
C VAL A 38 4.74 -0.20 -7.57
N GLN A 39 3.96 -0.89 -8.36
CA GLN A 39 4.29 -1.10 -9.75
C GLN A 39 3.73 0.04 -10.58
N LEU A 40 4.59 0.91 -11.07
CA LEU A 40 4.16 2.08 -11.83
C LEU A 40 3.75 1.66 -13.24
N ALA A 41 4.36 0.59 -13.72
CA ALA A 41 4.07 0.09 -15.07
C ALA A 41 2.75 -0.67 -15.09
N GLU A 42 2.46 -1.37 -14.00
CA GLU A 42 1.22 -2.14 -13.90
C GLU A 42 0.11 -1.30 -13.30
N GLY A 43 0.46 -0.38 -12.40
CA GLY A 43 -0.54 0.42 -11.72
C GLY A 43 -1.07 -0.28 -10.48
N THR A 44 -0.21 -1.05 -9.84
CA THR A 44 -0.62 -1.86 -8.70
C THR A 44 0.35 -1.72 -7.53
N VAL A 45 0.04 -2.38 -6.43
CA VAL A 45 0.86 -2.32 -5.23
C VAL A 45 0.98 -3.69 -4.58
N GLU A 46 2.14 -4.30 -4.69
CA GLU A 46 2.40 -5.59 -4.09
C GLU A 46 2.98 -5.37 -2.68
N VAL A 47 2.17 -5.66 -1.68
CA VAL A 47 2.55 -5.36 -0.30
C VAL A 47 2.50 -6.61 0.58
N THR A 48 3.48 -6.73 1.47
CA THR A 48 3.47 -7.76 2.50
C THR A 48 3.22 -7.12 3.86
N ILE A 49 2.10 -7.45 4.48
CA ILE A 49 1.76 -6.87 5.77
C ILE A 49 1.73 -7.91 6.87
N ASP A 50 1.81 -7.46 8.10
CA ASP A 50 1.57 -8.31 9.25
C ASP A 50 0.16 -8.05 9.76
N SER A 51 -0.74 -8.97 9.48
CA SER A 51 -2.13 -8.79 9.86
C SER A 51 -2.35 -9.09 11.34
N SER A 52 -1.28 -9.42 12.04
CA SER A 52 -1.32 -9.56 13.49
C SER A 52 -1.02 -8.22 14.14
N VAL A 53 -0.74 -7.22 13.32
CA VAL A 53 -0.43 -5.88 13.79
C VAL A 53 -1.28 -4.84 13.10
N VAL A 54 -1.20 -4.80 11.77
CA VAL A 54 -1.96 -3.85 10.99
C VAL A 54 -2.98 -4.57 10.10
N THR A 55 -4.13 -3.96 9.88
CA THR A 55 -5.12 -4.55 9.00
C THR A 55 -5.19 -3.77 7.69
N LEU A 56 -5.82 -4.36 6.68
CA LEU A 56 -5.86 -3.77 5.36
C LEU A 56 -6.57 -2.41 5.38
N LYS A 57 -7.65 -2.31 6.15
CA LYS A 57 -8.46 -1.10 6.18
C LYS A 57 -7.65 0.09 6.69
N ASP A 58 -6.76 -0.15 7.65
CA ASP A 58 -5.88 0.91 8.16
C ASP A 58 -5.10 1.52 7.01
N ILE A 59 -4.46 0.63 6.26
CA ILE A 59 -3.64 1.03 5.13
C ILE A 59 -4.49 1.70 4.06
N VAL A 60 -5.61 1.09 3.72
CA VAL A 60 -6.53 1.65 2.73
C VAL A 60 -6.96 3.06 3.13
N ALA A 61 -7.29 3.24 4.40
CA ALA A 61 -7.70 4.54 4.91
C ALA A 61 -6.62 5.59 4.69
N VAL A 62 -5.37 5.20 4.90
CA VAL A 62 -4.25 6.11 4.68
C VAL A 62 -4.00 6.31 3.18
N ILE A 63 -4.10 5.23 2.41
CA ILE A 63 -3.86 5.29 0.97
C ILE A 63 -4.83 6.22 0.27
N GLU A 64 -6.12 6.06 0.56
CA GLU A 64 -7.14 6.87 -0.09
C GLU A 64 -7.02 8.33 0.33
N ASP A 65 -6.46 8.53 1.51
CA ASP A 65 -6.21 9.88 2.02
C ASP A 65 -5.14 10.57 1.18
N GLN A 66 -4.30 9.77 0.53
CA GLN A 66 -3.24 10.28 -0.34
C GLN A 66 -3.78 10.58 -1.72
N GLY A 67 -5.04 10.24 -1.95
CA GLY A 67 -5.67 10.52 -3.24
C GLY A 67 -5.68 9.33 -4.16
N TYR A 68 -5.98 8.16 -3.63
CA TYR A 68 -6.07 6.95 -4.43
C TYR A 68 -7.29 6.15 -4.02
N ASP A 69 -7.99 5.59 -4.98
CA ASP A 69 -9.17 4.78 -4.70
C ASP A 69 -8.81 3.31 -4.76
N VAL A 70 -8.49 2.74 -3.61
CA VAL A 70 -7.99 1.37 -3.56
C VAL A 70 -8.99 0.42 -2.92
N GLN A 71 -8.99 -0.81 -3.42
CA GLN A 71 -9.86 -1.87 -2.94
C GLN A 71 -11.32 -1.46 -3.01
N SER A 1 0.37 -14.59 17.01
CA SER A 1 0.91 -13.28 17.45
C SER A 1 1.12 -12.37 16.25
N ASN A 2 1.61 -12.93 15.16
CA ASN A 2 1.82 -12.18 13.93
C ASN A 2 1.60 -13.09 12.73
N ALA A 3 1.26 -12.49 11.59
CA ALA A 3 1.01 -13.26 10.38
C ALA A 3 1.21 -12.38 9.15
N MET A 4 2.28 -12.64 8.41
CA MET A 4 2.60 -11.85 7.23
C MET A 4 1.83 -12.34 6.02
N GLU A 5 1.27 -11.40 5.26
CA GLU A 5 0.49 -11.72 4.08
C GLU A 5 0.95 -10.90 2.89
N GLN A 6 0.85 -11.51 1.70
CA GLN A 6 1.15 -10.82 0.46
C GLN A 6 -0.13 -10.36 -0.21
N LEU A 7 -0.31 -9.05 -0.32
CA LEU A 7 -1.50 -8.49 -0.94
C LEU A 7 -1.12 -7.57 -2.09
N THR A 8 -2.04 -7.36 -3.02
CA THR A 8 -1.79 -6.48 -4.15
C THR A 8 -2.89 -5.44 -4.28
N LEU A 9 -2.58 -4.21 -3.89
CA LEU A 9 -3.54 -3.11 -3.96
C LEU A 9 -3.60 -2.53 -5.36
N GLN A 10 -4.78 -2.14 -5.80
CA GLN A 10 -4.91 -1.46 -7.08
C GLN A 10 -4.91 0.04 -6.88
N VAL A 11 -4.12 0.74 -7.69
CA VAL A 11 -3.93 2.16 -7.50
C VAL A 11 -4.47 2.96 -8.68
N GLU A 12 -5.65 3.53 -8.50
CA GLU A 12 -6.22 4.41 -9.50
C GLU A 12 -5.83 5.85 -9.19
N GLY A 13 -5.14 6.47 -10.14
CA GLY A 13 -4.67 7.83 -9.94
C GLY A 13 -3.17 7.90 -9.77
N MET A 14 -2.45 7.33 -10.72
CA MET A 14 -0.99 7.32 -10.66
C MET A 14 -0.38 8.43 -11.51
N SER A 15 -0.20 8.15 -12.79
CA SER A 15 0.40 9.08 -13.74
C SER A 15 1.88 9.32 -13.44
N CYS A 16 2.16 10.10 -12.41
CA CYS A 16 3.51 10.53 -12.11
C CYS A 16 4.20 9.57 -11.13
N GLY A 17 5.52 9.51 -11.22
CA GLY A 17 6.30 8.63 -10.36
C GLY A 17 6.35 9.09 -8.92
N HIS A 18 6.11 10.37 -8.70
CA HIS A 18 6.08 10.91 -7.34
C HIS A 18 4.92 10.29 -6.56
N CYS A 19 3.83 10.00 -7.26
CA CYS A 19 2.68 9.32 -6.66
C CYS A 19 3.11 7.95 -6.13
N VAL A 20 3.92 7.28 -6.95
CA VAL A 20 4.49 5.98 -6.60
C VAL A 20 5.24 6.05 -5.26
N ASN A 21 6.14 7.02 -5.14
CA ASN A 21 6.94 7.18 -3.92
C ASN A 21 6.05 7.49 -2.72
N ALA A 22 5.06 8.35 -2.95
CA ALA A 22 4.14 8.75 -1.89
C ALA A 22 3.41 7.54 -1.33
N ILE A 23 2.71 6.80 -2.20
CA ILE A 23 1.91 5.67 -1.76
C ILE A 23 2.79 4.57 -1.16
N GLU A 24 4.00 4.42 -1.71
CA GLU A 24 4.95 3.45 -1.18
C GLU A 24 5.19 3.70 0.30
N SER A 25 5.55 4.94 0.64
CA SER A 25 5.79 5.27 2.03
C SER A 25 4.49 5.33 2.82
N SER A 26 3.40 5.71 2.15
CA SER A 26 2.10 5.75 2.83
C SER A 26 1.78 4.38 3.42
N VAL A 27 2.26 3.32 2.76
CA VAL A 27 2.18 1.98 3.31
C VAL A 27 3.33 1.73 4.29
N LYS A 28 4.55 1.97 3.83
CA LYS A 28 5.76 1.66 4.59
C LYS A 28 5.81 2.37 5.96
N GLU A 29 5.38 3.63 5.99
CA GLU A 29 5.45 4.43 7.21
C GLU A 29 4.50 3.90 8.27
N LEU A 30 3.55 3.08 7.85
CA LEU A 30 2.60 2.49 8.78
C LEU A 30 3.26 1.38 9.59
N ASN A 31 2.60 0.98 10.67
CA ASN A 31 3.12 -0.08 11.53
C ASN A 31 2.50 -1.42 11.14
N GLY A 32 3.33 -2.45 11.12
CA GLY A 32 2.86 -3.76 10.71
C GLY A 32 3.12 -4.02 9.25
N VAL A 33 3.88 -3.12 8.64
CA VAL A 33 4.22 -3.24 7.24
C VAL A 33 5.67 -3.66 7.11
N GLU A 34 5.88 -4.70 6.34
CA GLU A 34 7.20 -5.26 6.14
C GLU A 34 7.81 -4.71 4.85
N GLN A 35 7.13 -4.94 3.75
CA GLN A 35 7.62 -4.48 2.45
C GLN A 35 6.49 -3.90 1.62
N VAL A 36 6.83 -3.03 0.69
CA VAL A 36 5.86 -2.41 -0.20
C VAL A 36 6.46 -2.14 -1.56
N LYS A 37 6.06 -2.92 -2.56
CA LYS A 37 6.57 -2.76 -3.91
C LYS A 37 5.48 -2.19 -4.82
N VAL A 38 5.49 -0.88 -4.97
CA VAL A 38 4.51 -0.20 -5.81
C VAL A 38 4.97 -0.17 -7.27
N GLN A 39 4.11 -0.63 -8.16
CA GLN A 39 4.44 -0.71 -9.58
C GLN A 39 3.54 0.20 -10.39
N LEU A 40 4.14 1.22 -10.99
CA LEU A 40 3.39 2.22 -11.75
C LEU A 40 2.75 1.58 -12.98
N ALA A 41 3.53 0.81 -13.71
CA ALA A 41 3.08 0.17 -14.95
C ALA A 41 1.94 -0.81 -14.69
N GLU A 42 1.96 -1.46 -13.53
CA GLU A 42 0.94 -2.44 -13.20
C GLU A 42 -0.34 -1.77 -12.73
N GLY A 43 -0.21 -0.62 -12.09
CA GLY A 43 -1.37 0.01 -11.47
C GLY A 43 -1.70 -0.64 -10.15
N THR A 44 -0.70 -1.29 -9.57
CA THR A 44 -0.89 -2.03 -8.33
C THR A 44 0.31 -1.90 -7.41
N VAL A 45 0.13 -2.29 -6.16
CA VAL A 45 1.21 -2.31 -5.19
C VAL A 45 1.26 -3.67 -4.50
N GLU A 46 2.37 -4.36 -4.65
CA GLU A 46 2.57 -5.64 -3.98
C GLU A 46 3.10 -5.40 -2.57
N VAL A 47 2.23 -5.56 -1.59
CA VAL A 47 2.56 -5.22 -0.22
C VAL A 47 2.72 -6.47 0.64
N THR A 48 3.71 -6.43 1.51
CA THR A 48 3.90 -7.47 2.50
C THR A 48 3.58 -6.92 3.88
N ILE A 49 2.41 -7.26 4.41
CA ILE A 49 1.98 -6.74 5.70
C ILE A 49 1.86 -7.85 6.72
N ASP A 50 1.71 -7.47 7.97
CA ASP A 50 1.40 -8.42 9.01
C ASP A 50 -0.04 -8.19 9.45
N SER A 51 -0.92 -9.10 9.06
CA SER A 51 -2.35 -8.90 9.24
C SER A 51 -2.78 -9.11 10.69
N SER A 52 -1.84 -9.52 11.52
CA SER A 52 -2.11 -9.63 12.96
C SER A 52 -1.76 -8.31 13.65
N VAL A 53 -1.34 -7.34 12.84
CA VAL A 53 -0.99 -6.02 13.34
C VAL A 53 -1.79 -4.95 12.61
N VAL A 54 -1.53 -4.81 11.32
CA VAL A 54 -2.21 -3.80 10.52
C VAL A 54 -3.18 -4.49 9.56
N THR A 55 -4.35 -3.90 9.35
CA THR A 55 -5.33 -4.50 8.47
C THR A 55 -5.30 -3.82 7.10
N LEU A 56 -5.86 -4.50 6.11
CA LEU A 56 -5.96 -3.93 4.77
C LEU A 56 -6.78 -2.64 4.80
N LYS A 57 -7.74 -2.60 5.70
CA LYS A 57 -8.58 -1.41 5.85
C LYS A 57 -7.74 -0.24 6.30
N ASP A 58 -6.84 -0.47 7.27
CA ASP A 58 -5.95 0.58 7.77
C ASP A 58 -5.08 1.11 6.65
N ILE A 59 -4.53 0.17 5.87
CA ILE A 59 -3.72 0.52 4.71
C ILE A 59 -4.53 1.38 3.75
N VAL A 60 -5.67 0.86 3.32
CA VAL A 60 -6.56 1.57 2.41
C VAL A 60 -6.96 2.93 2.96
N ALA A 61 -7.25 2.99 4.26
CA ALA A 61 -7.64 4.24 4.91
C ALA A 61 -6.58 5.32 4.71
N VAL A 62 -5.31 4.94 4.86
CA VAL A 62 -4.21 5.87 4.68
C VAL A 62 -3.93 6.12 3.19
N ILE A 63 -3.80 5.04 2.43
CA ILE A 63 -3.43 5.11 1.03
C ILE A 63 -4.48 5.89 0.21
N GLU A 64 -5.76 5.60 0.41
CA GLU A 64 -6.81 6.30 -0.33
C GLU A 64 -6.90 7.75 0.11
N ASP A 65 -6.55 8.01 1.36
CA ASP A 65 -6.54 9.37 1.91
C ASP A 65 -5.56 10.24 1.13
N GLN A 66 -4.53 9.60 0.59
CA GLN A 66 -3.49 10.31 -0.17
C GLN A 66 -4.00 10.68 -1.56
N GLY A 67 -5.25 10.39 -1.84
CA GLY A 67 -5.83 10.74 -3.12
C GLY A 67 -5.74 9.62 -4.14
N TYR A 68 -5.78 8.39 -3.66
CA TYR A 68 -5.72 7.24 -4.55
C TYR A 68 -6.97 6.39 -4.40
N ASP A 69 -7.41 5.81 -5.50
CA ASP A 69 -8.57 4.92 -5.48
C ASP A 69 -8.09 3.47 -5.42
N VAL A 70 -8.30 2.84 -4.27
CA VAL A 70 -7.80 1.50 -4.04
C VAL A 70 -8.92 0.58 -3.57
N GLN A 71 -9.47 -0.19 -4.49
CA GLN A 71 -10.52 -1.14 -4.15
C GLN A 71 -9.99 -2.56 -4.25
N SER A 1 0.22 -15.53 16.40
CA SER A 1 1.07 -14.39 16.74
C SER A 1 1.83 -13.92 15.51
N ASN A 2 1.37 -12.81 14.94
CA ASN A 2 1.95 -12.24 13.71
C ASN A 2 1.61 -13.11 12.49
N ALA A 3 1.17 -12.46 11.43
CA ALA A 3 0.76 -13.16 10.21
C ALA A 3 1.05 -12.33 8.98
N MET A 4 1.86 -12.87 8.08
CA MET A 4 2.25 -12.16 6.87
C MET A 4 1.19 -12.31 5.79
N GLU A 5 0.61 -11.19 5.40
CA GLU A 5 -0.37 -11.14 4.34
C GLU A 5 0.18 -10.38 3.15
N GLN A 6 0.12 -10.99 1.98
CA GLN A 6 0.56 -10.33 0.77
C GLN A 6 -0.63 -10.07 -0.13
N LEU A 7 -0.72 -8.84 -0.62
CA LEU A 7 -1.88 -8.43 -1.39
C LEU A 7 -1.46 -7.58 -2.59
N THR A 8 -2.08 -7.82 -3.73
CA THR A 8 -1.88 -6.99 -4.90
C THR A 8 -3.11 -6.12 -5.15
N LEU A 9 -3.02 -4.85 -4.82
CA LEU A 9 -4.13 -3.93 -4.97
C LEU A 9 -4.01 -3.10 -6.23
N GLN A 10 -5.15 -2.80 -6.86
CA GLN A 10 -5.18 -1.99 -8.06
C GLN A 10 -5.23 -0.52 -7.68
N VAL A 11 -4.39 0.29 -8.31
CA VAL A 11 -4.22 1.68 -7.93
C VAL A 11 -4.61 2.64 -9.04
N GLU A 12 -5.56 3.51 -8.74
CA GLU A 12 -5.88 4.61 -9.63
C GLU A 12 -5.63 5.94 -8.93
N GLY A 13 -5.06 6.88 -9.66
CA GLY A 13 -4.73 8.17 -9.10
C GLY A 13 -3.30 8.56 -9.41
N MET A 14 -2.56 7.66 -10.04
CA MET A 14 -1.17 7.92 -10.42
C MET A 14 -1.12 9.06 -11.44
N SER A 15 -0.65 10.21 -10.99
CA SER A 15 -0.61 11.39 -11.84
C SER A 15 0.82 11.72 -12.28
N CYS A 16 1.77 11.49 -11.38
CA CYS A 16 3.17 11.79 -11.68
C CYS A 16 4.08 10.74 -11.03
N GLY A 17 5.39 10.93 -11.19
CA GLY A 17 6.34 10.00 -10.62
C GLY A 17 6.30 9.97 -9.11
N HIS A 18 6.07 11.13 -8.49
CA HIS A 18 6.03 11.22 -7.02
C HIS A 18 4.92 10.39 -6.43
N CYS A 19 3.91 10.06 -7.24
CA CYS A 19 2.78 9.26 -6.78
C CYS A 19 3.25 7.88 -6.31
N VAL A 20 4.27 7.34 -6.99
CA VAL A 20 4.79 6.02 -6.66
C VAL A 20 5.44 6.06 -5.26
N ASN A 21 6.19 7.11 -5.01
CA ASN A 21 6.88 7.28 -3.74
C ASN A 21 5.87 7.55 -2.62
N ALA A 22 4.91 8.41 -2.92
CA ALA A 22 3.90 8.79 -1.94
C ALA A 22 3.11 7.58 -1.45
N ILE A 23 2.58 6.79 -2.38
CA ILE A 23 1.77 5.63 -2.00
C ILE A 23 2.63 4.56 -1.33
N GLU A 24 3.88 4.43 -1.78
CA GLU A 24 4.81 3.50 -1.16
C GLU A 24 4.94 3.80 0.32
N SER A 25 5.16 5.07 0.66
CA SER A 25 5.27 5.45 2.06
C SER A 25 3.92 5.40 2.75
N SER A 26 2.84 5.66 2.00
CA SER A 26 1.51 5.56 2.57
C SER A 26 1.30 4.19 3.21
N VAL A 27 1.88 3.17 2.57
CA VAL A 27 1.90 1.84 3.15
C VAL A 27 3.06 1.69 4.13
N LYS A 28 4.27 1.96 3.65
CA LYS A 28 5.50 1.65 4.39
C LYS A 28 5.62 2.40 5.72
N GLU A 29 5.05 3.60 5.79
CA GLU A 29 5.15 4.40 7.01
C GLU A 29 4.28 3.83 8.11
N LEU A 30 3.39 2.95 7.74
CA LEU A 30 2.49 2.33 8.71
C LEU A 30 3.20 1.21 9.46
N ASN A 31 3.00 1.16 10.77
CA ASN A 31 3.60 0.13 11.61
C ASN A 31 2.93 -1.21 11.38
N GLY A 32 3.72 -2.19 10.97
CA GLY A 32 3.18 -3.50 10.67
C GLY A 32 3.33 -3.85 9.21
N VAL A 33 4.03 -3.01 8.47
CA VAL A 33 4.26 -3.23 7.06
C VAL A 33 5.68 -3.72 6.86
N GLU A 34 5.77 -4.95 6.41
CA GLU A 34 7.04 -5.61 6.25
C GLU A 34 7.69 -5.20 4.92
N GLN A 35 6.97 -5.41 3.83
CA GLN A 35 7.47 -5.06 2.51
C GLN A 35 6.35 -4.44 1.69
N VAL A 36 6.72 -3.66 0.68
CA VAL A 36 5.74 -3.03 -0.19
C VAL A 36 6.40 -2.52 -1.47
N LYS A 37 5.99 -3.06 -2.60
CA LYS A 37 6.49 -2.59 -3.88
C LYS A 37 5.34 -2.07 -4.74
N VAL A 38 5.35 -0.77 -4.97
CA VAL A 38 4.35 -0.15 -5.82
C VAL A 38 4.82 -0.13 -7.28
N GLN A 39 4.00 -0.68 -8.16
CA GLN A 39 4.34 -0.78 -9.56
C GLN A 39 3.66 0.35 -10.33
N LEU A 40 4.43 1.39 -10.62
CA LEU A 40 3.89 2.56 -11.33
C LEU A 40 3.45 2.15 -12.75
N ALA A 41 4.29 1.36 -13.41
CA ALA A 41 4.03 0.94 -14.77
C ALA A 41 2.79 0.04 -14.86
N GLU A 42 2.54 -0.74 -13.81
CA GLU A 42 1.42 -1.68 -13.83
C GLU A 42 0.16 -1.04 -13.28
N GLY A 43 0.32 -0.15 -12.31
CA GLY A 43 -0.82 0.45 -11.65
C GLY A 43 -1.32 -0.41 -10.52
N THR A 44 -0.42 -1.19 -9.95
CA THR A 44 -0.75 -2.08 -8.85
C THR A 44 0.33 -2.03 -7.77
N VAL A 45 -0.01 -2.50 -6.58
CA VAL A 45 0.96 -2.53 -5.49
C VAL A 45 0.91 -3.89 -4.78
N GLU A 46 2.06 -4.53 -4.65
CA GLU A 46 2.16 -5.77 -3.90
C GLU A 46 2.74 -5.50 -2.52
N VAL A 47 1.94 -5.72 -1.50
CA VAL A 47 2.33 -5.41 -0.14
C VAL A 47 2.44 -6.66 0.72
N THR A 48 3.43 -6.67 1.60
CA THR A 48 3.57 -7.72 2.61
C THR A 48 3.39 -7.11 3.99
N ILE A 49 2.24 -7.34 4.61
CA ILE A 49 1.95 -6.76 5.92
C ILE A 49 1.81 -7.84 6.96
N ASP A 50 1.83 -7.42 8.22
CA ASP A 50 1.52 -8.31 9.31
C ASP A 50 0.12 -7.99 9.80
N SER A 51 -0.84 -8.84 9.44
CA SER A 51 -2.24 -8.56 9.70
C SER A 51 -2.57 -8.71 11.19
N SER A 52 -1.62 -9.24 11.95
CA SER A 52 -1.79 -9.35 13.40
C SER A 52 -1.32 -8.06 14.07
N VAL A 53 -0.71 -7.19 13.28
CA VAL A 53 -0.24 -5.91 13.76
C VAL A 53 -1.04 -4.78 13.15
N VAL A 54 -0.93 -4.64 11.83
CA VAL A 54 -1.68 -3.61 11.12
C VAL A 54 -2.87 -4.25 10.40
N THR A 55 -3.97 -3.52 10.26
CA THR A 55 -5.12 -4.07 9.56
C THR A 55 -5.07 -3.73 8.08
N LEU A 56 -5.78 -4.49 7.27
CA LEU A 56 -5.88 -4.21 5.85
C LEU A 56 -6.53 -2.85 5.63
N LYS A 57 -7.49 -2.52 6.50
CA LYS A 57 -8.21 -1.26 6.41
C LYS A 57 -7.25 -0.09 6.62
N ASP A 58 -6.31 -0.24 7.56
CA ASP A 58 -5.31 0.81 7.80
C ASP A 58 -4.59 1.14 6.51
N ILE A 59 -4.12 0.10 5.83
CA ILE A 59 -3.42 0.22 4.57
C ILE A 59 -4.28 0.99 3.56
N VAL A 60 -5.48 0.47 3.32
CA VAL A 60 -6.38 1.06 2.35
C VAL A 60 -6.75 2.51 2.71
N ALA A 61 -7.11 2.72 3.97
CA ALA A 61 -7.54 4.04 4.44
C ALA A 61 -6.46 5.09 4.23
N VAL A 62 -5.24 4.80 4.65
CA VAL A 62 -4.15 5.76 4.54
C VAL A 62 -3.81 6.05 3.08
N ILE A 63 -3.75 5.00 2.26
CA ILE A 63 -3.46 5.18 0.83
C ILE A 63 -4.50 6.07 0.16
N GLU A 64 -5.77 5.76 0.37
CA GLU A 64 -6.84 6.50 -0.28
C GLU A 64 -7.02 7.88 0.35
N ASP A 65 -6.61 8.01 1.60
CA ASP A 65 -6.61 9.30 2.29
C ASP A 65 -5.69 10.28 1.58
N GLN A 66 -4.66 9.74 0.93
CA GLN A 66 -3.72 10.56 0.18
C GLN A 66 -4.33 11.02 -1.15
N GLY A 67 -5.42 10.40 -1.54
CA GLY A 67 -6.09 10.77 -2.78
C GLY A 67 -5.95 9.70 -3.85
N TYR A 68 -5.87 8.44 -3.43
CA TYR A 68 -5.80 7.33 -4.37
C TYR A 68 -7.05 6.47 -4.27
N ASP A 69 -7.31 5.71 -5.31
CA ASP A 69 -8.37 4.71 -5.30
C ASP A 69 -7.74 3.34 -5.47
N VAL A 70 -7.75 2.53 -4.43
CA VAL A 70 -7.08 1.25 -4.46
C VAL A 70 -8.01 0.11 -4.09
N GLN A 71 -8.06 -0.89 -4.95
CA GLN A 71 -8.88 -2.06 -4.74
C GLN A 71 -8.01 -3.27 -4.51
N SER A 1 2.75 -14.21 17.07
CA SER A 1 3.30 -12.83 17.13
C SER A 1 3.03 -12.08 15.84
N ASN A 2 3.27 -12.72 14.71
CA ASN A 2 3.08 -12.08 13.41
C ASN A 2 2.37 -13.00 12.44
N ALA A 3 1.83 -12.41 11.38
CA ALA A 3 1.17 -13.15 10.32
C ALA A 3 1.34 -12.39 9.00
N MET A 4 2.10 -12.96 8.09
CA MET A 4 2.48 -12.26 6.86
C MET A 4 1.40 -12.41 5.81
N GLU A 5 0.82 -11.28 5.41
CA GLU A 5 -0.16 -11.25 4.34
C GLU A 5 0.41 -10.51 3.13
N GLN A 6 0.72 -11.25 2.08
CA GLN A 6 1.24 -10.67 0.86
C GLN A 6 0.13 -10.56 -0.18
N LEU A 7 -0.38 -9.35 -0.35
CA LEU A 7 -1.53 -9.13 -1.22
C LEU A 7 -1.23 -8.09 -2.30
N THR A 8 -1.98 -8.15 -3.38
CA THR A 8 -1.87 -7.19 -4.46
C THR A 8 -3.11 -6.31 -4.51
N LEU A 9 -2.90 -5.00 -4.44
CA LEU A 9 -4.02 -4.06 -4.45
C LEU A 9 -3.94 -3.16 -5.68
N GLN A 10 -5.11 -2.82 -6.23
CA GLN A 10 -5.19 -1.96 -7.41
C GLN A 10 -5.17 -0.50 -6.99
N VAL A 11 -4.47 0.32 -7.77
CA VAL A 11 -4.33 1.73 -7.43
C VAL A 11 -4.73 2.61 -8.60
N GLU A 12 -5.78 3.38 -8.41
CA GLU A 12 -6.22 4.33 -9.43
C GLU A 12 -5.83 5.74 -9.02
N GLY A 13 -5.32 6.50 -9.98
CA GLY A 13 -5.01 7.90 -9.72
C GLY A 13 -3.55 8.23 -9.89
N MET A 14 -2.67 7.25 -9.74
CA MET A 14 -1.24 7.50 -9.84
C MET A 14 -0.73 7.28 -11.25
N SER A 15 0.13 8.19 -11.70
CA SER A 15 0.72 8.09 -13.03
C SER A 15 2.14 8.65 -13.06
N CYS A 16 2.62 9.13 -11.92
CA CYS A 16 3.94 9.76 -11.87
C CYS A 16 4.84 9.10 -10.83
N GLY A 17 6.12 9.46 -10.86
CA GLY A 17 7.09 8.89 -9.94
C GLY A 17 6.83 9.29 -8.50
N HIS A 18 6.47 10.55 -8.29
CA HIS A 18 6.12 11.03 -6.96
C HIS A 18 4.97 10.23 -6.37
N CYS A 19 4.07 9.78 -7.23
CA CYS A 19 2.94 8.98 -6.81
C CYS A 19 3.42 7.70 -6.12
N VAL A 20 4.39 7.03 -6.75
CA VAL A 20 4.96 5.80 -6.21
C VAL A 20 5.47 6.02 -4.79
N ASN A 21 6.33 7.01 -4.62
CA ASN A 21 6.95 7.29 -3.32
C ASN A 21 5.89 7.65 -2.29
N ALA A 22 4.86 8.38 -2.72
CA ALA A 22 3.79 8.80 -1.83
C ALA A 22 3.01 7.61 -1.30
N ILE A 23 2.62 6.69 -2.18
CA ILE A 23 1.83 5.54 -1.77
C ILE A 23 2.71 4.48 -1.10
N GLU A 24 3.94 4.33 -1.58
CA GLU A 24 4.90 3.40 -0.98
C GLU A 24 5.06 3.71 0.51
N SER A 25 5.32 4.97 0.83
CA SER A 25 5.44 5.37 2.21
C SER A 25 4.08 5.38 2.90
N SER A 26 3.02 5.66 2.14
CA SER A 26 1.68 5.63 2.71
C SER A 26 1.42 4.29 3.38
N VAL A 27 2.00 3.24 2.81
CA VAL A 27 1.96 1.92 3.43
C VAL A 27 3.06 1.78 4.49
N LYS A 28 4.30 2.09 4.12
CA LYS A 28 5.46 1.88 4.99
C LYS A 28 5.42 2.72 6.27
N GLU A 29 4.81 3.90 6.20
CA GLU A 29 4.67 4.76 7.37
C GLU A 29 3.91 4.06 8.48
N LEU A 30 3.02 3.16 8.07
CA LEU A 30 2.19 2.42 9.01
C LEU A 30 2.99 1.31 9.68
N ASN A 31 2.60 0.96 10.90
CA ASN A 31 3.26 -0.07 11.67
C ASN A 31 2.71 -1.44 11.35
N GLY A 32 3.59 -2.38 11.01
CA GLY A 32 3.18 -3.71 10.65
C GLY A 32 3.33 -3.95 9.17
N VAL A 33 4.02 -3.05 8.49
CA VAL A 33 4.23 -3.17 7.07
C VAL A 33 5.66 -3.58 6.74
N GLU A 34 5.79 -4.75 6.18
CA GLU A 34 7.10 -5.30 5.85
C GLU A 34 7.54 -4.85 4.46
N GLN A 35 6.82 -5.29 3.44
CA GLN A 35 7.20 -4.98 2.07
C GLN A 35 6.08 -4.26 1.34
N VAL A 36 6.45 -3.30 0.51
CA VAL A 36 5.49 -2.55 -0.28
C VAL A 36 6.11 -2.18 -1.63
N LYS A 37 5.72 -2.91 -2.66
CA LYS A 37 6.27 -2.69 -3.99
C LYS A 37 5.22 -2.08 -4.90
N VAL A 38 5.33 -0.76 -5.09
CA VAL A 38 4.40 -0.03 -5.93
C VAL A 38 4.81 -0.14 -7.40
N GLN A 39 3.97 -0.77 -8.20
CA GLN A 39 4.23 -0.89 -9.62
C GLN A 39 3.50 0.21 -10.37
N LEU A 40 4.23 1.26 -10.70
CA LEU A 40 3.67 2.40 -11.40
C LEU A 40 3.20 1.96 -12.79
N ALA A 41 4.00 1.10 -13.44
CA ALA A 41 3.71 0.66 -14.78
C ALA A 41 2.43 -0.16 -14.85
N GLU A 42 2.11 -0.85 -13.76
CA GLU A 42 0.94 -1.73 -13.74
C GLU A 42 -0.26 -1.04 -13.09
N GLY A 43 0.00 -0.09 -12.20
CA GLY A 43 -1.07 0.58 -11.50
C GLY A 43 -1.53 -0.23 -10.30
N THR A 44 -0.67 -1.11 -9.83
CA THR A 44 -0.98 -1.96 -8.71
C THR A 44 0.17 -1.99 -7.71
N VAL A 45 -0.09 -2.40 -6.49
CA VAL A 45 0.93 -2.50 -5.47
C VAL A 45 0.87 -3.85 -4.79
N GLU A 46 2.03 -4.49 -4.65
CA GLU A 46 2.11 -5.74 -3.90
C GLU A 46 2.67 -5.44 -2.51
N VAL A 47 1.88 -5.71 -1.49
CA VAL A 47 2.25 -5.39 -0.13
C VAL A 47 2.27 -6.63 0.75
N THR A 48 3.33 -6.77 1.53
CA THR A 48 3.43 -7.83 2.52
C THR A 48 3.35 -7.21 3.91
N ILE A 49 2.26 -7.47 4.61
CA ILE A 49 2.03 -6.87 5.92
C ILE A 49 2.02 -7.92 7.01
N ASP A 50 2.07 -7.43 8.24
CA ASP A 50 1.84 -8.25 9.40
C ASP A 50 0.42 -8.00 9.89
N SER A 51 -0.47 -8.93 9.57
CA SER A 51 -1.88 -8.75 9.86
C SER A 51 -2.17 -8.98 11.34
N SER A 52 -1.14 -9.29 12.11
CA SER A 52 -1.27 -9.40 13.55
C SER A 52 -1.14 -8.03 14.19
N VAL A 53 -0.74 -7.06 13.37
CA VAL A 53 -0.58 -5.69 13.84
C VAL A 53 -1.48 -4.75 13.05
N VAL A 54 -1.19 -4.58 11.77
CA VAL A 54 -1.94 -3.66 10.92
C VAL A 54 -2.95 -4.42 10.07
N THR A 55 -4.06 -3.79 9.73
CA THR A 55 -5.07 -4.41 8.89
C THR A 55 -4.90 -3.95 7.45
N LEU A 56 -5.53 -4.65 6.52
CA LEU A 56 -5.49 -4.25 5.12
C LEU A 56 -6.28 -2.97 4.91
N LYS A 57 -7.35 -2.80 5.71
CA LYS A 57 -8.19 -1.62 5.62
C LYS A 57 -7.39 -0.37 5.97
N ASP A 58 -6.54 -0.48 6.99
CA ASP A 58 -5.66 0.63 7.37
C ASP A 58 -4.84 1.08 6.17
N ILE A 59 -4.23 0.12 5.51
CA ILE A 59 -3.40 0.37 4.34
C ILE A 59 -4.19 1.15 3.28
N VAL A 60 -5.31 0.58 2.86
CA VAL A 60 -6.14 1.18 1.82
C VAL A 60 -6.63 2.57 2.24
N ALA A 61 -7.10 2.69 3.47
CA ALA A 61 -7.64 3.94 3.99
C ALA A 61 -6.61 5.07 3.90
N VAL A 62 -5.40 4.79 4.36
CA VAL A 62 -4.33 5.80 4.35
C VAL A 62 -3.91 6.12 2.92
N ILE A 63 -3.86 5.10 2.07
CA ILE A 63 -3.51 5.29 0.67
C ILE A 63 -4.49 6.24 -0.02
N GLU A 64 -5.78 6.00 0.17
CA GLU A 64 -6.80 6.82 -0.46
C GLU A 64 -6.78 8.24 0.11
N ASP A 65 -6.34 8.36 1.35
CA ASP A 65 -6.21 9.66 2.00
C ASP A 65 -5.15 10.52 1.30
N GLN A 66 -4.23 9.85 0.61
CA GLN A 66 -3.17 10.51 -0.12
C GLN A 66 -3.67 11.06 -1.45
N GLY A 67 -4.85 10.62 -1.87
CA GLY A 67 -5.40 11.04 -3.14
C GLY A 67 -5.40 9.93 -4.17
N TYR A 68 -5.66 8.71 -3.71
CA TYR A 68 -5.70 7.56 -4.60
C TYR A 68 -7.02 6.83 -4.46
N ASP A 69 -7.42 6.12 -5.51
CA ASP A 69 -8.64 5.32 -5.47
C ASP A 69 -8.29 3.85 -5.41
N VAL A 70 -8.52 3.24 -4.27
CA VAL A 70 -8.18 1.84 -4.06
C VAL A 70 -9.37 1.07 -3.52
N GLN A 71 -9.89 0.17 -4.34
CA GLN A 71 -11.05 -0.62 -3.96
C GLN A 71 -10.68 -2.09 -3.81
#